data_4IRE
#
_entry.id   4IRE
#
_cell.length_a   182.030
_cell.length_b   133.620
_cell.length_c   161.430
_cell.angle_alpha   90.000
_cell.angle_beta   102.570
_cell.angle_gamma   90.000
#
_symmetry.space_group_name_H-M   'C 1 2 1'
#
loop_
_entity.id
_entity.type
_entity.pdbx_description
1 polymer 'Proton-gated ion channel'
2 non-polymer 'tetradecyl 4-O-alpha-D-glucopyranosyl-beta-D-glucopyranoside'
3 non-polymer 1,2-DIACYL-SN-GLYCERO-3-PHOSPHOCHOLINE
4 non-polymer 'OXALATE ION'
5 non-polymer 'ACETATE ION'
6 water water
#
_entity_poly.entity_id   1
_entity_poly.type   'polypeptide(L)'
_entity_poly.pdbx_seq_one_letter_code
;GQDMVSPPPPIADEPLTVNTGIYLIECYSLDDKAETFKVNAFLSLSWKDRRLAFDPVRSGVRVKTYEPEAIWIPEIRFVN
VENARDADVVNISVSPDGTVQYLERFSARVLSPLDFRRYPFDSQTLHIYLIVRSVDTRNIVLAVDLEKVGKNDDVFLTGW
DIESFTAVVKPANFALQNRLESKLDYQLRISRQYFSYIPNIILPMLFILFISWTAFWSTSYEANVTLVVSTLIAHIAFNI
LVETNLPKTPYMTYTGAIIFMIYLFYFVAVIEVTVQHYLKVESQPARAASITRASRIAFPVVFLLANIILAFLFFGF
;
_entity_poly.pdbx_strand_id   A,B,C,D,E
#
loop_
_chem_comp.id
_chem_comp.type
_chem_comp.name
_chem_comp.formula
ACT non-polymer 'ACETATE ION' 'C2 H3 O2 -1'
LMD non-polymer 'tetradecyl 4-O-alpha-D-glucopyranosyl-beta-D-glucopyranoside' 'C26 H50 O11'
OXL non-polymer 'OXALATE ION' 'C2 O4 -2'
PC1 non-polymer 1,2-DIACYL-SN-GLYCERO-3-PHOSPHOCHOLINE 'C44 H88 N O8 P'
#
# COMPACT_ATOMS: atom_id res chain seq x y z
N MET A 4 2.45 39.64 22.66
CA MET A 4 1.13 39.02 22.61
C MET A 4 0.91 38.28 21.29
N VAL A 5 -0.07 38.75 20.52
CA VAL A 5 -0.38 38.16 19.25
C VAL A 5 0.40 38.94 18.18
N SER A 6 1.19 39.89 18.68
CA SER A 6 2.06 40.73 17.89
C SER A 6 3.53 40.51 18.26
N PRO A 7 4.46 40.70 17.29
CA PRO A 7 5.93 40.51 17.41
C PRO A 7 6.65 41.62 18.16
N PRO A 8 7.73 41.29 18.89
CA PRO A 8 8.49 42.28 19.66
C PRO A 8 8.97 43.47 18.84
N PRO A 9 8.68 44.69 19.33
CA PRO A 9 9.10 45.93 18.65
C PRO A 9 10.58 46.09 18.82
N PRO A 10 11.28 46.41 17.71
CA PRO A 10 12.71 46.71 17.77
C PRO A 10 12.97 48.04 18.45
N ILE A 11 13.82 48.17 19.47
CA ILE A 11 14.21 49.55 19.66
C ILE A 11 15.61 49.48 19.09
N ALA A 12 15.68 49.84 17.80
CA ALA A 12 16.87 49.93 16.95
C ALA A 12 16.27 49.95 15.54
N ASP A 13 17.11 49.93 14.52
CA ASP A 13 16.63 49.74 13.14
C ASP A 13 16.60 48.24 12.72
N GLU A 14 16.84 47.34 13.68
CA GLU A 14 17.25 45.95 13.43
C GLU A 14 16.19 44.85 13.23
N PRO A 15 16.55 43.79 12.48
CA PRO A 15 15.66 42.64 12.30
C PRO A 15 15.62 41.76 13.54
N LEU A 16 14.60 40.92 13.65
CA LEU A 16 14.58 39.87 14.67
C LEU A 16 15.38 38.67 14.16
N THR A 17 16.38 38.24 14.92
CA THR A 17 17.11 37.04 14.53
C THR A 17 16.64 35.86 15.37
N VAL A 18 16.09 34.83 14.72
CA VAL A 18 15.73 33.60 15.42
C VAL A 18 16.84 32.58 15.30
N ASN A 19 17.23 31.99 16.42
CA ASN A 19 18.32 31.03 16.43
C ASN A 19 17.81 29.60 16.46
N THR A 20 18.09 28.89 15.37
CA THR A 20 17.52 27.56 15.13
C THR A 20 18.58 26.47 15.17
N GLY A 21 18.18 25.28 15.61
CA GLY A 21 18.99 24.10 15.42
C GLY A 21 18.17 22.83 15.41
N ILE A 22 18.69 21.81 14.71
CA ILE A 22 17.99 20.54 14.61
C ILE A 22 18.90 19.42 15.10
N TYR A 23 18.37 18.58 15.99
CA TYR A 23 19.13 17.47 16.50
C TYR A 23 18.37 16.21 16.21
N LEU A 24 18.92 15.37 15.32
CA LEU A 24 18.23 14.19 14.82
C LEU A 24 18.11 13.11 15.86
N ILE A 25 16.88 12.64 16.04
CA ILE A 25 16.60 11.55 16.97
C ILE A 25 16.42 10.28 16.17
N GLU A 26 15.41 10.26 15.30
CA GLU A 26 15.21 9.14 14.37
C GLU A 26 15.30 9.58 12.93
N CYS A 27 15.99 8.76 12.15
CA CYS A 27 16.05 8.94 10.71
C CYS A 27 15.68 7.62 10.08
N TYR A 28 14.83 7.63 9.06
CA TYR A 28 14.23 6.37 8.56
C TYR A 28 13.33 6.50 7.32
N SER A 29 12.97 5.34 6.73
CA SER A 29 12.16 5.29 5.50
C SER A 29 12.64 6.12 4.31
N LEU A 30 13.90 5.91 3.89
CA LEU A 30 14.34 6.51 2.65
C LEU A 30 13.73 5.74 1.49
N ASP A 31 12.99 6.43 0.64
CA ASP A 31 12.20 5.82 -0.41
C ASP A 31 12.70 6.33 -1.74
N ASP A 32 13.34 5.48 -2.52
CA ASP A 32 13.97 5.92 -3.75
C ASP A 32 12.99 6.33 -4.84
N LYS A 33 11.91 5.58 -4.98
CA LYS A 33 10.97 5.89 -6.07
C LYS A 33 10.30 7.23 -5.82
N ALA A 34 9.93 7.46 -4.56
CA ALA A 34 9.25 8.70 -4.13
C ALA A 34 10.21 9.87 -3.85
N GLU A 35 11.47 9.51 -3.61
CA GLU A 35 12.53 10.46 -3.28
C GLU A 35 12.25 11.23 -1.97
N THR A 36 11.85 10.50 -0.92
CA THR A 36 11.58 11.09 0.40
C THR A 36 12.22 10.31 1.55
N PHE A 37 12.35 10.96 2.71
CA PHE A 37 12.74 10.22 3.90
C PHE A 37 11.99 10.81 5.08
N LYS A 38 11.87 10.02 6.13
CA LYS A 38 11.16 10.49 7.29
C LYS A 38 12.17 10.76 8.40
N VAL A 39 11.90 11.78 9.21
CA VAL A 39 12.86 12.17 10.22
C VAL A 39 12.18 12.55 11.53
N ASN A 40 12.82 12.18 12.62
CA ASN A 40 12.37 12.65 13.90
CA ASN A 40 12.36 12.62 13.93
C ASN A 40 13.49 13.35 14.65
N ALA A 41 13.21 14.57 15.06
CA ALA A 41 14.22 15.47 15.58
C ALA A 41 13.66 16.46 16.59
N PHE A 42 14.57 17.09 17.32
CA PHE A 42 14.27 18.28 18.11
C PHE A 42 14.40 19.50 17.22
N LEU A 43 13.42 20.39 17.32
CA LEU A 43 13.62 21.74 16.79
C LEU A 43 13.90 22.66 17.97
N SER A 44 14.99 23.41 17.89
CA SER A 44 15.25 24.40 18.90
C SER A 44 15.13 25.78 18.28
N LEU A 45 14.35 26.63 18.93
CA LEU A 45 14.21 28.00 18.51
C LEU A 45 14.61 28.91 19.66
N SER A 46 15.35 29.97 19.35
CA SER A 46 15.71 30.98 20.34
C SER A 46 15.71 32.41 19.79
N TRP A 47 15.06 33.34 20.50
CA TRP A 47 14.98 34.74 20.08
C TRP A 47 14.75 35.68 21.27
N LYS A 48 14.96 36.99 21.03
CA LYS A 48 14.80 38.02 22.07
C LYS A 48 13.48 38.84 21.99
N ASP A 49 12.57 38.61 22.93
CA ASP A 49 11.37 39.45 23.07
C ASP A 49 11.44 40.18 24.40
N ARG A 50 11.68 41.50 24.35
CA ARG A 50 11.99 42.29 25.54
C ARG A 50 10.77 42.49 26.41
N ARG A 51 9.59 42.48 25.78
CA ARG A 51 8.32 42.58 26.50
C ARG A 51 8.15 41.56 27.64
N LEU A 52 8.87 40.45 27.55
CA LEU A 52 8.74 39.40 28.54
C LEU A 52 9.80 39.50 29.63
N ALA A 53 10.67 40.50 29.53
CA ALA A 53 11.83 40.62 30.43
C ALA A 53 11.46 40.88 31.90
N PHE A 54 12.35 40.47 32.80
CA PHE A 54 12.10 40.55 34.24
C PHE A 54 13.42 40.56 35.06
N ASP A 55 13.32 41.00 36.33
CA ASP A 55 14.48 41.05 37.24
C ASP A 55 14.69 39.75 38.00
N PRO A 56 15.87 39.13 37.84
CA PRO A 56 16.19 37.85 38.49
C PRO A 56 16.07 37.84 40.01
N VAL A 57 16.61 38.87 40.66
CA VAL A 57 16.64 38.92 42.13
C VAL A 57 15.31 39.38 42.78
N ARG A 58 14.63 40.34 42.16
CA ARG A 58 13.28 40.73 42.60
C ARG A 58 12.27 39.59 42.39
N SER A 59 12.32 38.97 41.21
CA SER A 59 11.40 37.89 40.85
C SER A 59 11.79 36.55 41.46
N GLY A 60 13.09 36.38 41.69
CA GLY A 60 13.58 35.26 42.49
C GLY A 60 13.77 33.96 41.75
N VAL A 61 13.14 33.81 40.58
CA VAL A 61 13.38 32.64 39.73
C VAL A 61 14.40 32.96 38.64
N ARG A 62 15.39 32.09 38.49
CA ARG A 62 16.40 32.27 37.46
C ARG A 62 15.74 32.33 36.08
N VAL A 63 14.69 31.53 35.88
CA VAL A 63 14.02 31.44 34.59
C VAL A 63 12.50 31.23 34.70
N LYS A 64 11.73 31.90 33.83
CA LYS A 64 10.27 31.77 33.76
C LYS A 64 9.75 30.87 32.62
N THR A 65 8.75 30.04 32.93
CA THR A 65 8.20 29.08 31.96
C THR A 65 6.80 29.42 31.45
N TYR A 66 6.63 29.46 30.13
CA TYR A 66 5.33 29.78 29.54
C TYR A 66 4.75 28.64 28.70
N GLU A 67 3.43 28.63 28.57
CA GLU A 67 2.76 27.76 27.61
C GLU A 67 2.66 28.55 26.30
N PRO A 68 2.65 27.84 25.15
CA PRO A 68 2.76 28.46 23.82
C PRO A 68 1.71 29.52 23.51
N GLU A 69 0.53 29.38 24.10
CA GLU A 69 -0.56 30.31 23.84
C GLU A 69 -0.31 31.66 24.52
N ALA A 70 0.45 31.65 25.61
CA ALA A 70 0.78 32.88 26.32
C ALA A 70 1.50 33.91 25.45
N ILE A 71 2.56 33.48 24.78
CA ILE A 71 3.44 34.42 24.09
C ILE A 71 3.51 34.20 22.59
N TRP A 72 3.91 35.24 21.90
CA TRP A 72 4.11 35.19 20.46
C TRP A 72 5.33 34.37 20.20
N ILE A 73 5.19 33.42 19.28
CA ILE A 73 6.26 32.54 18.81
C ILE A 73 6.31 32.69 17.29
N PRO A 74 7.52 32.71 16.71
CA PRO A 74 7.57 32.95 15.26
C PRO A 74 7.09 31.73 14.49
N GLU A 75 6.55 31.94 13.30
CA GLU A 75 6.09 30.79 12.54
C GLU A 75 7.20 30.28 11.64
N ILE A 76 7.73 29.13 12.04
CA ILE A 76 8.82 28.48 11.34
C ILE A 76 8.23 27.31 10.63
N ARG A 77 8.45 27.26 9.33
CA ARG A 77 7.93 26.20 8.51
C ARG A 77 9.08 25.47 7.84
N PHE A 78 8.84 24.22 7.46
CA PHE A 78 9.78 23.51 6.61
C PHE A 78 9.39 23.73 5.15
N VAL A 79 10.37 23.94 4.29
CA VAL A 79 10.04 24.14 2.89
C VAL A 79 9.68 22.85 2.15
N ASN A 80 10.51 21.81 2.26
CA ASN A 80 10.14 20.58 1.57
C ASN A 80 9.68 19.50 2.54
N VAL A 81 8.37 19.34 2.60
CA VAL A 81 7.73 18.35 3.47
C VAL A 81 6.44 18.02 2.76
N GLU A 82 5.99 16.76 2.84
CA GLU A 82 4.70 16.40 2.26
C GLU A 82 3.56 17.18 2.94
N ASN A 83 3.49 17.13 4.26
CA ASN A 83 2.57 17.99 4.96
C ASN A 83 3.25 18.84 6.02
N ALA A 84 2.48 19.63 6.75
CA ALA A 84 3.05 20.37 7.87
C ALA A 84 3.52 19.34 8.89
N ARG A 85 4.66 19.61 9.51
CA ARG A 85 5.26 18.67 10.47
C ARG A 85 4.32 18.43 11.63
N ASP A 86 4.40 17.22 12.19
CA ASP A 86 3.66 16.90 13.40
C ASP A 86 4.63 17.09 14.59
N ALA A 87 4.34 18.11 15.40
CA ALA A 87 5.24 18.59 16.47
C ALA A 87 4.60 18.74 17.85
N ASP A 88 5.36 18.42 18.91
CA ASP A 88 4.91 18.63 20.29
C ASP A 88 5.88 19.51 21.05
N VAL A 89 5.39 20.57 21.70
CA VAL A 89 6.32 21.48 22.36
C VAL A 89 6.79 20.86 23.67
N VAL A 90 8.09 20.65 23.74
CA VAL A 90 8.73 20.04 24.89
C VAL A 90 8.82 21.03 26.03
N ASN A 91 9.38 22.21 25.75
CA ASN A 91 9.56 23.26 26.75
C ASN A 91 9.65 24.70 26.21
N ILE A 92 9.15 25.66 26.97
CA ILE A 92 9.44 27.07 26.68
C ILE A 92 9.97 27.80 27.92
N SER A 93 11.04 28.57 27.75
CA SER A 93 11.72 29.21 28.87
C SER A 93 12.15 30.64 28.55
N VAL A 94 11.87 31.57 29.45
CA VAL A 94 12.35 32.94 29.28
C VAL A 94 13.39 33.24 30.35
N SER A 95 14.55 33.71 29.92
CA SER A 95 15.60 34.12 30.83
C SER A 95 15.39 35.63 31.03
N PRO A 96 15.88 36.19 32.16
CA PRO A 96 15.53 37.53 32.62
C PRO A 96 15.63 38.64 31.59
N ASP A 97 16.60 38.54 30.70
CA ASP A 97 16.83 39.65 29.79
C ASP A 97 15.82 39.68 28.64
N GLY A 98 14.96 38.67 28.58
CA GLY A 98 13.99 38.53 27.50
C GLY A 98 14.36 37.53 26.42
N THR A 99 15.34 36.66 26.70
CA THR A 99 15.71 35.58 25.80
C THR A 99 14.81 34.33 25.94
N VAL A 100 14.20 33.91 24.83
CA VAL A 100 13.36 32.70 24.85
C VAL A 100 14.11 31.44 24.36
N GLN A 101 13.92 30.33 25.07
CA GLN A 101 14.36 29.03 24.60
C GLN A 101 13.16 28.12 24.33
N TYR A 102 12.93 27.85 23.05
CA TYR A 102 11.85 27.00 22.57
C TYR A 102 12.44 25.68 22.13
N LEU A 103 11.80 24.59 22.54
CA LEU A 103 12.17 23.24 22.12
C LEU A 103 10.96 22.39 21.82
N GLU A 104 10.87 21.88 20.60
CA GLU A 104 9.80 20.95 20.22
C GLU A 104 10.43 19.66 19.71
N ARG A 105 9.65 18.60 19.66
CA ARG A 105 10.07 17.34 19.02
C ARG A 105 9.15 17.07 17.84
N PHE A 106 9.70 17.07 16.63
CA PHE A 106 8.85 16.95 15.46
C PHE A 106 9.14 15.72 14.65
N SER A 107 8.15 15.28 13.89
CA SER A 107 8.37 14.27 12.85
C SER A 107 7.74 14.72 11.54
N ALA A 108 8.56 14.93 10.52
CA ALA A 108 8.05 15.27 9.19
C ALA A 108 8.56 14.32 8.15
N ARG A 109 7.91 14.33 7.00
CA ARG A 109 8.40 13.56 5.86
C ARG A 109 8.91 14.49 4.77
N VAL A 110 10.23 14.47 4.60
CA VAL A 110 10.94 15.46 3.79
C VAL A 110 11.02 14.99 2.36
N LEU A 111 10.85 15.90 1.41
CA LEU A 111 11.02 15.51 0.02
C LEU A 111 12.31 16.12 -0.56
N SER A 112 13.33 15.27 -0.67
CA SER A 112 14.62 15.62 -1.23
C SER A 112 14.94 14.77 -2.46
N PRO A 113 15.10 15.39 -3.64
CA PRO A 113 15.41 14.69 -4.88
C PRO A 113 16.77 14.03 -4.79
N LEU A 114 16.99 12.95 -5.55
CA LEU A 114 18.21 12.15 -5.49
C LEU A 114 18.96 12.04 -6.82
N ASP A 115 20.24 11.69 -6.77
CA ASP A 115 21.02 11.50 -7.98
C ASP A 115 21.37 10.04 -8.18
N PHE A 116 20.78 9.40 -9.18
CA PHE A 116 20.95 7.96 -9.31
C PHE A 116 22.05 7.50 -10.27
N ARG A 117 22.75 8.45 -10.88
CA ARG A 117 23.75 8.16 -11.92
C ARG A 117 24.75 7.07 -11.55
N ARG A 118 25.27 7.09 -10.33
CA ARG A 118 26.23 6.09 -9.87
C ARG A 118 25.62 4.90 -9.15
N TYR A 119 24.30 4.80 -9.15
CA TYR A 119 23.60 3.70 -8.47
C TYR A 119 24.10 2.30 -8.84
N PRO A 120 24.17 1.39 -7.86
CA PRO A 120 24.03 1.79 -6.46
C PRO A 120 25.37 2.10 -5.82
N PHE A 121 26.23 2.85 -6.49
CA PHE A 121 27.48 3.28 -5.87
C PHE A 121 27.45 4.75 -5.40
N ASP A 122 26.29 5.37 -5.61
CA ASP A 122 26.07 6.79 -5.39
C ASP A 122 26.10 7.20 -3.94
N SER A 123 26.38 8.49 -3.71
CA SER A 123 26.20 9.14 -2.41
C SER A 123 25.24 10.31 -2.57
N GLN A 124 24.43 10.56 -1.56
CA GLN A 124 23.39 11.58 -1.62
C GLN A 124 23.51 12.60 -0.47
N THR A 125 23.12 13.84 -0.76
CA THR A 125 22.92 14.88 0.26
C THR A 125 21.44 15.30 0.39
N LEU A 126 20.85 14.95 1.51
CA LEU A 126 19.46 15.34 1.78
C LEU A 126 19.35 16.75 2.39
N HIS A 127 18.31 17.47 1.99
CA HIS A 127 18.12 18.85 2.44
C HIS A 127 16.86 19.06 3.26
N ILE A 128 17.04 19.61 4.45
CA ILE A 128 15.91 20.11 5.22
C ILE A 128 15.98 21.64 5.20
N TYR A 129 14.96 22.30 4.67
CA TYR A 129 14.93 23.76 4.62
C TYR A 129 13.99 24.37 5.65
N LEU A 130 14.55 25.18 6.54
CA LEU A 130 13.75 25.93 7.49
C LEU A 130 13.46 27.29 6.89
N ILE A 131 12.26 27.80 7.16
CA ILE A 131 11.91 29.09 6.62
C ILE A 131 11.07 29.91 7.62
N VAL A 132 11.14 31.24 7.48
CA VAL A 132 10.32 32.17 8.24
C VAL A 132 9.91 33.38 7.38
N ARG A 133 8.65 33.80 7.47
CA ARG A 133 8.18 34.92 6.64
C ARG A 133 8.07 36.17 7.50
N SER A 134 8.59 37.29 6.99
CA SER A 134 8.56 38.52 7.76
C SER A 134 7.16 39.10 7.79
N VAL A 135 6.83 39.76 8.90
CA VAL A 135 5.55 40.44 9.06
C VAL A 135 5.66 41.94 8.75
N ASP A 136 4.57 42.66 8.94
CA ASP A 136 4.52 44.08 8.63
C ASP A 136 5.23 44.96 9.65
N THR A 137 5.06 44.66 10.93
CA THR A 137 5.69 45.46 11.96
C THR A 137 7.21 45.19 12.06
N ARG A 138 7.69 44.10 11.45
CA ARG A 138 9.12 43.75 11.53
C ARG A 138 9.58 42.58 10.63
N ASN A 139 10.90 42.50 10.43
CA ASN A 139 11.54 41.50 9.60
C ASN A 139 12.24 40.43 10.40
N ILE A 140 12.07 39.17 9.97
CA ILE A 140 12.73 38.07 10.65
C ILE A 140 13.79 37.39 9.81
N VAL A 141 14.88 37.01 10.47
CA VAL A 141 16.04 36.43 9.82
C VAL A 141 16.54 35.23 10.65
N LEU A 142 16.76 34.11 9.97
CA LEU A 142 17.22 32.88 10.63
C LEU A 142 18.73 32.84 10.86
N ALA A 143 19.15 32.16 11.91
CA ALA A 143 20.58 31.90 12.14
C ALA A 143 20.76 30.63 12.98
N VAL A 144 21.93 29.99 12.84
CA VAL A 144 22.16 28.66 13.41
C VAL A 144 22.95 28.67 14.70
N ASP A 145 22.42 28.03 15.74
CA ASP A 145 23.20 27.83 16.95
C ASP A 145 23.74 26.40 16.90
N LEU A 146 25.04 26.31 16.64
CA LEU A 146 25.70 25.06 16.29
C LEU A 146 25.75 24.04 17.42
N GLU A 147 25.43 24.48 18.64
CA GLU A 147 25.40 23.55 19.76
C GLU A 147 24.02 22.92 19.91
N LYS A 148 23.06 23.49 19.18
CA LYS A 148 21.71 22.94 19.11
C LYS A 148 21.53 22.07 17.86
N VAL A 149 22.61 21.91 17.10
CA VAL A 149 22.64 21.12 15.88
C VAL A 149 23.50 19.88 16.05
N GLY A 150 22.91 18.73 15.76
CA GLY A 150 23.65 17.49 15.81
C GLY A 150 22.75 16.34 15.42
N LYS A 151 23.16 15.14 15.79
CA LYS A 151 22.32 13.96 15.62
C LYS A 151 22.76 12.98 16.69
N ASN A 152 21.85 12.12 17.13
CA ASN A 152 22.18 11.13 18.13
C ASN A 152 23.13 10.07 17.57
N ASP A 153 23.76 9.30 18.45
CA ASP A 153 24.64 8.23 18.00
C ASP A 153 23.94 6.90 17.68
N ASP A 154 22.64 6.82 17.96
CA ASP A 154 21.86 5.64 17.58
C ASP A 154 21.14 5.86 16.25
N VAL A 155 21.38 7.00 15.62
CA VAL A 155 20.67 7.30 14.39
C VAL A 155 21.21 6.42 13.26
N PHE A 156 20.32 5.67 12.62
CA PHE A 156 20.70 4.75 11.55
C PHE A 156 19.72 4.83 10.38
N LEU A 157 20.23 5.01 9.19
CA LEU A 157 19.36 5.04 8.04
C LEU A 157 19.48 3.71 7.32
N THR A 158 18.42 2.91 7.36
CA THR A 158 18.50 1.52 6.88
C THR A 158 18.96 1.36 5.45
N GLY A 159 20.01 0.56 5.26
CA GLY A 159 20.57 0.37 3.94
C GLY A 159 21.47 1.52 3.53
N TRP A 160 21.73 2.45 4.44
CA TRP A 160 22.64 3.54 4.17
C TRP A 160 23.61 3.81 5.31
N ASP A 161 24.71 4.46 4.98
CA ASP A 161 25.68 4.94 5.96
C ASP A 161 25.61 6.45 6.03
N ILE A 162 25.51 6.97 7.25
CA ILE A 162 25.40 8.40 7.48
C ILE A 162 26.78 9.03 7.69
N GLU A 163 27.20 9.85 6.73
CA GLU A 163 28.44 10.62 6.86
C GLU A 163 28.36 11.81 7.83
N SER A 164 27.40 12.72 7.61
CA SER A 164 27.34 13.94 8.41
C SER A 164 25.95 14.57 8.49
N PHE A 165 25.70 15.28 9.58
CA PHE A 165 24.55 16.16 9.65
C PHE A 165 25.07 17.52 10.08
N THR A 166 24.93 18.49 9.19
CA THR A 166 25.48 19.82 9.41
C THR A 166 24.50 20.86 8.88
N ALA A 167 24.71 22.11 9.27
CA ALA A 167 23.84 23.17 8.81
C ALA A 167 24.61 24.22 8.03
N VAL A 168 23.97 24.79 7.01
CA VAL A 168 24.55 25.92 6.28
C VAL A 168 24.17 27.21 6.99
N VAL A 169 25.18 27.93 7.47
CA VAL A 169 25.02 28.99 8.46
C VAL A 169 24.45 30.31 7.94
N LYS A 170 24.85 30.72 6.73
CA LYS A 170 24.24 31.92 6.16
C LYS A 170 22.90 31.61 5.49
N PRO A 171 21.81 32.16 6.02
CA PRO A 171 20.52 31.95 5.37
C PRO A 171 20.43 32.67 4.06
N ALA A 172 19.76 32.08 3.09
CA ALA A 172 19.57 32.74 1.83
C ALA A 172 18.26 33.51 1.89
N ASN A 173 18.35 34.83 1.93
CA ASN A 173 17.20 35.70 2.05
C ASN A 173 16.78 36.27 0.71
N PHE A 174 15.47 36.34 0.50
CA PHE A 174 14.91 36.68 -0.80
C PHE A 174 13.50 37.20 -0.59
N ALA A 175 12.85 37.65 -1.66
CA ALA A 175 11.57 38.33 -1.53
C ALA A 175 10.44 37.69 -2.32
N LEU A 176 9.38 37.31 -1.63
CA LEU A 176 8.19 36.75 -2.27
C LEU A 176 6.90 37.43 -1.78
N GLN A 177 6.19 38.04 -2.73
CA GLN A 177 4.95 38.77 -2.46
C GLN A 177 5.16 39.90 -1.44
N ASN A 178 6.14 40.74 -1.74
CA ASN A 178 6.40 41.95 -0.95
C ASN A 178 6.92 41.69 0.46
N ARG A 179 6.91 40.43 0.88
CA ARG A 179 7.51 40.13 2.17
C ARG A 179 8.88 39.50 2.03
N LEU A 180 9.51 39.25 3.17
CA LEU A 180 10.89 38.82 3.19
C LEU A 180 10.93 37.38 3.70
N GLU A 181 11.67 36.53 3.00
CA GLU A 181 11.77 35.15 3.45
C GLU A 181 13.21 34.79 3.76
N SER A 182 13.43 34.18 4.93
CA SER A 182 14.75 33.74 5.37
C SER A 182 14.81 32.23 5.36
N LYS A 183 15.67 31.65 4.52
CA LYS A 183 15.71 30.20 4.34
C LYS A 183 17.03 29.57 4.81
N LEU A 184 16.94 28.55 5.65
CA LEU A 184 18.13 27.86 6.14
C LEU A 184 18.19 26.43 5.61
N ASP A 185 19.40 25.92 5.36
CA ASP A 185 19.59 24.61 4.75
C ASP A 185 20.34 23.62 5.64
N TYR A 186 19.65 22.58 6.12
CA TYR A 186 20.33 21.51 6.86
C TYR A 186 20.61 20.32 5.94
N GLN A 187 21.82 19.80 6.00
CA GLN A 187 22.25 18.79 5.04
C GLN A 187 22.63 17.49 5.71
N LEU A 188 21.94 16.42 5.32
CA LEU A 188 22.32 15.07 5.72
C LEU A 188 23.13 14.43 4.61
N ARG A 189 24.31 13.92 4.95
CA ARG A 189 25.17 13.34 3.94
C ARG A 189 25.34 11.86 4.14
N ILE A 190 24.95 11.11 3.11
CA ILE A 190 24.91 9.66 3.18
C ILE A 190 25.48 9.00 1.94
N SER A 191 26.01 7.80 2.15
CA SER A 191 26.52 6.97 1.07
C SER A 191 25.76 5.66 1.14
N ARG A 192 25.32 5.16 -0.02
CA ARG A 192 24.53 3.94 -0.09
C ARG A 192 25.38 2.73 0.23
N GLN A 193 24.78 1.74 0.87
CA GLN A 193 25.49 0.51 1.16
C GLN A 193 25.23 -0.49 0.05
N TYR A 194 26.26 -0.72 -0.77
CA TYR A 194 26.15 -1.38 -2.07
C TYR A 194 26.37 -2.89 -2.02
N PHE A 195 26.82 -3.39 -0.88
CA PHE A 195 27.19 -4.79 -0.74
C PHE A 195 26.13 -5.76 -1.24
N SER A 196 24.90 -5.64 -0.74
CA SER A 196 23.85 -6.59 -1.08
C SER A 196 23.61 -6.71 -2.59
N TYR A 197 23.82 -5.62 -3.33
CA TYR A 197 23.57 -5.62 -4.76
C TYR A 197 24.46 -6.62 -5.50
N ILE A 198 25.63 -6.85 -4.93
CA ILE A 198 26.62 -7.78 -5.47
C ILE A 198 26.18 -9.26 -5.51
N PRO A 199 25.85 -9.86 -4.34
CA PRO A 199 25.32 -11.23 -4.48
C PRO A 199 23.89 -11.31 -5.04
N ASN A 200 23.12 -10.26 -4.85
CA ASN A 200 21.71 -10.31 -5.22
C ASN A 200 21.40 -10.04 -6.67
N ILE A 201 22.19 -9.17 -7.28
CA ILE A 201 21.90 -8.74 -8.65
C ILE A 201 23.09 -8.91 -9.59
N ILE A 202 24.17 -8.18 -9.29
CA ILE A 202 25.34 -8.07 -10.16
C ILE A 202 25.97 -9.42 -10.49
N LEU A 203 26.30 -10.21 -9.47
CA LEU A 203 26.92 -11.50 -9.76
C LEU A 203 26.01 -12.45 -10.55
N PRO A 204 24.79 -12.71 -10.05
CA PRO A 204 23.93 -13.64 -10.80
C PRO A 204 23.77 -13.19 -12.26
N MET A 205 23.79 -11.89 -12.46
CA MET A 205 23.57 -11.31 -13.78
C MET A 205 24.76 -11.58 -14.69
N LEU A 206 25.95 -11.70 -14.10
CA LEU A 206 27.14 -12.06 -14.87
C LEU A 206 27.11 -13.53 -15.19
N PHE A 207 26.79 -14.35 -14.19
CA PHE A 207 26.66 -15.78 -14.42
C PHE A 207 25.73 -16.11 -15.57
N ILE A 208 24.50 -15.60 -15.58
CA ILE A 208 23.61 -15.92 -16.70
C ILE A 208 24.19 -15.45 -18.04
N LEU A 209 25.08 -14.45 -17.99
CA LEU A 209 25.77 -14.00 -19.19
C LEU A 209 26.86 -15.00 -19.60
N PHE A 210 27.67 -15.40 -18.63
CA PHE A 210 28.77 -16.33 -18.89
C PHE A 210 28.23 -17.65 -19.37
N ILE A 211 27.23 -18.16 -18.68
CA ILE A 211 26.54 -19.36 -19.11
C ILE A 211 26.14 -19.30 -20.57
N SER A 212 25.66 -18.15 -21.03
CA SER A 212 25.23 -18.04 -22.43
C SER A 212 26.41 -18.19 -23.39
N TRP A 213 27.60 -17.90 -22.90
CA TRP A 213 28.81 -17.90 -23.71
C TRP A 213 29.36 -19.29 -24.01
N THR A 214 28.90 -20.29 -23.26
CA THR A 214 29.30 -21.66 -23.55
C THR A 214 28.74 -22.16 -24.88
N ALA A 215 27.84 -21.40 -25.49
CA ALA A 215 27.32 -21.77 -26.80
C ALA A 215 28.43 -21.64 -27.84
N PHE A 216 29.52 -20.99 -27.45
CA PHE A 216 30.67 -20.85 -28.35
C PHE A 216 31.55 -22.07 -28.40
N TRP A 217 31.47 -22.91 -27.38
CA TRP A 217 32.10 -24.21 -27.40
C TRP A 217 31.14 -25.29 -27.89
N SER A 218 29.98 -24.86 -28.34
CA SER A 218 28.99 -25.80 -28.87
C SER A 218 28.62 -25.53 -30.31
N THR A 219 28.51 -26.61 -31.08
CA THR A 219 28.04 -26.54 -32.46
C THR A 219 26.56 -26.89 -32.60
N SER A 220 25.89 -27.19 -31.48
CA SER A 220 24.49 -27.62 -31.54
C SER A 220 23.56 -26.45 -31.43
N TYR A 221 22.83 -26.21 -32.51
CA TYR A 221 21.96 -25.06 -32.65
C TYR A 221 20.73 -25.20 -31.79
N GLU A 222 20.12 -26.37 -31.84
CA GLU A 222 18.95 -26.67 -31.02
C GLU A 222 19.25 -26.33 -29.55
N ALA A 223 20.39 -26.80 -29.05
CA ALA A 223 20.80 -26.53 -27.68
C ALA A 223 21.41 -25.15 -27.48
N ASN A 224 21.88 -24.53 -28.55
CA ASN A 224 22.44 -23.19 -28.42
C ASN A 224 21.35 -22.14 -28.30
N VAL A 225 20.32 -22.24 -29.14
CA VAL A 225 19.21 -21.31 -29.07
C VAL A 225 18.58 -21.40 -27.68
N THR A 226 18.27 -22.62 -27.24
CA THR A 226 17.70 -22.84 -25.91
C THR A 226 18.54 -22.14 -24.85
N LEU A 227 19.85 -22.39 -24.87
CA LEU A 227 20.78 -21.76 -23.96
C LEU A 227 20.71 -20.23 -24.03
N VAL A 228 21.12 -19.67 -25.15
CA VAL A 228 21.20 -18.22 -25.29
C VAL A 228 19.87 -17.52 -25.08
N VAL A 229 18.77 -18.11 -25.55
CA VAL A 229 17.47 -17.48 -25.33
C VAL A 229 16.98 -17.59 -23.87
N SER A 230 17.20 -18.74 -23.23
CA SER A 230 16.78 -18.92 -21.85
C SER A 230 17.52 -17.98 -20.90
N THR A 231 18.81 -17.76 -21.12
CA THR A 231 19.53 -16.83 -20.29
C THR A 231 19.11 -15.40 -20.57
N LEU A 232 18.58 -15.15 -21.77
CA LEU A 232 18.08 -13.81 -22.08
C LEU A 232 16.93 -13.45 -21.18
N ILE A 233 15.99 -14.39 -21.10
CA ILE A 233 14.81 -14.25 -20.27
C ILE A 233 15.20 -13.90 -18.83
N ALA A 234 16.12 -14.65 -18.24
CA ALA A 234 16.56 -14.36 -16.88
C ALA A 234 17.12 -12.94 -16.77
N HIS A 235 17.76 -12.46 -17.82
CA HIS A 235 18.30 -11.11 -17.78
C HIS A 235 17.19 -10.07 -17.80
N ILE A 236 16.05 -10.44 -18.40
CA ILE A 236 14.91 -9.55 -18.38
C ILE A 236 14.34 -9.50 -16.97
N ALA A 237 14.26 -10.67 -16.32
CA ALA A 237 13.82 -10.73 -14.93
C ALA A 237 14.65 -9.82 -14.05
N PHE A 238 15.96 -9.85 -14.22
CA PHE A 238 16.80 -8.98 -13.42
C PHE A 238 16.71 -7.51 -13.85
N ASN A 239 16.53 -7.28 -15.15
CA ASN A 239 16.32 -5.92 -15.59
C ASN A 239 15.10 -5.34 -14.91
N ILE A 240 13.99 -6.09 -14.92
CA ILE A 240 12.72 -5.60 -14.35
C ILE A 240 12.81 -5.46 -12.83
N LEU A 241 13.34 -6.47 -12.16
CA LEU A 241 13.56 -6.41 -10.72
C LEU A 241 14.26 -5.12 -10.30
N VAL A 242 15.30 -4.75 -11.04
CA VAL A 242 16.03 -3.52 -10.76
C VAL A 242 15.20 -2.26 -11.04
N GLU A 243 14.47 -2.26 -12.14
CA GLU A 243 13.79 -1.05 -12.61
C GLU A 243 12.57 -0.69 -11.79
N THR A 244 11.95 -1.69 -11.19
CA THR A 244 10.79 -1.40 -10.34
C THR A 244 11.15 -0.69 -9.02
N ASN A 245 12.41 -0.83 -8.60
CA ASN A 245 12.92 -0.22 -7.38
C ASN A 245 13.55 1.16 -7.55
N LEU A 246 13.44 1.73 -8.75
CA LEU A 246 14.02 3.04 -9.04
C LEU A 246 12.97 3.87 -9.73
N PRO A 247 13.04 5.20 -9.55
CA PRO A 247 12.19 6.18 -10.24
C PRO A 247 12.63 6.32 -11.69
N LYS A 248 11.81 6.92 -12.53
CA LYS A 248 12.17 7.04 -13.93
C LYS A 248 12.91 8.35 -14.08
N THR A 249 14.21 8.23 -14.32
CA THR A 249 15.13 9.35 -14.46
C THR A 249 15.26 9.81 -15.92
N PRO A 250 15.42 11.12 -16.14
CA PRO A 250 15.63 11.70 -17.47
C PRO A 250 17.01 11.36 -18.05
N TYR A 251 17.89 10.87 -17.19
CA TYR A 251 19.27 10.55 -17.50
C TYR A 251 19.54 9.05 -17.31
N MET A 252 20.78 8.64 -17.48
CA MET A 252 21.16 7.21 -17.54
C MET A 252 21.99 6.74 -16.34
N THR A 253 21.51 5.75 -15.61
CA THR A 253 22.25 5.22 -14.45
C THR A 253 23.39 4.26 -14.80
N TYR A 254 24.35 4.14 -13.89
CA TYR A 254 25.47 3.22 -14.08
C TYR A 254 24.96 1.80 -14.26
N THR A 255 24.23 1.31 -13.26
CA THR A 255 23.58 0.00 -13.36
C THR A 255 22.68 -0.10 -14.59
N GLY A 256 22.10 1.04 -15.00
CA GLY A 256 21.17 1.06 -16.10
C GLY A 256 21.90 0.86 -17.41
N ALA A 257 23.10 1.43 -17.47
CA ALA A 257 23.99 1.29 -18.62
C ALA A 257 24.45 -0.17 -18.75
N ILE A 258 25.05 -0.69 -17.68
CA ILE A 258 25.52 -2.07 -17.68
C ILE A 258 24.45 -3.03 -18.18
N ILE A 259 23.25 -2.95 -17.62
CA ILE A 259 22.16 -3.86 -17.99
C ILE A 259 21.79 -3.73 -19.46
N PHE A 260 21.80 -2.52 -19.97
CA PHE A 260 21.46 -2.28 -21.37
C PHE A 260 22.58 -2.70 -22.29
N MET A 261 23.81 -2.46 -21.85
CA MET A 261 24.99 -2.90 -22.59
C MET A 261 24.89 -4.42 -22.80
N ILE A 262 24.63 -5.12 -21.70
CA ILE A 262 24.48 -6.57 -21.72
C ILE A 262 23.40 -7.07 -22.69
N TYR A 263 22.41 -6.25 -23.00
CA TYR A 263 21.39 -6.65 -23.96
C TYR A 263 21.98 -6.83 -25.34
N LEU A 264 23.03 -6.06 -25.64
CA LEU A 264 23.69 -6.15 -26.96
C LEU A 264 24.43 -7.46 -27.12
N PHE A 265 25.19 -7.81 -26.09
CA PHE A 265 25.91 -9.07 -26.04
C PHE A 265 24.99 -10.27 -26.24
N TYR A 266 23.72 -10.13 -25.86
CA TYR A 266 22.77 -11.20 -26.10
C TYR A 266 22.31 -11.15 -27.54
N PHE A 267 22.22 -9.95 -28.10
CA PHE A 267 21.68 -9.82 -29.43
C PHE A 267 22.71 -10.30 -30.43
N VAL A 268 23.94 -9.83 -30.24
CA VAL A 268 25.06 -10.22 -31.08
C VAL A 268 25.33 -11.72 -30.97
N ALA A 269 25.39 -12.24 -29.75
CA ALA A 269 25.54 -13.70 -29.58
C ALA A 269 24.50 -14.51 -30.33
N VAL A 270 23.32 -13.93 -30.52
CA VAL A 270 22.33 -14.62 -31.33
C VAL A 270 22.74 -14.58 -32.78
N ILE A 271 23.25 -13.45 -33.24
CA ILE A 271 23.71 -13.37 -34.63
C ILE A 271 24.81 -14.40 -34.89
N GLU A 272 25.85 -14.40 -34.05
CA GLU A 272 26.92 -15.40 -34.14
C GLU A 272 26.36 -16.81 -34.17
N VAL A 273 25.53 -17.13 -33.18
CA VAL A 273 24.92 -18.45 -33.09
C VAL A 273 24.17 -18.79 -34.37
N THR A 274 23.52 -17.79 -34.96
CA THR A 274 22.78 -17.97 -36.19
C THR A 274 23.70 -18.11 -37.41
N VAL A 275 24.69 -17.22 -37.49
CA VAL A 275 25.68 -17.25 -38.56
C VAL A 275 26.36 -18.61 -38.62
N GLN A 276 26.95 -19.03 -37.50
CA GLN A 276 27.63 -20.32 -37.43
C GLN A 276 26.75 -21.46 -37.95
N HIS A 277 25.45 -21.40 -37.69
CA HIS A 277 24.58 -22.45 -38.21
C HIS A 277 24.17 -22.24 -39.65
N TYR A 278 24.28 -21.02 -40.18
CA TYR A 278 23.96 -20.81 -41.60
C TYR A 278 25.12 -21.25 -42.47
N LEU A 279 26.32 -20.91 -42.03
CA LEU A 279 27.53 -21.39 -42.67
C LEU A 279 27.60 -22.91 -42.62
N LYS A 280 27.56 -23.45 -41.40
CA LYS A 280 27.68 -24.89 -41.23
C LYS A 280 26.62 -25.69 -41.99
N VAL A 281 25.48 -25.09 -42.30
CA VAL A 281 24.51 -25.75 -43.18
C VAL A 281 24.92 -25.59 -44.66
N GLU A 282 25.66 -24.53 -44.95
CA GLU A 282 26.12 -24.25 -46.32
C GLU A 282 27.50 -24.86 -46.61
N SER A 283 27.96 -25.64 -45.65
CA SER A 283 29.19 -26.42 -45.76
C SER A 283 30.44 -25.58 -45.93
N GLN A 284 30.60 -24.55 -45.10
CA GLN A 284 31.93 -23.99 -44.89
C GLN A 284 32.29 -23.90 -43.42
N PRO A 285 32.38 -25.07 -42.74
CA PRO A 285 32.68 -25.08 -41.30
C PRO A 285 34.03 -24.44 -41.05
N ALA A 286 34.83 -24.31 -42.10
CA ALA A 286 36.08 -23.55 -42.05
C ALA A 286 35.77 -22.16 -41.52
N ARG A 287 34.80 -21.49 -42.14
CA ARG A 287 34.37 -20.17 -41.68
C ARG A 287 33.59 -20.27 -40.39
N ALA A 288 32.57 -21.13 -40.38
CA ALA A 288 31.73 -21.31 -39.21
C ALA A 288 32.58 -21.52 -37.98
N ALA A 289 33.32 -22.62 -37.91
CA ALA A 289 34.15 -22.89 -36.74
C ALA A 289 35.27 -21.88 -36.54
N SER A 290 35.55 -21.03 -37.52
CA SER A 290 36.57 -20.01 -37.30
C SER A 290 36.02 -18.87 -36.43
N ILE A 291 34.83 -18.41 -36.80
CA ILE A 291 34.10 -17.37 -36.06
C ILE A 291 33.83 -17.83 -34.64
N THR A 292 33.16 -18.97 -34.54
CA THR A 292 32.89 -19.62 -33.27
C THR A 292 34.13 -19.81 -32.44
N ARG A 293 35.29 -19.94 -33.09
CA ARG A 293 36.53 -20.02 -32.33
C ARG A 293 36.99 -18.62 -31.88
N ALA A 294 36.68 -17.62 -32.71
CA ALA A 294 37.07 -16.22 -32.46
C ALA A 294 36.17 -15.51 -31.45
N SER A 295 34.89 -15.86 -31.49
CA SER A 295 33.92 -15.29 -30.55
C SER A 295 34.37 -15.64 -29.13
N ARG A 296 34.81 -16.88 -28.92
CA ARG A 296 35.24 -17.37 -27.60
C ARG A 296 36.30 -16.48 -26.97
N ILE A 297 36.92 -15.64 -27.80
CA ILE A 297 37.90 -14.70 -27.33
C ILE A 297 37.31 -13.29 -27.30
N ALA A 298 36.87 -12.82 -28.48
CA ALA A 298 36.36 -11.46 -28.63
C ALA A 298 35.29 -11.07 -27.61
N PHE A 299 34.28 -11.93 -27.46
CA PHE A 299 33.17 -11.67 -26.55
C PHE A 299 33.63 -11.32 -25.11
N PRO A 300 34.40 -12.19 -24.45
CA PRO A 300 34.88 -11.75 -23.13
C PRO A 300 35.78 -10.49 -23.14
N VAL A 301 36.58 -10.30 -24.17
CA VAL A 301 37.50 -9.18 -24.16
C VAL A 301 36.76 -7.86 -24.41
N VAL A 302 35.88 -7.86 -25.41
CA VAL A 302 35.06 -6.68 -25.71
C VAL A 302 34.11 -6.38 -24.53
N PHE A 303 33.89 -7.35 -23.65
CA PHE A 303 33.09 -7.07 -22.47
C PHE A 303 33.90 -6.22 -21.49
N LEU A 304 34.96 -6.81 -20.95
CA LEU A 304 35.89 -6.15 -20.04
C LEU A 304 36.32 -4.81 -20.59
N LEU A 305 36.38 -4.73 -21.92
CA LEU A 305 36.74 -3.49 -22.55
C LEU A 305 35.66 -2.49 -22.23
N ALA A 306 34.41 -2.85 -22.54
CA ALA A 306 33.27 -1.96 -22.32
C ALA A 306 33.07 -1.57 -20.86
N ASN A 307 33.07 -2.58 -19.98
CA ASN A 307 32.92 -2.33 -18.56
C ASN A 307 33.90 -1.31 -18.04
N ILE A 308 35.13 -1.41 -18.52
CA ILE A 308 36.16 -0.44 -18.20
C ILE A 308 35.75 0.93 -18.74
N ILE A 309 35.34 0.97 -20.00
CA ILE A 309 34.93 2.23 -20.60
C ILE A 309 33.73 2.84 -19.89
N LEU A 310 32.75 1.98 -19.55
CA LEU A 310 31.59 2.45 -18.82
C LEU A 310 31.98 3.00 -17.46
N ALA A 311 32.64 2.18 -16.64
CA ALA A 311 33.05 2.56 -15.29
C ALA A 311 33.85 3.86 -15.30
N PHE A 312 34.57 4.08 -16.38
CA PHE A 312 35.36 5.30 -16.48
C PHE A 312 34.45 6.52 -16.62
N LEU A 313 33.53 6.45 -17.59
CA LEU A 313 32.59 7.55 -17.87
C LEU A 313 31.76 7.90 -16.63
N PHE A 314 31.35 6.87 -15.90
CA PHE A 314 30.50 7.02 -14.73
C PHE A 314 31.18 7.46 -13.43
N PHE A 315 32.51 7.37 -13.38
CA PHE A 315 33.21 7.67 -12.13
C PHE A 315 34.39 8.63 -12.29
N MET B 4 -1.23 22.89 36.66
CA MET B 4 0.06 23.48 37.00
C MET B 4 1.03 23.27 35.84
N VAL B 5 1.66 24.35 35.37
CA VAL B 5 2.60 24.21 34.25
C VAL B 5 4.03 24.03 34.73
N SER B 6 4.17 23.98 36.06
CA SER B 6 5.47 23.75 36.70
C SER B 6 5.48 22.48 37.53
N PRO B 7 6.63 21.80 37.61
CA PRO B 7 6.88 20.55 38.35
C PRO B 7 7.01 20.74 39.86
N PRO B 8 6.58 19.75 40.66
CA PRO B 8 6.65 19.74 42.13
C PRO B 8 8.04 20.04 42.67
N PRO B 9 8.13 20.96 43.64
CA PRO B 9 9.35 21.46 44.31
C PRO B 9 10.01 20.42 45.20
N PRO B 10 11.34 20.31 45.12
CA PRO B 10 12.17 19.44 45.96
C PRO B 10 12.21 19.88 47.40
N ILE B 11 11.94 18.95 48.32
CA ILE B 11 12.08 19.22 49.74
C ILE B 11 13.53 19.02 50.15
N ALA B 12 14.36 18.76 49.15
CA ALA B 12 15.78 18.47 49.30
C ALA B 12 16.53 18.93 48.05
N ASP B 13 17.75 18.44 47.90
CA ASP B 13 18.59 18.63 46.72
C ASP B 13 18.34 17.52 45.66
N GLU B 14 17.25 16.78 45.79
CA GLU B 14 17.13 15.50 45.11
C GLU B 14 16.11 15.52 43.96
N PRO B 15 16.33 14.66 42.95
CA PRO B 15 15.47 14.63 41.75
C PRO B 15 14.11 13.98 41.95
N LEU B 16 13.22 14.31 41.01
CA LEU B 16 11.91 13.69 40.94
C LEU B 16 12.03 12.34 40.23
N THR B 17 11.59 11.28 40.90
CA THR B 17 11.62 9.95 40.30
C THR B 17 10.25 9.62 39.77
N VAL B 18 10.14 9.45 38.45
CA VAL B 18 8.88 8.99 37.91
C VAL B 18 8.97 7.49 37.77
N ASN B 19 8.01 6.80 38.35
CA ASN B 19 8.03 5.35 38.40
C ASN B 19 7.14 4.80 37.31
N THR B 20 7.77 4.08 36.39
CA THR B 20 7.18 3.62 35.12
C THR B 20 6.98 2.12 35.06
N GLY B 21 6.00 1.70 34.28
CA GLY B 21 5.89 0.31 33.86
C GLY B 21 5.08 0.19 32.57
N ILE B 22 5.35 -0.86 31.79
CA ILE B 22 4.64 -1.14 30.54
C ILE B 22 4.09 -2.56 30.58
N TYR B 23 2.81 -2.72 30.25
CA TYR B 23 2.17 -4.02 30.24
C TYR B 23 1.60 -4.18 28.86
N LEU B 24 2.14 -5.14 28.10
CA LEU B 24 1.78 -5.38 26.72
C LEU B 24 0.40 -5.97 26.62
N ILE B 25 -0.43 -5.35 25.78
CA ILE B 25 -1.75 -5.88 25.50
C ILE B 25 -1.69 -6.58 24.18
N GLU B 26 -1.42 -5.81 23.12
CA GLU B 26 -1.20 -6.38 21.79
C GLU B 26 0.16 -6.07 21.24
N CYS B 27 0.71 -7.06 20.57
CA CYS B 27 1.95 -6.90 19.85
C CYS B 27 1.64 -7.40 18.45
N TYR B 28 2.10 -6.70 17.42
CA TYR B 28 1.65 -7.04 16.06
C TYR B 28 2.34 -6.22 14.94
N SER B 29 2.11 -6.64 13.69
CA SER B 29 2.75 -6.03 12.52
C SER B 29 4.28 -5.93 12.57
N LEU B 30 4.99 -7.02 12.85
CA LEU B 30 6.44 -6.96 12.68
C LEU B 30 6.78 -6.96 11.20
N ASP B 31 7.51 -5.93 10.78
CA ASP B 31 7.79 -5.72 9.37
C ASP B 31 9.30 -5.85 9.17
N ASP B 32 9.71 -6.91 8.49
CA ASP B 32 11.14 -7.18 8.38
C ASP B 32 11.84 -6.16 7.49
N LYS B 33 11.20 -5.75 6.40
CA LYS B 33 11.85 -4.82 5.49
C LYS B 33 12.04 -3.45 6.12
N ALA B 34 11.00 -2.98 6.85
CA ALA B 34 11.03 -1.67 7.52
C ALA B 34 11.70 -1.71 8.90
N GLU B 35 11.81 -2.90 9.47
CA GLU B 35 12.34 -3.06 10.81
C GLU B 35 11.52 -2.33 11.89
N THR B 36 10.20 -2.49 11.83
CA THR B 36 9.29 -1.90 12.80
C THR B 36 8.26 -2.91 13.31
N PHE B 37 7.65 -2.60 14.44
CA PHE B 37 6.49 -3.35 14.92
C PHE B 37 5.51 -2.46 15.62
N LYS B 38 4.29 -2.92 15.73
CA LYS B 38 3.25 -2.14 16.38
C LYS B 38 2.88 -2.73 17.73
N VAL B 39 2.55 -1.86 18.67
CA VAL B 39 2.31 -2.30 20.02
C VAL B 39 1.14 -1.57 20.61
N ASN B 40 0.38 -2.31 21.41
CA ASN B 40 -0.63 -1.71 22.24
CA ASN B 40 -0.67 -1.73 22.24
C ASN B 40 -0.44 -2.18 23.68
N ALA B 41 -0.30 -1.22 24.58
CA ALA B 41 0.07 -1.50 25.97
C ALA B 41 -0.52 -0.49 26.93
N PHE B 42 -0.48 -0.83 28.21
CA PHE B 42 -0.71 0.15 29.29
C PHE B 42 0.60 0.86 29.60
N LEU B 43 0.55 2.17 29.75
CA LEU B 43 1.65 2.89 30.40
C LEU B 43 1.25 3.26 31.83
N SER B 44 2.09 2.89 32.78
CA SER B 44 1.85 3.30 34.16
C SER B 44 2.96 4.27 34.58
N LEU B 45 2.55 5.41 35.12
CA LEU B 45 3.47 6.40 35.67
C LEU B 45 3.08 6.72 37.11
N SER B 46 4.06 6.80 38.01
CA SER B 46 3.76 7.21 39.38
C SER B 46 4.83 8.11 39.98
N TRP B 47 4.40 9.23 40.54
CA TRP B 47 5.32 10.17 41.15
C TRP B 47 4.60 10.93 42.23
N LYS B 48 5.35 11.56 43.12
CA LYS B 48 4.73 12.31 44.22
C LYS B 48 4.81 13.82 44.04
N ASP B 49 3.63 14.42 43.82
CA ASP B 49 3.46 15.87 43.80
C ASP B 49 2.65 16.27 45.04
N ARG B 50 3.31 16.91 46.00
CA ARG B 50 2.72 17.18 47.31
C ARG B 50 1.71 18.33 47.29
N ARG B 51 1.84 19.21 46.30
CA ARG B 51 0.90 20.31 46.11
C ARG B 51 -0.55 19.84 46.04
N LEU B 52 -0.76 18.57 45.71
CA LEU B 52 -2.08 17.98 45.58
C LEU B 52 -2.59 17.25 46.81
N ALA B 53 -1.83 17.31 47.91
CA ALA B 53 -2.17 16.55 49.12
C ALA B 53 -3.49 17.01 49.73
N PHE B 54 -4.16 16.10 50.42
CA PHE B 54 -5.49 16.40 50.91
C PHE B 54 -5.85 15.53 52.08
N ASP B 55 -6.84 15.98 52.86
CA ASP B 55 -7.32 15.25 54.01
C ASP B 55 -8.45 14.34 53.58
N PRO B 56 -8.28 13.02 53.76
CA PRO B 56 -9.33 12.08 53.38
C PRO B 56 -10.67 12.40 54.03
N VAL B 57 -10.68 12.73 55.31
CA VAL B 57 -11.93 12.95 56.03
C VAL B 57 -12.59 14.30 55.74
N ARG B 58 -11.78 15.36 55.66
CA ARG B 58 -12.28 16.67 55.30
C ARG B 58 -12.83 16.65 53.88
N SER B 59 -12.04 16.10 52.97
CA SER B 59 -12.38 16.06 51.54
C SER B 59 -13.38 14.97 51.21
N GLY B 60 -13.40 13.93 52.04
CA GLY B 60 -14.45 12.92 51.96
C GLY B 60 -14.14 11.82 50.96
N VAL B 61 -13.18 12.10 50.08
CA VAL B 61 -12.72 11.12 49.10
C VAL B 61 -11.48 10.36 49.58
N ARG B 62 -11.54 9.04 49.51
CA ARG B 62 -10.41 8.16 49.86
C ARG B 62 -9.22 8.49 48.97
N VAL B 63 -9.54 8.82 47.72
CA VAL B 63 -8.58 9.14 46.68
C VAL B 63 -9.20 10.19 45.77
N LYS B 64 -8.41 11.16 45.32
CA LYS B 64 -8.93 12.18 44.42
C LYS B 64 -8.60 11.81 42.97
N THR B 65 -9.58 11.98 42.11
CA THR B 65 -9.48 11.66 40.70
C THR B 65 -9.41 12.93 39.89
N TYR B 66 -8.35 13.09 39.09
CA TYR B 66 -8.18 14.30 38.30
C TYR B 66 -8.19 14.05 36.81
N GLU B 67 -8.50 15.10 36.06
CA GLU B 67 -8.35 15.14 34.62
C GLU B 67 -6.95 15.64 34.26
N PRO B 68 -6.42 15.22 33.10
CA PRO B 68 -5.02 15.51 32.76
C PRO B 68 -4.61 16.99 32.76
N GLU B 69 -5.52 17.90 32.41
CA GLU B 69 -5.21 19.33 32.37
C GLU B 69 -5.17 19.94 33.77
N ALA B 70 -5.91 19.34 34.70
CA ALA B 70 -5.97 19.82 36.08
C ALA B 70 -4.59 19.86 36.74
N ILE B 71 -3.84 18.79 36.60
CA ILE B 71 -2.57 18.66 37.31
C ILE B 71 -1.38 18.54 36.37
N TRP B 72 -0.20 18.87 36.87
CA TRP B 72 1.04 18.71 36.11
C TRP B 72 1.36 17.25 36.03
N ILE B 73 1.69 16.81 34.81
CA ILE B 73 2.10 15.43 34.52
C ILE B 73 3.44 15.52 33.78
N PRO B 74 4.37 14.58 34.03
CA PRO B 74 5.67 14.73 33.37
C PRO B 74 5.60 14.35 31.91
N GLU B 75 6.50 14.88 31.09
CA GLU B 75 6.45 14.53 29.68
C GLU B 75 7.36 13.34 29.48
N ILE B 76 6.73 12.21 29.24
CA ILE B 76 7.44 10.97 29.00
C ILE B 76 7.25 10.70 27.53
N ARG B 77 8.36 10.50 26.82
CA ARG B 77 8.30 10.20 25.40
C ARG B 77 8.95 8.86 25.09
N PHE B 78 8.56 8.27 23.96
CA PHE B 78 9.29 7.10 23.43
C PHE B 78 10.34 7.62 22.47
N VAL B 79 11.53 7.04 22.53
CA VAL B 79 12.60 7.51 21.66
C VAL B 79 12.42 7.02 20.23
N ASN B 80 12.22 5.72 20.07
CA ASN B 80 12.02 5.19 18.74
C ASN B 80 10.57 4.84 18.48
N VAL B 81 9.90 5.71 17.74
CA VAL B 81 8.53 5.53 17.37
C VAL B 81 8.50 6.31 16.08
N GLU B 82 7.69 5.89 15.11
CA GLU B 82 7.58 6.68 13.89
C GLU B 82 7.03 8.08 14.20
N ASN B 83 5.91 8.14 14.90
CA ASN B 83 5.41 9.41 15.39
C ASN B 83 5.21 9.37 16.88
N ALA B 84 4.67 10.43 17.44
CA ALA B 84 4.30 10.42 18.83
C ALA B 84 3.23 9.36 19.03
N ARG B 85 3.28 8.66 20.16
CA ARG B 85 2.31 7.63 20.45
C ARG B 85 0.87 8.17 20.49
N ASP B 86 -0.09 7.33 20.16
CA ASP B 86 -1.49 7.68 20.29
C ASP B 86 -1.98 7.08 21.58
N ALA B 87 -2.31 7.95 22.52
CA ALA B 87 -2.63 7.55 23.90
C ALA B 87 -3.96 8.07 24.35
N ASP B 88 -4.69 7.24 25.08
CA ASP B 88 -5.93 7.62 25.73
C ASP B 88 -5.76 7.27 27.19
N VAL B 89 -5.99 8.26 28.07
CA VAL B 89 -5.73 8.14 29.52
C VAL B 89 -6.82 7.35 30.25
N VAL B 90 -6.44 6.24 30.85
CA VAL B 90 -7.42 5.37 31.50
C VAL B 90 -7.92 5.97 32.82
N ASN B 91 -6.98 6.32 33.70
CA ASN B 91 -7.31 6.85 35.00
C ASN B 91 -6.24 7.76 35.60
N ILE B 92 -6.64 8.75 36.40
CA ILE B 92 -5.68 9.44 37.28
C ILE B 92 -6.22 9.46 38.71
N SER B 93 -5.36 9.13 39.66
CA SER B 93 -5.77 8.98 41.04
C SER B 93 -4.73 9.56 41.97
N VAL B 94 -5.16 10.39 42.91
CA VAL B 94 -4.24 10.92 43.91
C VAL B 94 -4.57 10.39 45.30
N SER B 95 -3.56 9.88 46.00
CA SER B 95 -3.70 9.47 47.38
C SER B 95 -3.28 10.67 48.26
N PRO B 96 -3.77 10.72 49.52
CA PRO B 96 -3.62 11.90 50.39
C PRO B 96 -2.22 12.50 50.46
N ASP B 97 -1.18 11.69 50.34
CA ASP B 97 0.18 12.21 50.51
C ASP B 97 0.73 12.92 49.28
N GLY B 98 -0.02 12.89 48.19
CA GLY B 98 0.41 13.53 46.95
C GLY B 98 1.02 12.59 45.93
N THR B 99 0.86 11.29 46.16
CA THR B 99 1.34 10.27 45.25
C THR B 99 0.35 10.07 44.12
N VAL B 100 0.82 10.26 42.89
CA VAL B 100 -0.03 10.10 41.70
C VAL B 100 0.11 8.72 41.06
N GLN B 101 -1.02 8.16 40.65
CA GLN B 101 -1.05 6.95 39.84
C GLN B 101 -1.62 7.31 38.47
N TYR B 102 -0.77 7.27 37.45
CA TYR B 102 -1.18 7.56 36.08
C TYR B 102 -1.28 6.24 35.28
N LEU B 103 -2.36 6.08 34.52
CA LEU B 103 -2.53 4.93 33.63
C LEU B 103 -3.10 5.31 32.28
N GLU B 104 -2.37 5.02 31.20
CA GLU B 104 -2.88 5.28 29.86
C GLU B 104 -2.88 4.01 29.04
N ARG B 105 -3.63 4.01 27.95
CA ARG B 105 -3.49 2.92 27.00
C ARG B 105 -2.98 3.48 25.66
N PHE B 106 -1.79 3.07 25.24
CA PHE B 106 -1.22 3.64 24.03
C PHE B 106 -1.03 2.59 22.93
N SER B 107 -1.04 3.07 21.69
CA SER B 107 -0.65 2.25 20.56
C SER B 107 0.42 2.99 19.76
N ALA B 108 1.61 2.42 19.75
CA ALA B 108 2.70 3.03 19.00
C ALA B 108 3.31 2.10 17.97
N ARG B 109 4.02 2.70 17.02
CA ARG B 109 4.78 1.92 16.08
C ARG B 109 6.26 2.13 16.30
N VAL B 110 6.89 1.11 16.85
CA VAL B 110 8.23 1.19 17.37
C VAL B 110 9.21 0.84 16.25
N LEU B 111 10.32 1.56 16.16
CA LEU B 111 11.34 1.22 15.17
C LEU B 111 12.60 0.68 15.87
N SER B 112 12.73 -0.64 15.84
CA SER B 112 13.86 -1.38 16.37
C SER B 112 14.53 -2.22 15.26
N PRO B 113 15.82 -1.94 14.97
CA PRO B 113 16.62 -2.62 13.95
C PRO B 113 16.86 -4.10 14.28
N LEU B 114 17.06 -4.92 13.25
CA LEU B 114 17.11 -6.39 13.37
C LEU B 114 18.41 -7.05 12.92
N ASP B 115 18.65 -8.29 13.37
CA ASP B 115 19.82 -9.03 12.94
C ASP B 115 19.44 -10.20 12.04
N PHE B 116 19.77 -10.09 10.75
CA PHE B 116 19.30 -11.08 9.78
C PHE B 116 20.28 -12.22 9.43
N ARG B 117 21.46 -12.20 10.04
CA ARG B 117 22.52 -13.15 9.76
C ARG B 117 22.10 -14.62 9.80
N ARG B 118 21.35 -15.03 10.81
CA ARG B 118 20.90 -16.42 10.94
C ARG B 118 19.52 -16.71 10.32
N TYR B 119 18.95 -15.75 9.62
CA TYR B 119 17.64 -15.91 9.00
C TYR B 119 17.48 -17.16 8.11
N PRO B 120 16.30 -17.80 8.19
CA PRO B 120 15.31 -17.44 9.21
C PRO B 120 15.43 -18.25 10.50
N PHE B 121 16.64 -18.42 11.02
CA PHE B 121 16.81 -19.09 12.31
C PHE B 121 17.04 -18.12 13.46
N ASP B 122 17.03 -16.83 13.11
CA ASP B 122 17.39 -15.73 13.99
C ASP B 122 16.45 -15.49 15.17
N SER B 123 17.02 -14.91 16.22
CA SER B 123 16.26 -14.41 17.36
C SER B 123 16.55 -12.93 17.52
N GLN B 124 15.54 -12.18 17.96
CA GLN B 124 15.66 -10.73 18.03
C GLN B 124 15.34 -10.23 19.43
N THR B 125 16.03 -9.16 19.84
CA THR B 125 15.63 -8.39 21.02
C THR B 125 15.13 -7.02 20.57
N LEU B 126 13.82 -6.82 20.70
CA LEU B 126 13.22 -5.53 20.34
C LEU B 126 13.32 -4.58 21.52
N HIS B 127 13.53 -3.30 21.23
CA HIS B 127 13.72 -2.29 22.23
C HIS B 127 12.68 -1.20 22.22
N ILE B 128 12.01 -1.01 23.36
CA ILE B 128 11.18 0.17 23.54
C ILE B 128 11.86 1.07 24.53
N TYR B 129 12.22 2.27 24.09
CA TYR B 129 12.90 3.24 24.97
C TYR B 129 12.03 4.40 25.44
N LEU B 130 11.89 4.50 26.77
CA LEU B 130 11.23 5.62 27.42
C LEU B 130 12.22 6.70 27.82
N ILE B 131 11.83 7.95 27.67
CA ILE B 131 12.69 9.06 28.05
C ILE B 131 11.92 10.23 28.67
N VAL B 132 12.58 11.00 29.52
CA VAL B 132 12.03 12.24 30.07
C VAL B 132 13.12 13.29 30.14
N ARG B 133 12.81 14.51 29.76
CA ARG B 133 13.81 15.57 29.78
C ARG B 133 13.60 16.43 31.01
N SER B 134 14.69 16.70 31.71
CA SER B 134 14.65 17.46 32.95
C SER B 134 14.45 18.96 32.68
N VAL B 135 13.79 19.64 33.62
CA VAL B 135 13.56 21.09 33.52
C VAL B 135 14.63 21.86 34.28
N ASP B 136 14.55 23.19 34.26
CA ASP B 136 15.55 24.00 34.93
C ASP B 136 15.29 23.99 36.44
N THR B 137 14.01 24.05 36.82
CA THR B 137 13.64 24.08 38.22
C THR B 137 13.82 22.75 38.96
N ARG B 138 13.87 21.63 38.22
CA ARG B 138 14.10 20.31 38.84
C ARG B 138 14.56 19.25 37.83
N ASN B 139 15.16 18.19 38.34
CA ASN B 139 15.61 17.08 37.51
C ASN B 139 14.69 15.88 37.68
N ILE B 140 14.34 15.29 36.54
CA ILE B 140 13.43 14.15 36.55
C ILE B 140 14.16 12.87 36.17
N VAL B 141 13.81 11.78 36.84
CA VAL B 141 14.55 10.55 36.70
C VAL B 141 13.62 9.34 36.60
N LEU B 142 13.81 8.51 35.59
CA LEU B 142 12.94 7.35 35.42
C LEU B 142 13.32 6.22 36.35
N ALA B 143 12.35 5.38 36.68
CA ALA B 143 12.61 4.18 37.46
C ALA B 143 11.50 3.16 37.19
N VAL B 144 11.78 1.88 37.40
CA VAL B 144 10.84 0.83 37.01
C VAL B 144 10.07 0.29 38.19
N ASP B 145 8.74 0.26 38.11
CA ASP B 145 7.95 -0.47 39.10
C ASP B 145 7.53 -1.81 38.51
N LEU B 146 8.14 -2.89 38.99
CA LEU B 146 8.01 -4.20 38.36
C LEU B 146 6.65 -4.89 38.46
N GLU B 147 5.76 -4.40 39.31
CA GLU B 147 4.46 -5.03 39.36
C GLU B 147 3.56 -4.41 38.32
N LYS B 148 4.03 -3.30 37.76
CA LYS B 148 3.32 -2.64 36.68
C LYS B 148 3.85 -3.00 35.30
N VAL B 149 4.83 -3.91 35.28
CA VAL B 149 5.47 -4.37 34.06
C VAL B 149 5.15 -5.83 33.76
N GLY B 150 4.63 -6.07 32.56
CA GLY B 150 4.32 -7.43 32.15
C GLY B 150 3.76 -7.48 30.74
N LYS B 151 3.11 -8.58 30.41
CA LYS B 151 2.40 -8.69 29.14
C LYS B 151 1.27 -9.67 29.33
N ASN B 152 0.22 -9.53 28.52
CA ASN B 152 -0.92 -10.42 28.62
C ASN B 152 -0.52 -11.82 28.14
N ASP B 153 -1.33 -12.82 28.47
CA ASP B 153 -1.05 -14.19 28.02
C ASP B 153 -1.60 -14.47 26.63
N ASP B 154 -2.34 -13.51 26.08
CA ASP B 154 -2.85 -13.56 24.70
C ASP B 154 -1.95 -12.82 23.72
N VAL B 155 -0.83 -12.31 24.19
CA VAL B 155 0.01 -11.52 23.31
C VAL B 155 0.67 -12.46 22.33
N PHE B 156 0.47 -12.22 21.03
CA PHE B 156 1.02 -13.09 20.00
C PHE B 156 1.58 -12.26 18.84
N LEU B 157 2.84 -12.51 18.50
CA LEU B 157 3.44 -11.82 17.39
C LEU B 157 3.53 -12.79 16.22
N THR B 158 2.74 -12.55 15.17
CA THR B 158 2.58 -13.53 14.09
C THR B 158 3.87 -13.93 13.37
N GLY B 159 4.09 -15.24 13.29
CA GLY B 159 5.27 -15.79 12.67
C GLY B 159 6.45 -15.77 13.62
N TRP B 160 6.20 -15.38 14.87
CA TRP B 160 7.25 -15.35 15.90
C TRP B 160 6.82 -15.95 17.22
N ASP B 161 7.80 -16.39 17.99
CA ASP B 161 7.57 -16.89 19.34
C ASP B 161 8.16 -15.91 20.32
N ILE B 162 7.35 -15.48 21.30
CA ILE B 162 7.78 -14.47 22.30
C ILE B 162 8.36 -15.12 23.55
N GLU B 163 9.66 -14.92 23.75
CA GLU B 163 10.31 -15.46 24.94
C GLU B 163 10.00 -14.73 26.24
N SER B 164 10.25 -13.42 26.26
CA SER B 164 10.13 -12.65 27.49
C SER B 164 9.89 -11.17 27.26
N PHE B 165 9.25 -10.51 28.21
CA PHE B 165 9.18 -9.06 28.20
C PHE B 165 9.66 -8.52 29.55
N THR B 166 10.78 -7.84 29.54
CA THR B 166 11.40 -7.40 30.78
C THR B 166 11.98 -6.02 30.56
N ALA B 167 12.30 -5.32 31.66
CA ALA B 167 12.88 -3.99 31.55
C ALA B 167 14.24 -3.94 32.23
N VAL B 168 15.16 -3.15 31.68
CA VAL B 168 16.43 -2.91 32.33
C VAL B 168 16.24 -1.73 33.29
N VAL B 169 16.41 -2.02 34.58
CA VAL B 169 15.91 -1.16 35.65
C VAL B 169 16.74 0.09 35.86
N LYS B 170 18.06 0.01 35.70
CA LYS B 170 18.88 1.20 35.84
C LYS B 170 18.79 2.05 34.59
N PRO B 171 18.23 3.26 34.71
CA PRO B 171 18.13 4.16 33.58
C PRO B 171 19.49 4.70 33.25
N ALA B 172 19.77 4.95 31.97
CA ALA B 172 21.01 5.57 31.62
C ALA B 172 20.74 7.04 31.55
N ASN B 173 21.27 7.78 32.54
CA ASN B 173 21.04 9.22 32.64
C ASN B 173 22.25 9.90 32.04
N PHE B 174 22.03 10.93 31.23
CA PHE B 174 23.08 11.50 30.40
C PHE B 174 22.66 12.91 30.06
N ALA B 175 23.51 13.64 29.35
CA ALA B 175 23.27 15.05 29.14
C ALA B 175 23.14 15.41 27.67
N LEU B 176 22.02 16.02 27.31
CA LEU B 176 21.82 16.48 25.94
C LEU B 176 21.32 17.92 25.94
N GLN B 177 22.10 18.82 25.35
CA GLN B 177 21.71 20.23 25.22
C GLN B 177 21.35 20.93 26.54
N ASN B 178 22.28 20.87 27.49
CA ASN B 178 22.21 21.58 28.78
C ASN B 178 21.15 21.11 29.75
N ARG B 179 20.25 20.25 29.29
CA ARG B 179 19.31 19.60 30.19
C ARG B 179 19.72 18.15 30.37
N LEU B 180 18.96 17.43 31.18
CA LEU B 180 19.32 16.06 31.48
C LEU B 180 18.28 15.10 30.94
N GLU B 181 18.74 14.00 30.38
CA GLU B 181 17.82 13.01 29.89
C GLU B 181 18.00 11.72 30.68
N SER B 182 16.88 11.17 31.15
CA SER B 182 16.85 9.88 31.83
C SER B 182 16.14 8.95 30.86
N LYS B 183 16.83 7.89 30.43
CA LYS B 183 16.32 6.94 29.42
C LYS B 183 16.09 5.54 29.97
N LEU B 184 14.93 4.94 29.70
CA LEU B 184 14.66 3.56 30.13
C LEU B 184 14.53 2.56 28.97
N ASP B 185 14.95 1.30 29.19
CA ASP B 185 14.98 0.32 28.12
C ASP B 185 14.09 -0.90 28.36
N TYR B 186 13.02 -1.01 27.59
CA TYR B 186 12.18 -2.21 27.65
C TYR B 186 12.55 -3.17 26.50
N GLN B 187 12.71 -4.45 26.84
CA GLN B 187 13.24 -5.41 25.88
C GLN B 187 12.28 -6.53 25.59
N LEU B 188 11.83 -6.61 24.34
CA LEU B 188 10.99 -7.74 23.91
C LEU B 188 11.89 -8.75 23.23
N ARG B 189 11.81 -9.99 23.68
CA ARG B 189 12.67 -11.02 23.12
C ARG B 189 11.86 -12.06 22.38
N ILE B 190 12.19 -12.19 21.09
CA ILE B 190 11.47 -13.04 20.19
C ILE B 190 12.42 -13.86 19.35
N SER B 191 11.94 -15.04 18.96
CA SER B 191 12.62 -15.93 18.06
C SER B 191 11.66 -16.19 16.91
N ARG B 192 12.20 -16.28 15.70
CA ARG B 192 11.37 -16.46 14.51
C ARG B 192 10.92 -17.90 14.32
N GLN B 193 9.69 -18.08 13.83
CA GLN B 193 9.17 -19.43 13.59
C GLN B 193 9.56 -19.85 12.20
N TYR B 194 10.48 -20.81 12.11
CA TYR B 194 11.15 -21.10 10.83
C TYR B 194 10.49 -22.20 9.99
N PHE B 195 9.53 -22.90 10.59
CA PHE B 195 8.94 -24.07 9.98
C PHE B 195 8.51 -23.82 8.56
N SER B 196 7.68 -22.78 8.37
CA SER B 196 7.10 -22.52 7.07
C SER B 196 8.18 -22.37 5.98
N TYR B 197 9.34 -21.87 6.39
CA TYR B 197 10.44 -21.67 5.45
C TYR B 197 10.92 -22.97 4.82
N ILE B 198 10.80 -24.06 5.57
CA ILE B 198 11.22 -25.36 5.05
C ILE B 198 10.43 -25.92 3.83
N PRO B 199 9.10 -26.16 3.95
CA PRO B 199 8.39 -26.62 2.75
C PRO B 199 8.20 -25.55 1.67
N ASN B 200 8.22 -24.28 2.06
CA ASN B 200 7.94 -23.19 1.12
C ASN B 200 9.14 -22.74 0.28
N ILE B 201 10.33 -22.87 0.86
CA ILE B 201 11.52 -22.39 0.16
C ILE B 201 12.62 -23.45 0.11
N ILE B 202 13.12 -23.85 1.27
CA ILE B 202 14.28 -24.71 1.39
C ILE B 202 14.14 -26.06 0.67
N LEU B 203 13.07 -26.79 0.95
CA LEU B 203 12.91 -28.05 0.24
C LEU B 203 12.76 -27.84 -1.27
N PRO B 204 11.76 -27.04 -1.71
CA PRO B 204 11.63 -26.87 -3.15
C PRO B 204 12.93 -26.41 -3.81
N MET B 205 13.74 -25.67 -3.08
CA MET B 205 14.99 -25.18 -3.61
C MET B 205 16.06 -26.29 -3.71
N LEU B 206 15.95 -27.30 -2.84
CA LEU B 206 16.85 -28.44 -2.94
C LEU B 206 16.47 -29.34 -4.11
N PHE B 207 15.17 -29.63 -4.23
CA PHE B 207 14.67 -30.43 -5.34
C PHE B 207 15.16 -29.90 -6.70
N ILE B 208 14.92 -28.63 -7.01
CA ILE B 208 15.37 -28.09 -8.30
C ILE B 208 16.88 -28.22 -8.50
N LEU B 209 17.64 -28.26 -7.41
CA LEU B 209 19.08 -28.45 -7.51
C LEU B 209 19.40 -29.91 -7.86
N PHE B 210 18.73 -30.81 -7.15
CA PHE B 210 18.96 -32.25 -7.36
C PHE B 210 18.56 -32.65 -8.76
N ILE B 211 17.37 -32.23 -9.20
CA ILE B 211 16.94 -32.42 -10.57
C ILE B 211 18.01 -31.99 -11.58
N SER B 212 18.70 -30.89 -11.31
CA SER B 212 19.77 -30.43 -12.21
C SER B 212 20.93 -31.43 -12.25
N TRP B 213 21.04 -32.24 -11.20
CA TRP B 213 22.14 -33.20 -11.09
C TRP B 213 21.91 -34.51 -11.91
N THR B 214 20.67 -34.76 -12.32
CA THR B 214 20.39 -35.90 -13.17
C THR B 214 20.98 -35.73 -14.57
N ALA B 215 21.44 -34.53 -14.89
CA ALA B 215 22.11 -34.33 -16.16
C ALA B 215 23.47 -35.02 -16.15
N PHE B 216 23.89 -35.47 -14.97
CA PHE B 216 25.14 -36.24 -14.82
C PHE B 216 24.96 -37.72 -15.22
N TRP B 217 23.72 -38.18 -15.22
CA TRP B 217 23.39 -39.49 -15.77
C TRP B 217 22.93 -39.43 -17.22
N SER B 218 23.02 -38.26 -17.84
CA SER B 218 22.66 -38.16 -19.27
C SER B 218 23.81 -37.66 -20.16
N THR B 219 23.91 -38.28 -21.34
CA THR B 219 24.86 -37.88 -22.39
C THR B 219 24.24 -36.97 -23.45
N SER B 220 22.97 -36.60 -23.25
CA SER B 220 22.25 -35.78 -24.21
C SER B 220 22.40 -34.30 -23.90
N TYR B 221 23.06 -33.56 -24.79
CA TYR B 221 23.38 -32.16 -24.52
C TYR B 221 22.15 -31.29 -24.61
N GLU B 222 21.38 -31.44 -25.69
CA GLU B 222 20.13 -30.68 -25.87
C GLU B 222 19.22 -30.82 -24.64
N ALA B 223 19.05 -32.06 -24.18
CA ALA B 223 18.18 -32.31 -23.03
C ALA B 223 18.85 -31.96 -21.71
N ASN B 224 20.18 -31.91 -21.68
CA ASN B 224 20.85 -31.50 -20.45
C ASN B 224 20.84 -29.99 -20.27
N VAL B 225 21.10 -29.27 -21.35
CA VAL B 225 21.06 -27.82 -21.30
C VAL B 225 19.66 -27.40 -20.89
N THR B 226 18.62 -27.93 -21.54
CA THR B 226 17.24 -27.61 -21.14
C THR B 226 17.04 -27.84 -19.66
N LEU B 227 17.44 -29.01 -19.19
CA LEU B 227 17.36 -29.36 -17.78
C LEU B 227 18.07 -28.32 -16.90
N VAL B 228 19.39 -28.23 -16.99
CA VAL B 228 20.16 -27.36 -16.11
C VAL B 228 19.80 -25.85 -16.16
N VAL B 229 19.53 -25.33 -17.35
CA VAL B 229 19.19 -23.91 -17.49
C VAL B 229 17.79 -23.63 -16.95
N SER B 230 16.84 -24.53 -17.18
CA SER B 230 15.49 -24.33 -16.69
C SER B 230 15.41 -24.35 -15.16
N THR B 231 16.20 -25.21 -14.51
CA THR B 231 16.24 -25.24 -13.06
C THR B 231 16.98 -24.02 -12.51
N LEU B 232 17.82 -23.40 -13.32
CA LEU B 232 18.48 -22.19 -12.89
C LEU B 232 17.44 -21.11 -12.69
N ILE B 233 16.61 -20.97 -13.71
CA ILE B 233 15.52 -20.00 -13.72
C ILE B 233 14.64 -20.13 -12.47
N ALA B 234 14.24 -21.36 -12.15
CA ALA B 234 13.42 -21.59 -10.98
C ALA B 234 14.12 -21.10 -9.73
N HIS B 235 15.43 -21.30 -9.68
CA HIS B 235 16.22 -20.85 -8.54
C HIS B 235 16.33 -19.34 -8.49
N ILE B 236 16.21 -18.69 -9.64
CA ILE B 236 16.20 -17.24 -9.62
C ILE B 236 14.90 -16.77 -8.97
N ALA B 237 13.77 -17.37 -9.37
CA ALA B 237 12.48 -17.05 -8.75
C ALA B 237 12.54 -17.18 -7.25
N PHE B 238 13.19 -18.23 -6.76
CA PHE B 238 13.32 -18.39 -5.33
C PHE B 238 14.27 -17.38 -4.73
N ASN B 239 15.34 -17.08 -5.43
CA ASN B 239 16.21 -16.02 -4.94
C ASN B 239 15.45 -14.70 -4.81
N ILE B 240 14.72 -14.34 -5.86
CA ILE B 240 13.98 -13.08 -5.91
C ILE B 240 12.89 -13.03 -4.87
N LEU B 241 12.09 -14.09 -4.81
CA LEU B 241 11.04 -14.21 -3.80
C LEU B 241 11.56 -13.96 -2.40
N VAL B 242 12.68 -14.60 -2.08
CA VAL B 242 13.28 -14.48 -0.76
C VAL B 242 13.81 -13.07 -0.51
N GLU B 243 14.44 -12.48 -1.53
CA GLU B 243 15.11 -11.22 -1.33
C GLU B 243 14.17 -10.02 -1.28
N THR B 244 13.04 -10.08 -1.97
CA THR B 244 12.10 -8.96 -1.92
C THR B 244 11.41 -8.89 -0.56
N ASN B 245 11.49 -10.00 0.17
CA ASN B 245 10.92 -10.11 1.50
C ASN B 245 11.89 -9.70 2.63
N LEU B 246 13.08 -9.23 2.27
CA LEU B 246 14.09 -8.82 3.25
C LEU B 246 14.66 -7.44 2.93
N PRO B 247 15.09 -6.72 3.97
CA PRO B 247 15.77 -5.43 3.80
C PRO B 247 17.18 -5.64 3.27
N LYS B 248 17.82 -4.61 2.75
CA LYS B 248 19.14 -4.83 2.20
C LYS B 248 20.16 -4.64 3.32
N THR B 249 20.81 -5.73 3.71
CA THR B 249 21.79 -5.69 4.78
C THR B 249 23.19 -5.40 4.23
N PRO B 250 24.01 -4.66 4.98
CA PRO B 250 25.41 -4.42 4.60
C PRO B 250 26.24 -5.71 4.73
N TYR B 251 25.66 -6.70 5.42
CA TYR B 251 26.33 -7.94 5.73
C TYR B 251 25.65 -9.12 5.00
N MET B 252 26.11 -10.35 5.25
CA MET B 252 25.65 -11.50 4.48
C MET B 252 24.77 -12.42 5.32
N THR B 253 23.54 -12.66 4.84
CA THR B 253 22.58 -13.54 5.51
C THR B 253 22.87 -15.01 5.29
N TYR B 254 22.42 -15.86 6.20
CA TYR B 254 22.64 -17.30 6.05
C TYR B 254 21.95 -17.79 4.78
N THR B 255 20.65 -17.59 4.68
CA THR B 255 19.90 -17.89 3.47
C THR B 255 20.50 -17.23 2.22
N GLY B 256 21.08 -16.06 2.39
CA GLY B 256 21.62 -15.35 1.25
C GLY B 256 22.86 -16.04 0.76
N ALA B 257 23.62 -16.58 1.71
CA ALA B 257 24.83 -17.33 1.42
C ALA B 257 24.50 -18.59 0.63
N ILE B 258 23.67 -19.44 1.21
CA ILE B 258 23.18 -20.67 0.58
C ILE B 258 22.67 -20.40 -0.83
N ILE B 259 21.79 -19.41 -0.96
CA ILE B 259 21.24 -19.08 -2.28
C ILE B 259 22.36 -18.68 -3.22
N PHE B 260 23.36 -17.97 -2.71
CA PHE B 260 24.44 -17.54 -3.58
C PHE B 260 25.37 -18.68 -3.93
N MET B 261 25.67 -19.51 -2.93
CA MET B 261 26.53 -20.67 -3.13
C MET B 261 25.94 -21.56 -4.23
N ILE B 262 24.66 -21.86 -4.09
CA ILE B 262 23.94 -22.65 -5.08
C ILE B 262 24.05 -22.09 -6.49
N TYR B 263 24.25 -20.79 -6.62
CA TYR B 263 24.45 -20.25 -7.97
C TYR B 263 25.74 -20.80 -8.56
N LEU B 264 26.71 -21.11 -7.70
CA LEU B 264 27.99 -21.66 -8.19
C LEU B 264 27.85 -23.10 -8.69
N PHE B 265 27.18 -23.95 -7.91
CA PHE B 265 26.92 -25.31 -8.35
C PHE B 265 26.17 -25.36 -9.70
N TYR B 266 25.35 -24.37 -9.97
CA TYR B 266 24.67 -24.30 -11.26
C TYR B 266 25.65 -23.88 -12.32
N PHE B 267 26.63 -23.06 -11.95
CA PHE B 267 27.57 -22.55 -12.94
C PHE B 267 28.55 -23.65 -13.34
N VAL B 268 29.09 -24.33 -12.33
CA VAL B 268 30.01 -25.43 -12.59
C VAL B 268 29.34 -26.58 -13.35
N ALA B 269 28.17 -27.01 -12.91
CA ALA B 269 27.42 -28.02 -13.67
C ALA B 269 27.23 -27.62 -15.15
N VAL B 270 27.16 -26.34 -15.46
CA VAL B 270 27.11 -25.98 -16.88
C VAL B 270 28.47 -26.24 -17.52
N ILE B 271 29.55 -25.89 -16.83
CA ILE B 271 30.87 -26.11 -17.37
C ILE B 271 31.05 -27.58 -17.70
N GLU B 272 30.80 -28.44 -16.71
CA GLU B 272 30.84 -29.88 -16.91
C GLU B 272 29.99 -30.28 -18.11
N VAL B 273 28.72 -29.88 -18.10
CA VAL B 273 27.82 -30.22 -19.20
C VAL B 273 28.38 -29.77 -20.56
N THR B 274 29.06 -28.62 -20.56
CA THR B 274 29.65 -28.11 -21.80
C THR B 274 30.88 -28.96 -22.17
N VAL B 275 31.75 -29.20 -21.20
CA VAL B 275 32.93 -30.03 -21.42
C VAL B 275 32.58 -31.44 -21.92
N GLN B 276 31.73 -32.14 -21.19
CA GLN B 276 31.37 -33.51 -21.56
C GLN B 276 30.97 -33.61 -23.03
N HIS B 277 30.25 -32.61 -23.53
CA HIS B 277 29.83 -32.59 -24.92
C HIS B 277 30.92 -32.06 -25.85
N TYR B 278 31.91 -31.37 -25.32
CA TYR B 278 33.01 -30.91 -26.16
C TYR B 278 33.96 -32.04 -26.43
N LEU B 279 34.25 -32.81 -25.38
CA LEU B 279 35.03 -34.03 -25.55
C LEU B 279 34.28 -35.00 -26.47
N LYS B 280 33.06 -35.36 -26.10
CA LYS B 280 32.27 -36.27 -26.90
C LYS B 280 32.09 -35.79 -28.36
N VAL B 281 32.20 -34.48 -28.60
CA VAL B 281 32.17 -34.01 -29.99
C VAL B 281 33.53 -34.21 -30.67
N GLU B 282 34.60 -34.20 -29.88
CA GLU B 282 35.95 -34.37 -30.41
C GLU B 282 36.45 -35.83 -30.36
N SER B 283 35.56 -36.74 -29.99
CA SER B 283 35.89 -38.18 -29.96
C SER B 283 36.99 -38.48 -28.94
N GLN B 284 36.81 -37.98 -27.72
CA GLN B 284 37.55 -38.49 -26.57
C GLN B 284 36.64 -38.89 -25.39
N PRO B 285 35.71 -39.84 -25.61
CA PRO B 285 34.74 -40.29 -24.60
C PRO B 285 35.41 -40.92 -23.39
N ALA B 286 36.67 -41.29 -23.54
CA ALA B 286 37.46 -41.82 -22.45
C ALA B 286 37.40 -40.90 -21.24
N ARG B 287 37.73 -39.62 -21.46
CA ARG B 287 37.69 -38.60 -20.42
C ARG B 287 36.25 -38.12 -20.10
N ALA B 288 35.49 -37.83 -21.15
CA ALA B 288 34.12 -37.29 -21.01
C ALA B 288 33.26 -38.06 -20.02
N ALA B 289 32.96 -39.32 -20.30
CA ALA B 289 32.17 -40.10 -19.35
C ALA B 289 32.92 -40.38 -18.04
N SER B 290 34.22 -40.13 -18.00
CA SER B 290 34.96 -40.34 -16.77
C SER B 290 34.68 -39.23 -15.78
N ILE B 291 34.72 -37.99 -16.29
CA ILE B 291 34.39 -36.79 -15.52
C ILE B 291 32.96 -36.89 -15.02
N THR B 292 32.04 -37.05 -15.95
CA THR B 292 30.63 -37.22 -15.66
C THR B 292 30.39 -38.33 -14.64
N ARG B 293 31.28 -39.30 -14.55
CA ARG B 293 31.14 -40.35 -13.54
C ARG B 293 31.55 -39.84 -12.15
N ALA B 294 32.51 -38.91 -12.15
CA ALA B 294 33.03 -38.31 -10.92
C ALA B 294 32.10 -37.21 -10.39
N SER B 295 31.47 -36.48 -11.32
CA SER B 295 30.54 -35.42 -10.99
C SER B 295 29.42 -35.99 -10.15
N ARG B 296 28.91 -37.16 -10.56
CA ARG B 296 27.80 -37.81 -9.84
C ARG B 296 28.10 -38.00 -8.36
N ILE B 297 29.38 -37.94 -7.99
CA ILE B 297 29.82 -38.06 -6.62
C ILE B 297 30.22 -36.71 -6.07
N ALA B 298 31.23 -36.10 -6.69
CA ALA B 298 31.80 -34.84 -6.21
C ALA B 298 30.76 -33.73 -5.93
N PHE B 299 29.87 -33.49 -6.89
CA PHE B 299 28.84 -32.46 -6.74
C PHE B 299 28.03 -32.61 -5.45
N PRO B 300 27.39 -33.78 -5.22
CA PRO B 300 26.71 -33.86 -3.90
C PRO B 300 27.65 -33.74 -2.68
N VAL B 301 28.87 -34.24 -2.78
CA VAL B 301 29.73 -34.22 -1.61
C VAL B 301 30.28 -32.82 -1.34
N VAL B 302 30.75 -32.15 -2.37
CA VAL B 302 31.23 -30.79 -2.20
C VAL B 302 30.08 -29.88 -1.74
N PHE B 303 28.85 -30.33 -1.97
CA PHE B 303 27.70 -29.60 -1.48
C PHE B 303 27.57 -29.79 0.03
N LEU B 304 27.28 -31.02 0.46
CA LEU B 304 27.17 -31.36 1.88
C LEU B 304 28.40 -30.85 2.66
N LEU B 305 29.55 -30.84 2.00
CA LEU B 305 30.73 -30.32 2.63
C LEU B 305 30.57 -28.83 2.85
N ALA B 306 30.24 -28.11 1.78
CA ALA B 306 30.09 -26.64 1.86
C ALA B 306 29.02 -26.21 2.86
N ASN B 307 27.84 -26.84 2.76
CA ASN B 307 26.76 -26.55 3.67
C ASN B 307 27.17 -26.65 5.12
N ILE B 308 27.94 -27.67 5.47
CA ILE B 308 28.47 -27.78 6.82
C ILE B 308 29.41 -26.62 7.16
N ILE B 309 30.33 -26.29 6.27
CA ILE B 309 31.23 -25.18 6.54
C ILE B 309 30.44 -23.87 6.70
N LEU B 310 29.44 -23.66 5.84
CA LEU B 310 28.59 -22.47 5.95
C LEU B 310 27.85 -22.47 7.28
N ALA B 311 27.11 -23.56 7.54
CA ALA B 311 26.35 -23.67 8.77
C ALA B 311 27.24 -23.49 9.99
N PHE B 312 28.49 -23.90 9.88
CA PHE B 312 29.43 -23.73 10.96
C PHE B 312 29.77 -22.26 11.13
N LEU B 313 30.17 -21.61 10.03
CA LEU B 313 30.56 -20.18 10.08
C LEU B 313 29.45 -19.35 10.65
N PHE B 314 28.22 -19.66 10.29
CA PHE B 314 27.11 -18.84 10.76
C PHE B 314 26.79 -19.11 12.23
N PHE B 315 26.64 -20.38 12.61
CA PHE B 315 26.30 -20.71 13.99
C PHE B 315 27.53 -21.29 14.72
N GLY B 316 28.15 -20.53 15.60
CA GLY B 316 27.82 -19.13 15.81
C GLY B 316 29.03 -18.21 15.80
N VAL C 5 -19.24 13.32 37.21
CA VAL C 5 -17.95 12.90 36.68
C VAL C 5 -17.26 11.87 37.58
N SER C 6 -17.97 11.45 38.63
CA SER C 6 -17.50 10.40 39.54
C SER C 6 -18.48 9.24 39.40
N PRO C 7 -18.02 8.00 39.65
CA PRO C 7 -18.91 6.84 39.44
C PRO C 7 -19.99 6.70 40.50
N PRO C 8 -21.18 6.25 40.08
CA PRO C 8 -22.30 6.07 41.01
C PRO C 8 -21.88 5.29 42.26
N PRO C 9 -22.41 5.69 43.42
CA PRO C 9 -22.08 5.03 44.68
C PRO C 9 -22.75 3.67 44.81
N PRO C 10 -22.46 2.95 45.88
CA PRO C 10 -23.04 1.63 46.12
C PRO C 10 -24.02 1.63 47.28
N ILE C 11 -25.32 1.57 46.96
CA ILE C 11 -26.35 1.57 48.00
C ILE C 11 -26.30 0.34 48.92
N ALA C 12 -25.51 -0.65 48.53
CA ALA C 12 -25.23 -1.84 49.33
C ALA C 12 -23.79 -2.12 48.97
N ASP C 13 -23.21 -3.26 49.33
CA ASP C 13 -21.92 -3.49 48.70
C ASP C 13 -22.13 -4.33 47.45
N GLU C 14 -22.07 -3.68 46.30
CA GLU C 14 -22.36 -4.34 45.05
C GLU C 14 -21.60 -3.67 43.90
N PRO C 15 -21.22 -4.47 42.88
CA PRO C 15 -20.51 -3.92 41.72
C PRO C 15 -21.48 -3.20 40.80
N LEU C 16 -20.96 -2.30 39.96
CA LEU C 16 -21.79 -1.65 38.97
C LEU C 16 -21.89 -2.55 37.73
N THR C 17 -23.11 -2.91 37.34
CA THR C 17 -23.24 -3.75 36.15
C THR C 17 -23.59 -2.91 34.92
N VAL C 18 -22.67 -2.88 33.96
CA VAL C 18 -22.94 -2.24 32.68
C VAL C 18 -23.41 -3.28 31.67
N ASN C 19 -24.52 -2.98 31.01
CA ASN C 19 -25.11 -3.91 30.08
C ASN C 19 -24.74 -3.52 28.67
N THR C 20 -24.01 -4.41 28.03
CA THR C 20 -23.38 -4.10 26.76
C THR C 20 -24.07 -4.86 25.65
N GLY C 21 -24.07 -4.30 24.45
CA GLY C 21 -24.40 -5.07 23.26
C GLY C 21 -23.79 -4.47 22.02
N ILE C 22 -23.53 -5.31 21.03
CA ILE C 22 -22.92 -4.87 19.77
C ILE C 22 -23.83 -5.30 18.65
N TYR C 23 -24.15 -4.38 17.75
CA TYR C 23 -25.01 -4.74 16.65
C TYR C 23 -24.32 -4.38 15.37
N LEU C 24 -23.96 -5.41 14.60
CA LEU C 24 -23.14 -5.24 13.41
C LEU C 24 -23.91 -4.56 12.31
N ILE C 25 -23.32 -3.52 11.76
CA ILE C 25 -23.86 -2.80 10.62
C ILE C 25 -23.09 -3.23 9.37
N GLU C 26 -21.79 -2.93 9.37
CA GLU C 26 -20.89 -3.41 8.33
C GLU C 26 -19.81 -4.30 8.90
N CYS C 27 -19.54 -5.39 8.20
CA CYS C 27 -18.43 -6.25 8.51
C CYS C 27 -17.70 -6.38 7.18
N TYR C 28 -16.37 -6.29 7.18
CA TYR C 28 -15.62 -6.14 5.94
C TYR C 28 -14.09 -6.13 6.13
N SER C 29 -13.35 -6.17 5.01
CA SER C 29 -11.89 -6.24 4.98
C SER C 29 -11.26 -7.33 5.86
N LEU C 30 -11.68 -8.58 5.64
CA LEU C 30 -11.00 -9.69 6.28
C LEU C 30 -9.67 -9.92 5.56
N ASP C 31 -8.59 -9.85 6.32
CA ASP C 31 -7.24 -9.90 5.78
C ASP C 31 -6.50 -11.07 6.37
N ASP C 32 -6.19 -12.08 5.57
CA ASP C 32 -5.58 -13.28 6.11
C ASP C 32 -4.12 -13.12 6.58
N LYS C 33 -3.29 -12.38 5.83
CA LYS C 33 -1.89 -12.24 6.20
C LYS C 33 -1.71 -11.44 7.48
N ALA C 34 -2.53 -10.40 7.64
CA ALA C 34 -2.50 -9.59 8.85
C ALA C 34 -3.29 -10.22 9.96
N GLU C 35 -4.23 -11.08 9.58
CA GLU C 35 -5.18 -11.64 10.52
C GLU C 35 -6.03 -10.56 11.21
N THR C 36 -6.62 -9.68 10.40
CA THR C 36 -7.53 -8.65 10.87
C THR C 36 -8.83 -8.55 10.07
N PHE C 37 -9.82 -7.88 10.66
CA PHE C 37 -11.02 -7.46 9.93
C PHE C 37 -11.51 -6.11 10.46
N LYS C 38 -12.28 -5.42 9.63
CA LYS C 38 -12.81 -4.12 10.00
C LYS C 38 -14.29 -4.27 10.28
N VAL C 39 -14.79 -3.48 11.22
CA VAL C 39 -16.16 -3.66 11.67
C VAL C 39 -16.83 -2.32 11.91
N ASN C 40 -18.12 -2.26 11.60
CA ASN C 40 -18.89 -1.06 11.85
CA ASN C 40 -18.94 -1.06 11.76
C ASN C 40 -20.17 -1.44 12.60
N ALA C 41 -20.30 -0.92 13.80
CA ALA C 41 -21.38 -1.40 14.64
C ALA C 41 -21.88 -0.34 15.61
N PHE C 42 -23.06 -0.61 16.19
CA PHE C 42 -23.56 0.13 17.34
C PHE C 42 -23.00 -0.44 18.61
N LEU C 43 -22.55 0.43 19.50
CA LEU C 43 -22.29 -0.01 20.86
C LEU C 43 -23.43 0.49 21.75
N SER C 44 -24.02 -0.44 22.49
CA SER C 44 -25.03 -0.10 23.47
C SER C 44 -24.50 -0.39 24.87
N LEU C 45 -24.61 0.61 25.73
CA LEU C 45 -24.25 0.50 27.13
C LEU C 45 -25.42 0.90 28.00
N SER C 46 -25.67 0.15 29.08
CA SER C 46 -26.70 0.55 30.03
C SER C 46 -26.36 0.22 31.49
N TRP C 47 -26.53 1.21 32.36
CA TRP C 47 -26.25 1.06 33.79
C TRP C 47 -27.10 2.03 34.57
N LYS C 48 -27.22 1.80 35.88
CA LYS C 48 -28.03 2.67 36.75
C LYS C 48 -27.22 3.63 37.63
N ASP C 49 -27.32 4.93 37.35
CA ASP C 49 -26.75 5.93 38.26
C ASP C 49 -27.90 6.70 38.93
N ARG C 50 -28.12 6.44 40.23
CA ARG C 50 -29.30 6.93 40.92
C ARG C 50 -29.24 8.44 41.14
N ARG C 51 -28.01 8.97 41.19
CA ARG C 51 -27.79 10.41 41.27
C ARG C 51 -28.53 11.16 40.16
N LEU C 52 -28.85 10.45 39.08
CA LEU C 52 -29.56 11.03 37.97
C LEU C 52 -31.06 10.74 38.02
N ALA C 53 -31.51 10.03 39.06
CA ALA C 53 -32.92 9.63 39.16
C ALA C 53 -33.84 10.82 39.31
N PHE C 54 -35.09 10.65 38.88
CA PHE C 54 -36.05 11.74 38.90
C PHE C 54 -37.47 11.16 38.94
N ASP C 55 -38.45 11.98 39.31
CA ASP C 55 -39.82 11.49 39.44
C ASP C 55 -40.59 11.55 38.12
N PRO C 56 -41.13 10.40 37.69
CA PRO C 56 -41.93 10.31 36.46
C PRO C 56 -43.13 11.27 36.44
N VAL C 57 -43.90 11.31 37.53
CA VAL C 57 -45.10 12.16 37.62
C VAL C 57 -44.85 13.65 37.96
N ARG C 58 -43.92 13.89 38.90
CA ARG C 58 -43.47 15.25 39.24
C ARG C 58 -42.67 15.94 38.14
N SER C 59 -41.67 15.24 37.60
CA SER C 59 -40.79 15.81 36.58
C SER C 59 -41.46 15.79 35.21
N GLY C 60 -42.32 14.80 35.00
CA GLY C 60 -43.25 14.83 33.88
C GLY C 60 -42.81 14.39 32.50
N VAL C 61 -41.49 14.34 32.27
CA VAL C 61 -40.95 13.80 31.02
C VAL C 61 -40.61 12.34 31.23
N ARG C 62 -41.03 11.49 30.31
CA ARG C 62 -40.73 10.07 30.43
C ARG C 62 -39.22 9.85 30.53
N VAL C 63 -38.46 10.65 29.77
CA VAL C 63 -37.01 10.50 29.66
C VAL C 63 -36.23 11.83 29.48
N LYS C 64 -35.08 11.94 30.12
CA LYS C 64 -34.20 13.11 29.96
C LYS C 64 -32.97 12.84 29.05
N THR C 65 -32.63 13.81 28.19
CA THR C 65 -31.53 13.67 27.24
C THR C 65 -30.28 14.47 27.63
N TYR C 66 -29.15 13.80 27.70
CA TYR C 66 -27.89 14.44 28.09
C TYR C 66 -26.86 14.44 26.96
N GLU C 67 -25.94 15.40 27.02
CA GLU C 67 -24.73 15.33 26.25
C GLU C 67 -23.67 14.61 27.11
N PRO C 68 -22.69 13.94 26.47
CA PRO C 68 -21.70 13.07 27.13
C PRO C 68 -20.89 13.74 28.23
N GLU C 69 -20.72 15.05 28.13
CA GLU C 69 -19.93 15.80 29.10
C GLU C 69 -20.65 16.00 30.44
N ALA C 70 -21.98 16.00 30.42
CA ALA C 70 -22.77 16.15 31.66
C ALA C 70 -22.54 15.02 32.67
N ILE C 71 -22.64 13.78 32.23
CA ILE C 71 -22.65 12.67 33.16
C ILE C 71 -21.50 11.69 33.00
N TRP C 72 -21.23 10.96 34.08
CA TRP C 72 -20.19 9.95 34.10
C TRP C 72 -20.64 8.77 33.27
N ILE C 73 -19.75 8.34 32.38
CA ILE C 73 -19.97 7.19 31.50
C ILE C 73 -18.80 6.25 31.72
N PRO C 74 -19.05 4.93 31.79
CA PRO C 74 -17.90 4.11 32.14
C PRO C 74 -16.98 4.02 30.93
N GLU C 75 -15.71 3.76 31.16
CA GLU C 75 -14.79 3.67 30.04
C GLU C 75 -14.72 2.24 29.57
N ILE C 76 -15.28 2.02 28.39
CA ILE C 76 -15.34 0.69 27.80
C ILE C 76 -14.37 0.64 26.63
N ARG C 77 -13.47 -0.33 26.68
CA ARG C 77 -12.48 -0.49 25.63
C ARG C 77 -12.59 -1.87 25.02
N PHE C 78 -12.11 -1.99 23.78
CA PHE C 78 -11.96 -3.27 23.14
C PHE C 78 -10.55 -3.78 23.43
N VAL C 79 -10.41 -5.06 23.73
CA VAL C 79 -9.06 -5.55 24.00
C VAL C 79 -8.24 -5.69 22.73
N ASN C 80 -8.79 -6.35 21.72
CA ASN C 80 -8.04 -6.49 20.47
C ASN C 80 -8.57 -5.59 19.37
N VAL C 81 -7.83 -4.52 19.12
CA VAL C 81 -8.11 -3.55 18.07
C VAL C 81 -6.74 -2.97 17.77
N GLU C 82 -6.48 -2.58 16.52
CA GLU C 82 -5.21 -1.94 16.19
C GLU C 82 -5.08 -0.62 16.95
N ASN C 83 -6.07 0.23 16.83
CA ASN C 83 -6.11 1.43 17.67
C ASN C 83 -7.41 1.56 18.45
N ALA C 84 -7.59 2.68 19.13
CA ALA C 84 -8.87 2.95 19.72
C ALA C 84 -9.90 3.14 18.59
N ARG C 85 -11.13 2.67 18.84
CA ARG C 85 -12.23 2.79 17.89
C ARG C 85 -12.56 4.24 17.56
N ASP C 86 -13.09 4.47 16.36
CA ASP C 86 -13.57 5.77 15.98
C ASP C 86 -15.06 5.69 16.27
N ALA C 87 -15.52 6.51 17.22
CA ALA C 87 -16.88 6.41 17.75
C ALA C 87 -17.60 7.74 17.66
N ASP C 88 -18.90 7.68 17.39
CA ASP C 88 -19.75 8.85 17.41
C ASP C 88 -20.92 8.50 18.29
N VAL C 89 -21.22 9.34 19.29
CA VAL C 89 -22.31 9.04 20.21
C VAL C 89 -23.62 9.36 19.53
N VAL C 90 -24.45 8.34 19.41
CA VAL C 90 -25.74 8.46 18.76
C VAL C 90 -26.70 9.17 19.71
N ASN C 91 -26.93 8.58 20.88
CA ASN C 91 -27.85 9.15 21.84
C ASN C 91 -27.56 8.77 23.29
N ILE C 92 -27.87 9.69 24.21
CA ILE C 92 -27.89 9.37 25.64
C ILE C 92 -29.23 9.78 26.25
N SER C 93 -29.83 8.87 27.01
CA SER C 93 -31.16 9.08 27.60
C SER C 93 -31.24 8.47 28.99
N VAL C 94 -31.84 9.21 29.92
CA VAL C 94 -32.09 8.73 31.28
C VAL C 94 -33.56 8.49 31.60
N SER C 95 -33.82 7.31 32.17
CA SER C 95 -35.14 6.92 32.62
C SER C 95 -35.29 7.28 34.10
N PRO C 96 -36.54 7.49 34.57
CA PRO C 96 -36.78 8.05 35.90
C PRO C 96 -36.00 7.39 37.02
N ASP C 97 -35.84 6.08 36.96
CA ASP C 97 -35.22 5.41 38.10
C ASP C 97 -33.70 5.58 38.15
N GLY C 98 -33.14 6.19 37.11
CA GLY C 98 -31.69 6.39 37.02
C GLY C 98 -30.93 5.44 36.10
N THR C 99 -31.66 4.70 35.29
CA THR C 99 -31.06 3.80 34.31
C THR C 99 -30.67 4.57 33.04
N VAL C 100 -29.40 4.48 32.65
CA VAL C 100 -28.93 5.16 31.44
C VAL C 100 -28.91 4.25 30.21
N GLN C 101 -29.32 4.80 29.08
CA GLN C 101 -29.14 4.11 27.82
C GLN C 101 -28.16 4.89 26.95
N TYR C 102 -26.97 4.33 26.78
CA TYR C 102 -25.93 4.92 25.95
C TYR C 102 -25.83 4.21 24.60
N LEU C 103 -25.79 4.98 23.51
CA LEU C 103 -25.62 4.41 22.19
C LEU C 103 -24.66 5.18 21.28
N GLU C 104 -23.64 4.48 20.79
CA GLU C 104 -22.71 5.02 19.81
C GLU C 104 -22.63 4.13 18.59
N ARG C 105 -22.13 4.70 17.49
CA ARG C 105 -21.81 3.95 16.30
C ARG C 105 -20.32 4.04 16.08
N PHE C 106 -19.64 2.91 16.19
CA PHE C 106 -18.18 2.91 16.10
C PHE C 106 -17.66 2.14 14.88
N SER C 107 -16.45 2.49 14.46
CA SER C 107 -15.74 1.73 13.43
C SER C 107 -14.38 1.31 13.97
N ALA C 108 -14.17 0.01 14.13
CA ALA C 108 -12.86 -0.44 14.59
C ALA C 108 -12.19 -1.45 13.64
N ARG C 109 -10.87 -1.63 13.79
CA ARG C 109 -10.19 -2.71 13.10
C ARG C 109 -9.67 -3.75 14.10
N VAL C 110 -10.30 -4.92 14.07
CA VAL C 110 -10.09 -5.94 15.10
C VAL C 110 -8.97 -6.91 14.74
N LEU C 111 -8.15 -7.29 15.72
CA LEU C 111 -7.11 -8.28 15.43
C LEU C 111 -7.44 -9.61 16.08
N SER C 112 -7.95 -10.51 15.24
CA SER C 112 -8.29 -11.89 15.61
C SER C 112 -7.52 -12.89 14.77
N PRO C 113 -6.71 -13.77 15.39
CA PRO C 113 -5.95 -14.79 14.66
C PRO C 113 -6.85 -15.81 13.97
N LEU C 114 -6.37 -16.44 12.91
CA LEU C 114 -7.19 -17.37 12.11
C LEU C 114 -6.56 -18.74 12.10
N ASP C 115 -7.34 -19.77 11.80
CA ASP C 115 -6.78 -21.12 11.73
C ASP C 115 -6.73 -21.60 10.29
N PHE C 116 -5.51 -21.76 9.79
CA PHE C 116 -5.32 -22.06 8.37
C PHE C 116 -5.13 -23.53 7.98
N ARG C 117 -5.17 -24.45 8.94
CA ARG C 117 -4.93 -25.87 8.69
C ARG C 117 -5.75 -26.50 7.55
N ARG C 118 -7.05 -26.23 7.55
CA ARG C 118 -7.98 -26.77 6.56
C ARG C 118 -8.21 -25.88 5.35
N TYR C 119 -7.42 -24.81 5.22
CA TYR C 119 -7.53 -23.90 4.09
C TYR C 119 -7.46 -24.60 2.70
N PRO C 120 -8.28 -24.14 1.74
CA PRO C 120 -9.35 -23.19 2.06
C PRO C 120 -10.66 -23.85 2.40
N PHE C 121 -10.67 -24.86 3.26
CA PHE C 121 -11.95 -25.40 3.72
C PHE C 121 -12.36 -24.97 5.12
N ASP C 122 -11.49 -24.17 5.72
CA ASP C 122 -11.56 -23.76 7.13
C ASP C 122 -12.74 -22.86 7.48
N SER C 123 -13.15 -22.93 8.74
CA SER C 123 -14.09 -21.99 9.30
C SER C 123 -13.41 -21.31 10.49
N GLN C 124 -13.75 -20.05 10.70
CA GLN C 124 -13.10 -19.24 11.71
C GLN C 124 -14.07 -18.65 12.73
N THR C 125 -13.59 -18.49 13.97
CA THR C 125 -14.34 -17.70 14.94
C THR C 125 -13.63 -16.37 15.25
N LEU C 126 -14.23 -15.29 14.80
CA LEU C 126 -13.68 -13.99 15.11
C LEU C 126 -14.15 -13.54 16.50
N HIS C 127 -13.25 -12.88 17.21
CA HIS C 127 -13.49 -12.43 18.56
C HIS C 127 -13.41 -10.92 18.68
N ILE C 128 -14.45 -10.31 19.23
CA ILE C 128 -14.36 -8.94 19.69
C ILE C 128 -14.42 -8.93 21.22
N TYR C 129 -13.38 -8.47 21.90
CA TYR C 129 -13.40 -8.44 23.37
C TYR C 129 -13.62 -7.06 23.95
N LEU C 130 -14.69 -6.92 24.73
CA LEU C 130 -15.01 -5.70 25.47
C LEU C 130 -14.44 -5.79 26.86
N ILE C 131 -13.95 -4.68 27.38
CA ILE C 131 -13.38 -4.70 28.71
C ILE C 131 -13.67 -3.39 29.47
N VAL C 132 -13.72 -3.47 30.79
CA VAL C 132 -13.86 -2.28 31.63
C VAL C 132 -13.03 -2.46 32.92
N ARG C 133 -12.34 -1.40 33.33
CA ARG C 133 -11.45 -1.47 34.50
C ARG C 133 -12.10 -0.81 35.70
N SER C 134 -12.03 -1.48 36.84
CA SER C 134 -12.68 -0.98 38.05
C SER C 134 -11.92 0.19 38.63
N VAL C 135 -12.67 1.09 39.27
CA VAL C 135 -12.10 2.27 39.91
C VAL C 135 -11.85 2.03 41.40
N ASP C 136 -11.37 3.06 42.10
CA ASP C 136 -11.06 2.92 43.51
C ASP C 136 -12.34 2.89 44.35
N THR C 137 -13.29 3.73 43.96
CA THR C 137 -14.55 3.82 44.66
C THR C 137 -15.53 2.68 44.42
N ARG C 138 -15.39 1.96 43.30
CA ARG C 138 -16.32 0.86 42.98
C ARG C 138 -15.77 -0.11 41.94
N ASN C 139 -16.39 -1.28 41.85
CA ASN C 139 -16.04 -2.29 40.87
C ASN C 139 -17.06 -2.27 39.77
N ILE C 140 -16.58 -2.31 38.53
CA ILE C 140 -17.49 -2.36 37.40
C ILE C 140 -17.39 -3.71 36.74
N VAL C 141 -18.56 -4.20 36.34
CA VAL C 141 -18.71 -5.54 35.86
C VAL C 141 -19.62 -5.55 34.63
N LEU C 142 -19.12 -6.19 33.58
CA LEU C 142 -19.86 -6.29 32.33
C LEU C 142 -20.93 -7.38 32.33
N ALA C 143 -21.96 -7.15 31.54
CA ALA C 143 -23.03 -8.12 31.39
C ALA C 143 -23.66 -7.92 30.02
N VAL C 144 -24.25 -8.98 29.48
CA VAL C 144 -24.77 -8.91 28.11
C VAL C 144 -26.27 -8.71 28.09
N ASP C 145 -26.72 -7.67 27.40
CA ASP C 145 -28.15 -7.53 27.15
C ASP C 145 -28.43 -7.97 25.71
N LEU C 146 -29.06 -9.14 25.59
CA LEU C 146 -29.15 -9.84 24.30
C LEU C 146 -30.06 -9.23 23.22
N GLU C 147 -30.90 -8.27 23.56
CA GLU C 147 -31.73 -7.66 22.52
C GLU C 147 -31.04 -6.48 21.88
N LYS C 148 -29.92 -6.09 22.48
CA LYS C 148 -29.04 -5.06 21.94
C LYS C 148 -27.87 -5.64 21.13
N VAL C 149 -27.89 -6.97 20.97
CA VAL C 149 -26.89 -7.76 20.26
C VAL C 149 -27.44 -8.35 18.97
N GLY C 150 -26.78 -8.10 17.84
CA GLY C 150 -27.21 -8.67 16.58
C GLY C 150 -26.33 -8.30 15.41
N LYS C 151 -26.91 -8.43 14.21
CA LYS C 151 -26.27 -7.98 12.99
C LYS C 151 -27.33 -7.61 11.96
N ASN C 152 -27.01 -6.67 11.09
CA ASN C 152 -27.92 -6.25 10.04
C ASN C 152 -28.04 -7.42 9.07
N ASP C 153 -29.07 -7.41 8.24
CA ASP C 153 -29.24 -8.49 7.28
C ASP C 153 -28.50 -8.22 5.98
N ASP C 154 -27.98 -7.01 5.87
CA ASP C 154 -27.18 -6.62 4.71
C ASP C 154 -25.69 -6.84 4.95
N VAL C 155 -25.36 -7.39 6.12
CA VAL C 155 -23.95 -7.52 6.50
C VAL C 155 -23.29 -8.64 5.71
N PHE C 156 -22.23 -8.32 4.98
CA PHE C 156 -21.55 -9.30 4.14
C PHE C 156 -20.03 -9.22 4.20
N LEU C 157 -19.39 -10.34 4.47
CA LEU C 157 -17.95 -10.38 4.50
C LEU C 157 -17.47 -11.03 3.22
N THR C 158 -16.86 -10.25 2.33
CA THR C 158 -16.54 -10.77 1.00
C THR C 158 -15.61 -11.97 1.02
N GLY C 159 -16.03 -13.02 0.32
CA GLY C 159 -15.28 -14.25 0.25
C GLY C 159 -15.53 -15.13 1.45
N TRP C 160 -16.45 -14.71 2.31
CA TRP C 160 -16.83 -15.54 3.44
C TRP C 160 -18.34 -15.63 3.66
N ASP C 161 -18.73 -16.69 4.34
CA ASP C 161 -20.13 -16.87 4.73
C ASP C 161 -20.20 -16.66 6.23
N ILE C 162 -21.11 -15.81 6.68
CA ILE C 162 -21.24 -15.51 8.10
C ILE C 162 -22.28 -16.44 8.73
N GLU C 163 -21.84 -17.34 9.60
CA GLU C 163 -22.77 -18.23 10.31
C GLU C 163 -23.61 -17.55 11.40
N SER C 164 -22.94 -16.90 12.34
CA SER C 164 -23.61 -16.33 13.50
C SER C 164 -22.83 -15.20 14.13
N PHE C 165 -23.55 -14.32 14.82
CA PHE C 165 -22.91 -13.35 15.71
C PHE C 165 -23.63 -13.49 17.04
N THR C 166 -22.89 -13.92 18.05
CA THR C 166 -23.45 -14.23 19.36
C THR C 166 -22.44 -13.79 20.40
N ALA C 167 -22.87 -13.63 21.66
CA ALA C 167 -21.97 -13.20 22.73
C ALA C 167 -21.90 -14.23 23.85
N VAL C 168 -20.73 -14.35 24.48
CA VAL C 168 -20.57 -15.21 25.64
C VAL C 168 -20.92 -14.40 26.87
N VAL C 169 -21.93 -14.88 27.59
CA VAL C 169 -22.64 -14.09 28.60
C VAL C 169 -21.91 -13.88 29.91
N LYS C 170 -21.21 -14.91 30.40
CA LYS C 170 -20.44 -14.76 31.63
C LYS C 170 -19.09 -14.11 31.34
N PRO C 171 -18.88 -12.89 31.87
CA PRO C 171 -17.60 -12.20 31.68
C PRO C 171 -16.51 -12.89 32.46
N ALA C 172 -15.28 -12.89 31.95
CA ALA C 172 -14.19 -13.45 32.73
C ALA C 172 -13.55 -12.30 33.51
N ASN C 173 -13.76 -12.33 34.83
CA ASN C 173 -13.28 -11.28 35.71
C ASN C 173 -11.98 -11.72 36.35
N PHE C 174 -11.02 -10.81 36.43
CA PHE C 174 -9.67 -11.17 36.83
C PHE C 174 -8.97 -9.90 37.34
N ALA C 175 -7.74 -10.05 37.81
CA ALA C 175 -7.04 -8.98 38.49
C ALA C 175 -5.77 -8.57 37.78
N LEU C 176 -5.72 -7.33 37.35
CA LEU C 176 -4.53 -6.78 36.71
C LEU C 176 -4.15 -5.43 37.31
N GLN C 177 -2.97 -5.37 37.90
CA GLN C 177 -2.44 -4.16 38.52
C GLN C 177 -3.36 -3.59 39.59
N ASN C 178 -3.73 -4.43 40.56
CA ASN C 178 -4.49 -4.02 41.75
C ASN C 178 -5.95 -3.63 41.53
N ARG C 179 -6.36 -3.49 40.28
CA ARG C 179 -7.78 -3.28 39.98
C ARG C 179 -8.41 -4.53 39.38
N LEU C 180 -9.70 -4.44 39.09
CA LEU C 180 -10.48 -5.56 38.61
C LEU C 180 -10.92 -5.29 37.20
N GLU C 181 -10.75 -6.30 36.34
CA GLU C 181 -11.18 -6.17 34.97
C GLU C 181 -12.24 -7.18 34.58
N SER C 182 -13.31 -6.66 33.97
CA SER C 182 -14.41 -7.48 33.46
C SER C 182 -14.32 -7.44 31.97
N LYS C 183 -14.07 -8.61 31.37
CA LYS C 183 -13.86 -8.74 29.94
C LYS C 183 -14.96 -9.58 29.31
N LEU C 184 -15.56 -9.07 28.22
CA LEU C 184 -16.62 -9.80 27.51
C LEU C 184 -16.19 -10.25 26.10
N ASP C 185 -16.68 -11.41 25.67
CA ASP C 185 -16.25 -12.03 24.40
C ASP C 185 -17.37 -12.18 23.38
N TYR C 186 -17.29 -11.41 22.30
CA TYR C 186 -18.25 -11.51 21.21
C TYR C 186 -17.65 -12.33 20.08
N GLN C 187 -18.42 -13.28 19.54
CA GLN C 187 -17.89 -14.22 18.57
C GLN C 187 -18.58 -14.12 17.23
N LEU C 188 -17.79 -13.82 16.19
CA LEU C 188 -18.30 -13.87 14.84
C LEU C 188 -17.89 -15.22 14.28
N ARG C 189 -18.87 -15.94 13.73
CA ARG C 189 -18.57 -17.25 13.19
C ARG C 189 -18.78 -17.28 11.69
N ILE C 190 -17.69 -17.61 10.99
CA ILE C 190 -17.67 -17.55 9.55
C ILE C 190 -17.03 -18.78 8.93
N SER C 191 -17.47 -19.12 7.72
CA SER C 191 -16.92 -20.22 6.96
C SER C 191 -16.39 -19.67 5.64
N ARG C 192 -15.23 -20.14 5.21
CA ARG C 192 -14.65 -19.59 3.98
C ARG C 192 -15.37 -20.08 2.76
N GLN C 193 -15.51 -19.23 1.74
CA GLN C 193 -16.14 -19.68 0.53
C GLN C 193 -15.07 -20.18 -0.42
N TYR C 194 -15.06 -21.50 -0.62
CA TYR C 194 -13.95 -22.19 -1.27
C TYR C 194 -14.09 -22.34 -2.79
N PHE C 195 -15.28 -22.04 -3.31
CA PHE C 195 -15.61 -22.29 -4.72
C PHE C 195 -14.57 -21.78 -5.71
N SER C 196 -14.18 -20.50 -5.58
CA SER C 196 -13.26 -19.89 -6.52
C SER C 196 -11.92 -20.61 -6.59
N TYR C 197 -11.51 -21.20 -5.47
CA TYR C 197 -10.20 -21.86 -5.40
C TYR C 197 -10.11 -23.02 -6.36
N ILE C 198 -11.27 -23.65 -6.62
CA ILE C 198 -11.33 -24.79 -7.50
C ILE C 198 -10.97 -24.50 -8.97
N PRO C 199 -11.69 -23.59 -9.66
CA PRO C 199 -11.16 -23.31 -11.00
C PRO C 199 -9.85 -22.51 -11.04
N ASN C 200 -9.60 -21.67 -10.02
CA ASN C 200 -8.46 -20.78 -10.03
C ASN C 200 -7.11 -21.38 -9.61
N ILE C 201 -7.15 -22.36 -8.71
CA ILE C 201 -5.91 -22.95 -8.17
C ILE C 201 -5.85 -24.47 -8.32
N ILE C 202 -6.78 -25.17 -7.68
CA ILE C 202 -6.75 -26.62 -7.59
C ILE C 202 -6.78 -27.32 -8.95
N LEU C 203 -7.74 -26.95 -9.79
CA LEU C 203 -7.81 -27.61 -11.09
C LEU C 203 -6.57 -27.39 -11.98
N PRO C 204 -6.19 -26.13 -12.27
CA PRO C 204 -4.99 -25.99 -13.10
C PRO C 204 -3.78 -26.69 -12.48
N MET C 205 -3.77 -26.80 -11.17
CA MET C 205 -2.63 -27.41 -10.54
C MET C 205 -2.61 -28.90 -10.79
N LEU C 206 -3.78 -29.49 -10.99
CA LEU C 206 -3.88 -30.92 -11.35
C LEU C 206 -3.50 -31.19 -12.81
N PHE C 207 -4.05 -30.37 -13.72
CA PHE C 207 -3.76 -30.50 -15.14
C PHE C 207 -2.27 -30.52 -15.41
N ILE C 208 -1.55 -29.50 -14.93
CA ILE C 208 -0.11 -29.49 -15.14
C ILE C 208 0.57 -30.73 -14.59
N LEU C 209 -0.04 -31.37 -13.58
CA LEU C 209 0.53 -32.59 -13.04
C LEU C 209 0.25 -33.74 -14.01
N PHE C 210 -0.99 -33.83 -14.47
CA PHE C 210 -1.42 -34.90 -15.37
C PHE C 210 -0.64 -34.83 -16.67
N ILE C 211 -0.56 -33.64 -17.24
CA ILE C 211 0.28 -33.38 -18.38
C ILE C 211 1.70 -33.89 -18.14
N SER C 212 2.25 -33.71 -16.95
CA SER C 212 3.61 -34.19 -16.73
C SER C 212 3.66 -35.71 -16.82
N TRP C 213 2.53 -36.36 -16.56
CA TRP C 213 2.43 -37.81 -16.55
C TRP C 213 2.36 -38.43 -17.95
N THR C 214 2.04 -37.62 -18.95
CA THR C 214 2.04 -38.09 -20.31
C THR C 214 3.46 -38.42 -20.77
N ALA C 215 4.45 -38.05 -19.97
CA ALA C 215 5.84 -38.36 -20.26
C ALA C 215 6.09 -39.84 -20.09
N PHE C 216 5.14 -40.54 -19.48
CA PHE C 216 5.23 -41.99 -19.30
C PHE C 216 4.82 -42.77 -20.56
N TRP C 217 4.06 -42.13 -21.43
CA TRP C 217 3.72 -42.70 -22.73
C TRP C 217 4.69 -42.27 -23.82
N SER C 218 5.75 -41.58 -23.44
CA SER C 218 6.79 -41.16 -24.37
C SER C 218 8.14 -41.73 -24.00
N THR C 219 8.90 -42.14 -25.00
CA THR C 219 10.27 -42.60 -24.83
C THR C 219 11.31 -41.52 -25.14
N SER C 220 10.86 -40.32 -25.50
CA SER C 220 11.79 -39.27 -25.90
C SER C 220 12.28 -38.46 -24.75
N TYR C 221 13.57 -38.53 -24.48
CA TYR C 221 14.12 -37.88 -23.31
C TYR C 221 14.12 -36.37 -23.50
N GLU C 222 14.56 -35.94 -24.67
CA GLU C 222 14.60 -34.52 -25.03
C GLU C 222 13.25 -33.88 -24.76
N ALA C 223 12.20 -34.50 -25.27
CA ALA C 223 10.84 -33.98 -25.10
C ALA C 223 10.23 -34.32 -23.74
N ASN C 224 10.74 -35.33 -23.06
CA ASN C 224 10.23 -35.66 -21.74
C ASN C 224 10.78 -34.73 -20.67
N VAL C 225 12.07 -34.46 -20.74
CA VAL C 225 12.66 -33.52 -19.82
C VAL C 225 11.96 -32.18 -20.05
N THR C 226 11.89 -31.74 -21.30
CA THR C 226 11.23 -30.48 -21.63
C THR C 226 9.85 -30.44 -21.01
N LEU C 227 9.08 -31.51 -21.20
CA LEU C 227 7.77 -31.63 -20.58
C LEU C 227 7.80 -31.50 -19.05
N VAL C 228 8.42 -32.48 -18.40
CA VAL C 228 8.41 -32.60 -16.94
C VAL C 228 8.99 -31.40 -16.17
N VAL C 229 10.05 -30.80 -16.70
CA VAL C 229 10.62 -29.61 -16.06
C VAL C 229 9.72 -28.39 -16.26
N SER C 230 9.16 -28.21 -17.45
CA SER C 230 8.29 -27.07 -17.73
C SER C 230 7.01 -27.09 -16.91
N THR C 231 6.46 -28.27 -16.66
CA THR C 231 5.25 -28.36 -15.85
C THR C 231 5.59 -28.12 -14.39
N LEU C 232 6.84 -28.37 -14.01
CA LEU C 232 7.27 -28.12 -12.65
C LEU C 232 7.22 -26.64 -12.35
N ILE C 233 7.80 -25.88 -13.26
CA ILE C 233 7.82 -24.43 -13.20
C ILE C 233 6.44 -23.85 -12.95
N ALA C 234 5.44 -24.28 -13.71
CA ALA C 234 4.08 -23.82 -13.48
C ALA C 234 3.62 -24.14 -12.06
N HIS C 235 4.04 -25.28 -11.54
CA HIS C 235 3.64 -25.62 -10.17
C HIS C 235 4.33 -24.70 -9.16
N ILE C 236 5.49 -24.16 -9.50
CA ILE C 236 6.11 -23.18 -8.61
C ILE C 236 5.31 -21.89 -8.61
N ALA C 237 4.93 -21.45 -9.81
CA ALA C 237 4.10 -20.25 -9.98
C ALA C 237 2.88 -20.34 -9.10
N PHE C 238 2.28 -21.52 -9.04
CA PHE C 238 1.13 -21.71 -8.17
C PHE C 238 1.50 -21.83 -6.70
N ASN C 239 2.61 -22.49 -6.39
CA ASN C 239 3.12 -22.57 -5.02
C ASN C 239 3.37 -21.17 -4.47
N ILE C 240 4.04 -20.34 -5.28
CA ILE C 240 4.33 -18.97 -4.88
C ILE C 240 3.06 -18.18 -4.75
N LEU C 241 2.20 -18.19 -5.77
CA LEU C 241 0.92 -17.50 -5.73
C LEU C 241 0.13 -17.84 -4.49
N VAL C 242 0.08 -19.12 -4.12
CA VAL C 242 -0.68 -19.48 -2.93
C VAL C 242 -0.08 -18.93 -1.63
N GLU C 243 1.24 -19.07 -1.46
CA GLU C 243 1.87 -18.78 -0.18
C GLU C 243 2.02 -17.30 0.09
N THR C 244 2.01 -16.48 -0.95
CA THR C 244 2.08 -15.04 -0.73
C THR C 244 0.79 -14.48 -0.14
N ASN C 245 -0.31 -15.17 -0.35
CA ASN C 245 -1.62 -14.77 0.17
C ASN C 245 -1.92 -15.37 1.54
N LEU C 246 -0.92 -16.01 2.13
CA LEU C 246 -1.13 -16.59 3.44
C LEU C 246 -0.02 -16.13 4.36
N PRO C 247 -0.33 -15.98 5.64
CA PRO C 247 0.65 -15.66 6.68
C PRO C 247 1.49 -16.89 6.98
N LYS C 248 2.63 -16.74 7.63
CA LYS C 248 3.50 -17.88 7.82
C LYS C 248 3.16 -18.57 9.12
N THR C 249 2.59 -19.77 8.99
CA THR C 249 2.13 -20.57 10.11
C THR C 249 3.22 -21.52 10.65
N PRO C 250 3.24 -21.73 11.96
CA PRO C 250 4.17 -22.69 12.58
C PRO C 250 3.80 -24.12 12.24
N TYR C 251 2.58 -24.30 11.73
CA TYR C 251 2.01 -25.60 11.45
C TYR C 251 1.76 -25.75 9.95
N MET C 252 1.15 -26.87 9.54
CA MET C 252 1.04 -27.20 8.12
C MET C 252 -0.39 -27.10 7.59
N THR C 253 -0.60 -26.30 6.54
CA THR C 253 -1.91 -26.17 5.92
C THR C 253 -2.23 -27.35 5.03
N TYR C 254 -3.52 -27.59 4.81
CA TYR C 254 -3.94 -28.68 3.93
C TYR C 254 -3.37 -28.44 2.53
N THR C 255 -3.71 -27.29 1.97
CA THR C 255 -3.17 -26.87 0.68
C THR C 255 -1.63 -26.93 0.70
N GLY C 256 -1.04 -26.72 1.85
CA GLY C 256 0.39 -26.70 1.93
C GLY C 256 0.93 -28.11 1.81
N ALA C 257 0.21 -29.06 2.40
CA ALA C 257 0.58 -30.46 2.29
C ALA C 257 0.44 -30.90 0.83
N ILE C 258 -0.73 -30.69 0.26
CA ILE C 258 -0.97 -31.04 -1.13
C ILE C 258 0.11 -30.49 -2.04
N ILE C 259 0.36 -29.19 -1.97
CA ILE C 259 1.37 -28.55 -2.82
C ILE C 259 2.76 -29.13 -2.59
N PHE C 260 3.05 -29.47 -1.34
CA PHE C 260 4.37 -30.00 -1.04
C PHE C 260 4.49 -31.42 -1.52
N MET C 261 3.42 -32.19 -1.35
CA MET C 261 3.39 -33.58 -1.81
C MET C 261 3.67 -33.64 -3.31
N ILE C 262 2.94 -32.84 -4.07
CA ILE C 262 3.12 -32.74 -5.51
C ILE C 262 4.55 -32.41 -5.91
N TYR C 263 5.31 -31.78 -5.04
CA TYR C 263 6.72 -31.54 -5.34
C TYR C 263 7.47 -32.85 -5.44
N LEU C 264 7.03 -33.86 -4.69
CA LEU C 264 7.67 -35.18 -4.69
C LEU C 264 7.46 -35.93 -6.01
N PHE C 265 6.20 -35.93 -6.44
CA PHE C 265 5.85 -36.55 -7.68
C PHE C 265 6.65 -36.00 -8.86
N TYR C 266 7.01 -34.74 -8.82
CA TYR C 266 7.80 -34.21 -9.92
C TYR C 266 9.21 -34.73 -9.80
N PHE C 267 9.67 -34.93 -8.58
CA PHE C 267 11.06 -35.32 -8.41
C PHE C 267 11.20 -36.75 -8.83
N VAL C 268 10.26 -37.59 -8.39
CA VAL C 268 10.27 -38.99 -8.77
C VAL C 268 10.07 -39.14 -10.28
N ALA C 269 9.03 -38.50 -10.83
CA ALA C 269 8.80 -38.50 -12.28
C ALA C 269 10.04 -38.08 -13.04
N VAL C 270 10.89 -37.27 -12.42
CA VAL C 270 12.17 -36.97 -13.03
C VAL C 270 13.08 -38.18 -12.92
N ILE C 271 13.09 -38.84 -11.75
CA ILE C 271 13.95 -40.01 -11.56
C ILE C 271 13.60 -41.09 -12.56
N GLU C 272 12.31 -41.42 -12.62
CA GLU C 272 11.82 -42.36 -13.62
C GLU C 272 12.30 -41.96 -15.00
N VAL C 273 12.06 -40.72 -15.40
CA VAL C 273 12.47 -40.25 -16.72
C VAL C 273 13.97 -40.44 -16.95
N THR C 274 14.77 -40.22 -15.92
CA THR C 274 16.21 -40.36 -16.07
C THR C 274 16.59 -41.84 -16.19
N VAL C 275 16.03 -42.65 -15.29
CA VAL C 275 16.25 -44.08 -15.33
C VAL C 275 15.91 -44.71 -16.68
N GLN C 276 14.69 -44.46 -17.17
CA GLN C 276 14.25 -45.00 -18.44
C GLN C 276 15.21 -44.73 -19.60
N HIS C 277 15.81 -43.54 -19.62
CA HIS C 277 16.78 -43.22 -20.66
C HIS C 277 18.15 -43.77 -20.35
N TYR C 278 18.41 -44.08 -19.08
CA TYR C 278 19.71 -44.65 -18.71
C TYR C 278 19.73 -46.11 -19.07
N LEU C 279 18.63 -46.80 -18.79
CA LEU C 279 18.47 -48.17 -19.24
C LEU C 279 18.51 -48.19 -20.77
N LYS C 280 17.62 -47.43 -21.41
CA LYS C 280 17.60 -47.36 -22.86
C LYS C 280 18.95 -46.92 -23.48
N VAL C 281 19.78 -46.19 -22.75
CA VAL C 281 21.11 -45.92 -23.28
C VAL C 281 22.07 -47.09 -23.05
N GLU C 282 21.82 -47.85 -21.98
CA GLU C 282 22.64 -49.00 -21.64
C GLU C 282 22.08 -50.31 -22.21
N SER C 283 21.03 -50.15 -23.00
CA SER C 283 20.45 -51.24 -23.77
C SER C 283 19.84 -52.38 -22.96
N GLN C 284 19.02 -52.07 -21.97
CA GLN C 284 18.06 -53.08 -21.49
C GLN C 284 16.63 -52.53 -21.47
N PRO C 285 16.09 -52.19 -22.67
CA PRO C 285 14.75 -51.61 -22.80
C PRO C 285 13.68 -52.53 -22.23
N ALA C 286 14.04 -53.79 -22.01
CA ALA C 286 13.17 -54.74 -21.34
C ALA C 286 12.69 -54.17 -20.01
N ARG C 287 13.64 -53.72 -19.19
CA ARG C 287 13.31 -53.08 -17.91
C ARG C 287 12.78 -51.66 -18.10
N ALA C 288 13.49 -50.87 -18.92
CA ALA C 288 13.12 -49.48 -19.15
C ALA C 288 11.63 -49.36 -19.47
N ALA C 289 11.18 -49.94 -20.57
CA ALA C 289 9.76 -49.89 -20.89
C ALA C 289 8.88 -50.68 -19.91
N SER C 290 9.49 -51.48 -19.02
CA SER C 290 8.68 -52.16 -18.00
C SER C 290 8.34 -51.20 -16.88
N ILE C 291 9.36 -50.47 -16.43
CA ILE C 291 9.22 -49.46 -15.40
C ILE C 291 8.25 -48.41 -15.87
N THR C 292 8.57 -47.80 -17.00
CA THR C 292 7.72 -46.81 -17.63
C THR C 292 6.30 -47.33 -17.81
N ARG C 293 6.16 -48.64 -17.92
CA ARG C 293 4.84 -49.25 -18.05
C ARG C 293 4.14 -49.26 -16.69
N ALA C 294 4.93 -49.41 -15.63
CA ALA C 294 4.40 -49.49 -14.27
C ALA C 294 4.05 -48.09 -13.76
N SER C 295 4.84 -47.11 -14.20
CA SER C 295 4.67 -45.71 -13.82
C SER C 295 3.28 -45.24 -14.20
N ARG C 296 2.83 -45.58 -15.41
CA ARG C 296 1.51 -45.18 -15.89
C ARG C 296 0.41 -45.61 -14.94
N ILE C 297 0.72 -46.57 -14.08
CA ILE C 297 -0.22 -47.06 -13.10
C ILE C 297 0.10 -46.51 -11.72
N ALA C 298 1.30 -46.81 -11.23
CA ALA C 298 1.70 -46.43 -9.87
C ALA C 298 1.45 -44.95 -9.57
N PHE C 299 1.91 -44.10 -10.48
CA PHE C 299 1.77 -42.68 -10.27
C PHE C 299 0.33 -42.24 -9.96
N PRO C 300 -0.63 -42.48 -10.87
CA PRO C 300 -1.99 -42.08 -10.47
C PRO C 300 -2.52 -42.75 -9.20
N VAL C 301 -2.09 -43.98 -8.94
CA VAL C 301 -2.60 -44.72 -7.79
C VAL C 301 -1.99 -44.27 -6.46
N VAL C 302 -0.67 -44.11 -6.42
CA VAL C 302 0.00 -43.64 -5.20
C VAL C 302 -0.39 -42.19 -4.90
N PHE C 303 -0.86 -41.48 -5.92
CA PHE C 303 -1.33 -40.12 -5.72
C PHE C 303 -2.67 -40.15 -5.01
N LEU C 304 -3.67 -40.69 -5.70
CA LEU C 304 -5.01 -40.87 -5.16
C LEU C 304 -4.96 -41.53 -3.78
N LEU C 305 -3.96 -42.37 -3.57
CA LEU C 305 -3.77 -42.99 -2.26
C LEU C 305 -3.34 -41.94 -1.25
N ALA C 306 -2.28 -41.23 -1.58
CA ALA C 306 -1.76 -40.20 -0.68
C ALA C 306 -2.82 -39.12 -0.41
N ASN C 307 -3.46 -38.63 -1.47
CA ASN C 307 -4.51 -37.62 -1.31
C ASN C 307 -5.64 -37.98 -0.35
N ILE C 308 -6.06 -39.24 -0.39
CA ILE C 308 -7.01 -39.74 0.58
C ILE C 308 -6.42 -39.67 1.98
N ILE C 309 -5.20 -40.16 2.14
CA ILE C 309 -4.55 -40.11 3.45
C ILE C 309 -4.40 -38.69 3.95
N LEU C 310 -4.03 -37.77 3.07
CA LEU C 310 -3.93 -36.35 3.44
C LEU C 310 -5.26 -35.84 3.93
N ALA C 311 -6.29 -35.95 3.10
CA ALA C 311 -7.62 -35.49 3.50
C ALA C 311 -8.07 -36.14 4.80
N PHE C 312 -7.62 -37.36 5.05
CA PHE C 312 -7.99 -38.03 6.28
C PHE C 312 -7.38 -37.36 7.49
N LEU C 313 -6.06 -37.14 7.45
CA LEU C 313 -5.36 -36.52 8.56
C LEU C 313 -5.92 -35.13 8.86
N PHE C 314 -6.22 -34.40 7.79
CA PHE C 314 -6.72 -33.03 7.90
C PHE C 314 -8.23 -32.91 8.22
N PHE C 315 -9.03 -33.95 8.00
CA PHE C 315 -10.48 -33.79 8.18
C PHE C 315 -11.23 -34.88 8.98
N MET D 4 -32.72 25.30 22.24
CA MET D 4 -32.84 24.92 20.84
C MET D 4 -32.05 23.64 20.53
N VAL D 5 -31.46 23.05 21.56
CA VAL D 5 -30.68 21.83 21.39
C VAL D 5 -31.57 20.65 21.02
N SER D 6 -32.58 20.40 21.85
CA SER D 6 -33.51 19.30 21.61
C SER D 6 -34.16 19.40 20.24
N PRO D 7 -35.07 18.48 19.95
CA PRO D 7 -35.77 18.47 18.66
C PRO D 7 -37.07 19.27 18.72
N PRO D 8 -37.48 19.83 17.58
CA PRO D 8 -38.71 20.61 17.51
C PRO D 8 -39.93 19.79 17.94
N PRO D 9 -40.80 20.41 18.72
CA PRO D 9 -42.01 19.73 19.21
C PRO D 9 -43.13 19.74 18.17
N PRO D 10 -43.90 18.66 18.10
CA PRO D 10 -45.00 18.57 17.14
C PRO D 10 -46.28 19.20 17.68
N ILE D 11 -46.81 20.19 16.96
CA ILE D 11 -48.03 20.87 17.37
C ILE D 11 -49.25 19.98 17.18
N ALA D 12 -49.01 18.73 16.79
CA ALA D 12 -50.09 17.77 16.56
C ALA D 12 -49.65 16.36 16.96
N ASP D 13 -49.93 15.40 16.08
CA ASP D 13 -49.57 14.01 16.33
C ASP D 13 -48.49 13.43 15.39
N GLU D 14 -47.80 14.28 14.64
CA GLU D 14 -47.12 13.84 13.41
C GLU D 14 -45.58 13.82 13.47
N PRO D 15 -44.97 12.92 12.66
CA PRO D 15 -43.52 12.76 12.64
C PRO D 15 -42.81 13.93 11.94
N LEU D 16 -41.52 14.13 12.25
CA LEU D 16 -40.74 15.15 11.57
C LEU D 16 -40.15 14.65 10.24
N THR D 17 -40.44 15.35 9.16
CA THR D 17 -39.91 14.97 7.87
C THR D 17 -38.68 15.80 7.49
N VAL D 18 -37.55 15.12 7.33
CA VAL D 18 -36.34 15.75 6.82
C VAL D 18 -36.23 15.56 5.32
N ASN D 19 -35.94 16.65 4.63
CA ASN D 19 -35.83 16.63 3.18
C ASN D 19 -34.37 16.55 2.74
N THR D 20 -34.01 15.47 2.09
CA THR D 20 -32.62 15.19 1.78
C THR D 20 -32.35 15.27 0.27
N GLY D 21 -31.14 15.64 -0.08
CA GLY D 21 -30.66 15.46 -1.44
C GLY D 21 -29.15 15.34 -1.51
N ILE D 22 -28.67 14.65 -2.54
CA ILE D 22 -27.24 14.48 -2.75
C ILE D 22 -26.91 14.94 -4.15
N TYR D 23 -25.90 15.78 -4.26
CA TYR D 23 -25.44 16.26 -5.54
C TYR D 23 -23.97 15.90 -5.59
N LEU D 24 -23.64 14.98 -6.50
CA LEU D 24 -22.28 14.47 -6.64
C LEU D 24 -21.31 15.49 -7.21
N ILE D 25 -20.20 15.68 -6.51
CA ILE D 25 -19.11 16.52 -7.01
C ILE D 25 -18.03 15.59 -7.57
N GLU D 26 -17.45 14.74 -6.73
CA GLU D 26 -16.53 13.72 -7.20
C GLU D 26 -16.99 12.31 -6.98
N CYS D 27 -16.81 11.49 -8.00
CA CYS D 27 -17.00 10.07 -7.86
C CYS D 27 -15.70 9.52 -8.40
N TYR D 28 -15.11 8.56 -7.69
CA TYR D 28 -13.74 8.14 -7.98
C TYR D 28 -13.29 6.98 -7.09
N SER D 29 -12.13 6.41 -7.40
CA SER D 29 -11.60 5.25 -6.68
C SER D 29 -12.57 4.10 -6.55
N LEU D 30 -13.13 3.61 -7.66
CA LEU D 30 -13.88 2.35 -7.59
C LEU D 30 -12.86 1.23 -7.52
N ASP D 31 -12.96 0.42 -6.48
CA ASP D 31 -11.98 -0.61 -6.21
C ASP D 31 -12.70 -1.95 -6.28
N ASP D 32 -12.41 -2.76 -7.29
CA ASP D 32 -13.18 -3.98 -7.49
C ASP D 32 -12.94 -5.03 -6.42
N LYS D 33 -11.68 -5.21 -6.01
CA LYS D 33 -11.39 -6.24 -5.02
C LYS D 33 -12.02 -5.94 -3.65
N ALA D 34 -12.00 -4.67 -3.27
CA ALA D 34 -12.60 -4.25 -2.00
C ALA D 34 -14.10 -4.02 -2.10
N GLU D 35 -14.56 -3.85 -3.33
CA GLU D 35 -15.95 -3.55 -3.64
C GLU D 35 -16.38 -2.24 -2.98
N THR D 36 -15.55 -1.20 -3.13
CA THR D 36 -15.83 0.14 -2.59
C THR D 36 -15.59 1.21 -3.63
N PHE D 37 -16.13 2.39 -3.41
CA PHE D 37 -15.76 3.54 -4.22
C PHE D 37 -15.81 4.78 -3.34
N LYS D 38 -15.13 5.82 -3.76
CA LYS D 38 -15.09 7.03 -2.99
C LYS D 38 -15.93 8.09 -3.67
N VAL D 39 -16.54 8.94 -2.85
CA VAL D 39 -17.49 9.91 -3.34
C VAL D 39 -17.34 11.25 -2.64
N ASN D 40 -17.55 12.31 -3.41
CA ASN D 40 -17.50 13.65 -2.88
CA ASN D 40 -17.54 13.65 -2.97
C ASN D 40 -18.73 14.39 -3.36
N ALA D 41 -19.54 14.84 -2.40
CA ALA D 41 -20.85 15.39 -2.73
C ALA D 41 -21.33 16.43 -1.75
N PHE D 42 -22.36 17.17 -2.18
CA PHE D 42 -23.16 18.00 -1.29
C PHE D 42 -24.26 17.15 -0.66
N LEU D 43 -24.44 17.30 0.65
CA LEU D 43 -25.65 16.83 1.32
C LEU D 43 -26.55 18.04 1.65
N SER D 44 -27.82 17.97 1.25
CA SER D 44 -28.78 19.01 1.62
C SER D 44 -29.85 18.46 2.57
N LEU D 45 -30.08 19.17 3.69
CA LEU D 45 -31.11 18.79 4.65
C LEU D 45 -32.11 19.94 4.87
N SER D 46 -33.39 19.59 4.97
CA SER D 46 -34.46 20.56 5.23
C SER D 46 -35.55 20.06 6.18
N TRP D 47 -35.84 20.83 7.23
CA TRP D 47 -36.89 20.44 8.19
C TRP D 47 -37.46 21.66 8.91
N LYS D 48 -38.62 21.47 9.55
CA LYS D 48 -39.28 22.55 10.28
C LYS D 48 -39.15 22.49 11.81
N ASP D 49 -38.38 23.43 12.36
CA ASP D 49 -38.35 23.65 13.78
C ASP D 49 -38.97 25.02 14.04
N ARG D 50 -40.18 25.03 14.58
CA ARG D 50 -40.96 26.25 14.71
C ARG D 50 -40.38 27.13 15.81
N ARG D 51 -39.71 26.51 16.76
CA ARG D 51 -39.01 27.24 17.82
C ARG D 51 -38.02 28.28 17.27
N LEU D 52 -37.58 28.09 16.04
CA LEU D 52 -36.64 29.01 15.40
C LEU D 52 -37.37 30.05 14.57
N ALA D 53 -38.70 30.00 14.59
CA ALA D 53 -39.51 30.91 13.76
C ALA D 53 -39.34 32.38 14.19
N PHE D 54 -39.56 33.31 13.25
CA PHE D 54 -39.34 34.72 13.59
C PHE D 54 -40.11 35.68 12.67
N ASP D 55 -40.27 36.92 13.16
CA ASP D 55 -40.98 37.97 12.45
C ASP D 55 -40.02 38.71 11.52
N PRO D 56 -40.32 38.67 10.21
CA PRO D 56 -39.49 39.31 9.18
C PRO D 56 -39.28 40.81 9.38
N VAL D 57 -40.37 41.52 9.68
CA VAL D 57 -40.36 42.99 9.79
C VAL D 57 -39.78 43.51 11.11
N ARG D 58 -40.07 42.80 12.20
CA ARG D 58 -39.48 43.13 13.49
C ARG D 58 -37.95 42.97 13.38
N SER D 59 -37.54 41.85 12.81
CA SER D 59 -36.11 41.53 12.62
C SER D 59 -35.46 42.19 11.40
N GLY D 60 -36.24 42.41 10.35
CA GLY D 60 -35.79 43.22 9.22
C GLY D 60 -34.97 42.49 8.17
N VAL D 61 -34.44 41.33 8.55
CA VAL D 61 -33.67 40.45 7.66
C VAL D 61 -34.56 39.40 7.01
N ARG D 62 -34.42 39.25 5.69
CA ARG D 62 -35.21 38.28 4.93
C ARG D 62 -35.04 36.86 5.49
N VAL D 63 -33.81 36.52 5.89
CA VAL D 63 -33.48 35.19 6.44
C VAL D 63 -32.38 35.28 7.52
N LYS D 64 -32.52 34.49 8.58
CA LYS D 64 -31.50 34.47 9.64
C LYS D 64 -30.54 33.28 9.49
N THR D 65 -29.25 33.54 9.74
CA THR D 65 -28.20 32.55 9.58
C THR D 65 -27.64 32.04 10.92
N TYR D 66 -27.63 30.72 11.09
CA TYR D 66 -27.14 30.08 12.34
C TYR D 66 -25.91 29.18 12.17
N GLU D 67 -25.18 29.02 13.28
CA GLU D 67 -24.13 28.02 13.44
C GLU D 67 -24.68 26.68 13.98
N PRO D 68 -24.01 25.56 13.65
CA PRO D 68 -24.54 24.22 13.98
C PRO D 68 -24.79 24.01 15.47
N GLU D 69 -23.98 24.66 16.30
CA GLU D 69 -24.11 24.54 17.75
C GLU D 69 -25.31 25.34 18.26
N ALA D 70 -25.66 26.40 17.54
CA ALA D 70 -26.82 27.20 17.89
C ALA D 70 -28.10 26.36 17.87
N ILE D 71 -28.32 25.65 16.77
CA ILE D 71 -29.59 24.96 16.62
C ILE D 71 -29.42 23.46 16.54
N TRP D 72 -30.49 22.77 16.92
CA TRP D 72 -30.55 21.33 16.87
C TRP D 72 -30.61 20.95 15.41
N ILE D 73 -29.77 19.98 15.04
CA ILE D 73 -29.75 19.43 13.69
C ILE D 73 -29.91 17.93 13.84
N PRO D 74 -30.66 17.26 12.94
CA PRO D 74 -30.91 15.83 13.16
C PRO D 74 -29.66 15.01 12.87
N GLU D 75 -29.52 13.82 13.45
CA GLU D 75 -28.33 13.03 13.15
C GLU D 75 -28.57 12.12 11.94
N ILE D 76 -27.90 12.45 10.84
CA ILE D 76 -28.05 11.69 9.60
C ILE D 76 -26.79 10.91 9.32
N ARG D 77 -26.95 9.61 9.13
CA ARG D 77 -25.81 8.75 8.89
C ARG D 77 -25.87 8.05 7.53
N PHE D 78 -24.72 7.65 7.02
CA PHE D 78 -24.72 6.77 5.88
C PHE D 78 -24.65 5.37 6.46
N VAL D 79 -25.38 4.42 5.89
CA VAL D 79 -25.34 3.07 6.43
C VAL D 79 -24.05 2.39 6.02
N ASN D 80 -23.74 2.44 4.73
CA ASN D 80 -22.53 1.77 4.30
C ASN D 80 -21.45 2.77 3.99
N VAL D 81 -20.51 2.88 4.92
CA VAL D 81 -19.36 3.73 4.76
C VAL D 81 -18.38 3.02 5.64
N GLU D 82 -17.10 3.02 5.29
CA GLU D 82 -16.08 2.40 6.13
C GLU D 82 -16.03 3.10 7.50
N ASN D 83 -15.90 4.42 7.48
CA ASN D 83 -16.03 5.19 8.70
C ASN D 83 -17.07 6.29 8.55
N ALA D 84 -17.21 7.10 9.61
CA ALA D 84 -18.06 8.26 9.53
C ALA D 84 -17.51 9.22 8.46
N ARG D 85 -18.41 9.83 7.69
CA ARG D 85 -18.02 10.74 6.62
C ARG D 85 -17.26 11.98 7.13
N ASP D 86 -16.37 12.51 6.28
CA ASP D 86 -15.68 13.75 6.60
C ASP D 86 -16.42 14.89 5.95
N ALA D 87 -17.02 15.73 6.80
CA ALA D 87 -17.95 16.76 6.34
C ALA D 87 -17.61 18.16 6.81
N ASP D 88 -17.85 19.14 5.95
CA ASP D 88 -17.70 20.56 6.29
C ASP D 88 -19.03 21.24 6.02
N VAL D 89 -19.57 21.95 7.01
CA VAL D 89 -20.88 22.58 6.85
C VAL D 89 -20.75 23.86 6.03
N VAL D 90 -21.43 23.90 4.88
CA VAL D 90 -21.36 25.06 4.00
C VAL D 90 -22.18 26.26 4.48
N ASN D 91 -23.46 25.99 4.76
CA ASN D 91 -24.40 27.03 5.18
C ASN D 91 -25.59 26.51 6.00
N ILE D 92 -26.09 27.31 6.93
CA ILE D 92 -27.40 27.04 7.54
C ILE D 92 -28.31 28.28 7.52
N SER D 93 -29.57 28.08 7.15
CA SER D 93 -30.51 29.18 6.95
C SER D 93 -31.87 28.84 7.55
N VAL D 94 -32.45 29.79 8.27
CA VAL D 94 -33.81 29.61 8.78
C VAL D 94 -34.75 30.59 8.09
N SER D 95 -35.85 30.06 7.58
CA SER D 95 -36.91 30.87 6.98
C SER D 95 -37.92 31.14 8.10
N PRO D 96 -38.68 32.27 7.98
CA PRO D 96 -39.44 32.86 9.10
C PRO D 96 -40.30 31.88 9.90
N ASP D 97 -40.87 30.88 9.23
CA ASP D 97 -41.78 29.94 9.86
C ASP D 97 -41.09 28.84 10.68
N GLY D 98 -39.76 28.79 10.59
CA GLY D 98 -39.02 27.74 11.27
C GLY D 98 -38.53 26.61 10.36
N THR D 99 -38.57 26.85 9.05
CA THR D 99 -38.01 25.91 8.08
C THR D 99 -36.50 26.12 7.94
N VAL D 100 -35.74 25.06 8.19
CA VAL D 100 -34.28 25.11 8.08
C VAL D 100 -33.78 24.59 6.72
N GLN D 101 -32.80 25.28 6.14
CA GLN D 101 -32.06 24.74 4.99
C GLN D 101 -30.58 24.52 5.33
N TYR D 102 -30.19 23.26 5.40
CA TYR D 102 -28.83 22.84 5.74
C TYR D 102 -28.11 22.38 4.47
N LEU D 103 -26.86 22.81 4.29
CA LEU D 103 -26.04 22.33 3.17
C LEU D 103 -24.59 22.03 3.57
N GLU D 104 -24.15 20.78 3.34
CA GLU D 104 -22.76 20.38 3.63
C GLU D 104 -22.03 19.78 2.44
N ARG D 105 -20.70 19.73 2.55
CA ARG D 105 -19.89 19.01 1.57
C ARG D 105 -19.10 17.86 2.23
N PHE D 106 -19.39 16.64 1.80
CA PHE D 106 -18.79 15.47 2.43
C PHE D 106 -17.93 14.65 1.47
N SER D 107 -17.00 13.91 2.07
CA SER D 107 -16.25 12.89 1.36
C SER D 107 -16.36 11.58 2.15
N ALA D 108 -16.98 10.58 1.54
CA ALA D 108 -17.07 9.28 2.19
C ALA D 108 -16.53 8.17 1.29
N ARG D 109 -16.23 7.03 1.91
CA ARG D 109 -15.86 5.84 1.15
C ARG D 109 -16.95 4.80 1.30
N VAL D 110 -17.69 4.60 0.20
CA VAL D 110 -18.93 3.83 0.26
C VAL D 110 -18.63 2.35 0.04
N LEU D 111 -19.28 1.47 0.79
CA LEU D 111 -19.08 0.06 0.49
C LEU D 111 -20.37 -0.57 -0.08
N SER D 112 -20.36 -0.72 -1.40
CA SER D 112 -21.47 -1.29 -2.16
C SER D 112 -20.98 -2.51 -2.94
N PRO D 113 -21.54 -3.71 -2.67
CA PRO D 113 -21.12 -4.95 -3.33
C PRO D 113 -21.42 -4.96 -4.83
N LEU D 114 -20.64 -5.75 -5.61
CA LEU D 114 -20.72 -5.77 -7.10
C LEU D 114 -21.03 -7.15 -7.71
N ASP D 115 -21.49 -7.18 -8.97
CA ASP D 115 -21.78 -8.44 -9.66
C ASP D 115 -20.78 -8.75 -10.77
N PHE D 116 -19.98 -9.78 -10.58
CA PHE D 116 -18.91 -10.02 -11.52
C PHE D 116 -19.20 -11.04 -12.63
N ARG D 117 -20.42 -11.59 -12.62
CA ARG D 117 -20.80 -12.64 -13.55
C ARG D 117 -20.48 -12.34 -15.03
N ARG D 118 -20.84 -11.14 -15.47
CA ARG D 118 -20.63 -10.72 -16.86
C ARG D 118 -19.32 -9.96 -17.12
N TYR D 119 -18.46 -9.89 -16.11
CA TYR D 119 -17.16 -9.24 -16.25
C TYR D 119 -16.34 -9.78 -17.45
N PRO D 120 -15.61 -8.88 -18.14
CA PRO D 120 -15.80 -7.45 -17.87
C PRO D 120 -16.84 -6.80 -18.75
N PHE D 121 -18.00 -7.42 -18.90
CA PHE D 121 -19.10 -6.76 -19.61
C PHE D 121 -20.19 -6.18 -18.72
N ASP D 122 -19.99 -6.33 -17.41
CA ASP D 122 -20.98 -6.03 -16.39
C ASP D 122 -21.37 -4.56 -16.19
N SER D 123 -22.58 -4.36 -15.66
CA SER D 123 -23.04 -3.06 -15.23
C SER D 123 -23.38 -3.14 -13.75
N GLN D 124 -23.17 -2.05 -13.01
CA GLN D 124 -23.37 -2.06 -11.56
C GLN D 124 -24.32 -0.97 -11.12
N THR D 125 -25.08 -1.25 -10.06
CA THR D 125 -25.83 -0.21 -9.37
C THR D 125 -25.22 0.03 -8.00
N LEU D 126 -24.57 1.16 -7.83
CA LEU D 126 -23.99 1.49 -6.54
C LEU D 126 -25.05 2.11 -5.64
N HIS D 127 -25.00 1.76 -4.35
CA HIS D 127 -26.00 2.26 -3.41
C HIS D 127 -25.40 3.10 -2.30
N ILE D 128 -25.93 4.29 -2.11
CA ILE D 128 -25.65 5.07 -0.91
C ILE D 128 -26.89 5.09 -0.01
N TYR D 129 -26.80 4.56 1.20
CA TYR D 129 -27.97 4.56 2.09
C TYR D 129 -27.93 5.62 3.20
N LEU D 130 -28.92 6.50 3.17
CA LEU D 130 -29.09 7.49 4.21
C LEU D 130 -29.97 6.93 5.29
N ILE D 131 -29.66 7.22 6.54
CA ILE D 131 -30.46 6.69 7.61
C ILE D 131 -30.60 7.73 8.71
N VAL D 132 -31.69 7.64 9.47
CA VAL D 132 -31.91 8.49 10.65
C VAL D 132 -32.64 7.73 11.76
N ARG D 133 -32.22 7.94 13.02
CA ARG D 133 -32.83 7.23 14.14
C ARG D 133 -33.77 8.15 14.90
N SER D 134 -34.98 7.68 15.15
CA SER D 134 -35.95 8.50 15.86
C SER D 134 -35.62 8.52 17.35
N VAL D 135 -35.97 9.63 17.99
CA VAL D 135 -35.77 9.87 19.42
C VAL D 135 -37.01 9.52 20.24
N ASP D 136 -36.93 9.81 21.54
CA ASP D 136 -38.01 9.56 22.48
C ASP D 136 -39.13 10.60 22.36
N THR D 137 -38.73 11.85 22.19
CA THR D 137 -39.67 12.95 22.10
C THR D 137 -40.42 13.01 20.75
N ARG D 138 -39.90 12.32 19.74
CA ARG D 138 -40.50 12.35 18.39
C ARG D 138 -39.86 11.38 17.43
N ASN D 139 -40.58 11.10 16.34
CA ASN D 139 -40.12 10.19 15.30
C ASN D 139 -39.67 10.92 14.06
N ILE D 140 -38.55 10.48 13.51
CA ILE D 140 -38.04 11.14 12.33
C ILE D 140 -38.14 10.26 11.10
N VAL D 141 -38.49 10.92 10.00
CA VAL D 141 -38.77 10.23 8.76
C VAL D 141 -38.12 11.03 7.61
N LEU D 142 -37.33 10.32 6.80
CA LEU D 142 -36.62 10.91 5.67
C LEU D 142 -37.49 11.12 4.43
N ALA D 143 -37.12 12.09 3.60
CA ALA D 143 -37.81 12.31 2.33
C ALA D 143 -36.90 12.99 1.29
N VAL D 144 -37.20 12.84 0.01
CA VAL D 144 -36.32 13.37 -1.03
C VAL D 144 -36.83 14.68 -1.65
N ASP D 145 -35.99 15.72 -1.66
CA ASP D 145 -36.32 16.92 -2.45
C ASP D 145 -35.53 16.87 -3.74
N LEU D 146 -36.23 16.60 -4.85
CA LEU D 146 -35.58 16.20 -6.11
C LEU D 146 -34.74 17.26 -6.84
N GLU D 147 -34.86 18.54 -6.47
CA GLU D 147 -34.01 19.55 -7.10
C GLU D 147 -32.72 19.71 -6.31
N LYS D 148 -32.68 19.03 -5.18
CA LYS D 148 -31.47 18.97 -4.38
C LYS D 148 -30.70 17.67 -4.67
N VAL D 149 -31.19 16.88 -5.63
CA VAL D 149 -30.55 15.63 -6.07
C VAL D 149 -30.01 15.69 -7.51
N GLY D 150 -28.72 15.43 -7.69
CA GLY D 150 -28.13 15.45 -9.03
C GLY D 150 -26.66 15.09 -9.03
N LYS D 151 -25.94 15.43 -10.10
CA LYS D 151 -24.49 15.21 -10.14
C LYS D 151 -23.86 16.25 -11.04
N ASN D 152 -22.59 16.57 -10.82
CA ASN D 152 -21.93 17.54 -11.67
C ASN D 152 -21.70 16.97 -13.06
N ASP D 153 -21.27 17.82 -13.98
CA ASP D 153 -20.98 17.34 -15.32
C ASP D 153 -19.52 16.93 -15.49
N ASP D 154 -18.70 17.21 -14.48
CA ASP D 154 -17.30 16.81 -14.48
C ASP D 154 -17.14 15.48 -13.79
N VAL D 155 -18.24 14.87 -13.39
CA VAL D 155 -18.12 13.64 -12.62
C VAL D 155 -17.70 12.50 -13.53
N PHE D 156 -16.56 11.92 -13.19
CA PHE D 156 -16.04 10.85 -14.00
C PHE D 156 -15.50 9.74 -13.12
N LEU D 157 -15.97 8.53 -13.37
CA LEU D 157 -15.47 7.39 -12.64
C LEU D 157 -14.55 6.64 -13.61
N THR D 158 -13.25 6.66 -13.31
CA THR D 158 -12.24 6.15 -14.26
C THR D 158 -12.46 4.68 -14.61
N GLY D 159 -12.51 4.40 -15.90
CA GLY D 159 -12.75 3.04 -16.37
C GLY D 159 -14.22 2.65 -16.36
N TRP D 160 -15.10 3.58 -16.02
CA TRP D 160 -16.54 3.33 -16.03
C TRP D 160 -17.35 4.44 -16.69
N ASP D 161 -18.56 4.11 -17.13
CA ASP D 161 -19.47 5.10 -17.69
C ASP D 161 -20.62 5.31 -16.71
N ILE D 162 -20.92 6.55 -16.39
CA ILE D 162 -21.99 6.82 -15.44
C ILE D 162 -23.29 7.08 -16.19
N GLU D 163 -24.23 6.15 -16.07
CA GLU D 163 -25.56 6.33 -16.63
C GLU D 163 -26.46 7.29 -15.86
N SER D 164 -26.66 7.03 -14.58
CA SER D 164 -27.60 7.84 -13.81
C SER D 164 -27.36 7.87 -12.29
N PHE D 165 -27.77 8.97 -11.68
CA PHE D 165 -27.81 9.08 -10.22
C PHE D 165 -29.19 9.54 -9.80
N THR D 166 -29.91 8.67 -9.14
CA THR D 166 -31.31 8.91 -8.77
C THR D 166 -31.55 8.32 -7.39
N ALA D 167 -32.67 8.72 -6.79
CA ALA D 167 -32.99 8.27 -5.45
C ALA D 167 -34.29 7.48 -5.41
N VAL D 168 -34.37 6.50 -4.51
CA VAL D 168 -35.62 5.81 -4.27
C VAL D 168 -36.38 6.63 -3.27
N VAL D 169 -37.54 7.14 -3.69
CA VAL D 169 -38.22 8.20 -2.95
C VAL D 169 -38.94 7.73 -1.70
N LYS D 170 -39.53 6.54 -1.71
CA LYS D 170 -40.15 6.02 -0.50
C LYS D 170 -39.08 5.38 0.40
N PRO D 171 -38.87 5.96 1.58
CA PRO D 171 -37.93 5.41 2.57
C PRO D 171 -38.43 4.11 3.18
N ALA D 172 -37.52 3.22 3.53
CA ALA D 172 -37.90 1.98 4.19
C ALA D 172 -37.82 2.19 5.69
N ASN D 173 -38.99 2.20 6.35
CA ASN D 173 -39.06 2.46 7.79
C ASN D 173 -39.18 1.16 8.56
N PHE D 174 -38.44 1.04 9.65
CA PHE D 174 -38.34 -0.24 10.33
C PHE D 174 -37.87 -0.03 11.74
N ALA D 175 -37.79 -1.11 12.50
CA ALA D 175 -37.54 -0.99 13.93
C ALA D 175 -36.28 -1.71 14.34
N LEU D 176 -35.37 -0.96 14.94
CA LEU D 176 -34.16 -1.56 15.48
C LEU D 176 -33.90 -1.08 16.91
N GLN D 177 -33.94 -2.03 17.84
CA GLN D 177 -33.70 -1.76 19.26
C GLN D 177 -34.61 -0.68 19.84
N ASN D 178 -35.92 -0.89 19.68
CA ASN D 178 -36.96 -0.02 20.25
C ASN D 178 -37.08 1.38 19.68
N ARG D 179 -36.15 1.79 18.83
CA ARG D 179 -36.37 3.04 18.13
C ARG D 179 -36.77 2.79 16.68
N LEU D 180 -37.07 3.87 15.96
CA LEU D 180 -37.57 3.70 14.61
C LEU D 180 -36.59 4.34 13.63
N GLU D 181 -36.21 3.61 12.59
CA GLU D 181 -35.24 4.12 11.64
C GLU D 181 -35.77 4.26 10.21
N SER D 182 -35.49 5.41 9.60
CA SER D 182 -35.90 5.73 8.24
C SER D 182 -34.69 5.66 7.32
N LYS D 183 -34.73 4.76 6.34
CA LYS D 183 -33.59 4.54 5.47
C LYS D 183 -33.87 4.97 4.03
N LEU D 184 -33.00 5.79 3.46
CA LEU D 184 -33.14 6.22 2.07
C LEU D 184 -32.03 5.66 1.19
N ASP D 185 -32.37 5.37 -0.06
CA ASP D 185 -31.47 4.72 -1.01
C ASP D 185 -31.17 5.58 -2.24
N TYR D 186 -29.93 6.06 -2.36
CA TYR D 186 -29.48 6.73 -3.57
C TYR D 186 -28.68 5.76 -4.45
N GLN D 187 -28.97 5.71 -5.74
CA GLN D 187 -28.38 4.69 -6.61
C GLN D 187 -27.54 5.25 -7.76
N LEU D 188 -26.27 4.87 -7.79
CA LEU D 188 -25.43 5.24 -8.92
C LEU D 188 -25.38 4.07 -9.88
N ARG D 189 -25.70 4.34 -11.14
CA ARG D 189 -25.72 3.27 -12.12
C ARG D 189 -24.63 3.46 -13.13
N ILE D 190 -23.76 2.47 -13.20
CA ILE D 190 -22.57 2.57 -14.01
C ILE D 190 -22.36 1.30 -14.86
N SER D 191 -21.73 1.45 -16.02
CA SER D 191 -21.39 0.29 -16.84
C SER D 191 -19.89 0.30 -17.12
N ARG D 192 -19.25 -0.86 -16.99
CA ARG D 192 -17.80 -0.94 -17.13
C ARG D 192 -17.36 -0.71 -18.56
N GLN D 193 -16.22 -0.08 -18.71
CA GLN D 193 -15.68 0.14 -20.04
C GLN D 193 -14.78 -1.05 -20.34
N TYR D 194 -15.25 -1.87 -21.28
CA TYR D 194 -14.68 -3.18 -21.54
C TYR D 194 -13.59 -3.16 -22.60
N PHE D 195 -13.47 -2.02 -23.28
CA PHE D 195 -12.61 -1.92 -24.45
C PHE D 195 -11.21 -2.43 -24.19
N SER D 196 -10.58 -1.90 -23.14
CA SER D 196 -9.19 -2.21 -22.86
C SER D 196 -8.93 -3.72 -22.70
N TYR D 197 -9.92 -4.43 -22.18
CA TYR D 197 -9.77 -5.86 -21.91
C TYR D 197 -9.49 -6.66 -23.16
N ILE D 198 -10.00 -6.15 -24.28
CA ILE D 198 -9.83 -6.80 -25.57
C ILE D 198 -8.36 -6.91 -26.08
N PRO D 199 -7.66 -5.77 -26.30
CA PRO D 199 -6.24 -5.92 -26.69
C PRO D 199 -5.29 -6.37 -25.57
N ASN D 200 -5.66 -6.09 -24.32
CA ASN D 200 -4.79 -6.37 -23.17
C ASN D 200 -4.82 -7.78 -22.65
N ILE D 201 -5.97 -8.42 -22.76
CA ILE D 201 -6.15 -9.76 -22.23
C ILE D 201 -6.69 -10.71 -23.28
N ILE D 202 -7.91 -10.44 -23.73
CA ILE D 202 -8.69 -11.35 -24.58
C ILE D 202 -8.02 -11.75 -25.89
N LEU D 203 -7.59 -10.78 -26.68
CA LEU D 203 -6.92 -11.13 -27.92
C LEU D 203 -5.64 -11.91 -27.64
N PRO D 204 -4.71 -11.36 -26.84
CA PRO D 204 -3.47 -12.12 -26.63
C PRO D 204 -3.72 -13.54 -26.13
N MET D 205 -4.81 -13.70 -25.40
CA MET D 205 -5.14 -14.99 -24.85
C MET D 205 -5.60 -15.95 -25.92
N LEU D 206 -6.18 -15.39 -26.99
CA LEU D 206 -6.56 -16.18 -28.15
C LEU D 206 -5.35 -16.53 -29.04
N PHE D 207 -4.53 -15.54 -29.34
CA PHE D 207 -3.34 -15.77 -30.14
C PHE D 207 -2.48 -16.89 -29.57
N ILE D 208 -2.15 -16.83 -28.29
CA ILE D 208 -1.37 -17.91 -27.69
C ILE D 208 -2.08 -19.26 -27.81
N LEU D 209 -3.39 -19.23 -27.92
CA LEU D 209 -4.14 -20.48 -28.07
C LEU D 209 -4.02 -21.03 -29.49
N PHE D 210 -4.22 -20.16 -30.46
CA PHE D 210 -4.17 -20.54 -31.85
C PHE D 210 -2.78 -21.05 -32.20
N ILE D 211 -1.76 -20.32 -31.78
CA ILE D 211 -0.39 -20.77 -31.90
C ILE D 211 -0.20 -22.22 -31.44
N SER D 212 -0.85 -22.60 -30.35
CA SER D 212 -0.70 -23.98 -29.85
C SER D 212 -1.28 -24.99 -30.83
N TRP D 213 -2.18 -24.52 -31.69
CA TRP D 213 -2.86 -25.38 -32.65
C TRP D 213 -2.01 -25.71 -33.91
N THR D 214 -0.95 -24.92 -34.13
CA THR D 214 -0.04 -25.21 -35.23
C THR D 214 0.68 -26.53 -34.96
N ALA D 215 0.50 -27.06 -33.75
CA ALA D 215 1.09 -28.35 -33.40
C ALA D 215 0.38 -29.49 -34.11
N PHE D 216 -0.79 -29.19 -34.70
CA PHE D 216 -1.57 -30.16 -35.46
C PHE D 216 -1.07 -30.34 -36.91
N TRP D 217 -0.32 -29.37 -37.37
CA TRP D 217 0.37 -29.47 -38.64
C TRP D 217 1.79 -29.96 -38.46
N SER D 218 2.17 -30.38 -37.26
CA SER D 218 3.51 -30.93 -37.06
C SER D 218 3.49 -32.35 -36.53
N THR D 219 4.38 -33.18 -37.06
CA THR D 219 4.55 -34.53 -36.56
C THR D 219 5.72 -34.58 -35.58
N SER D 220 6.30 -33.42 -35.29
CA SER D 220 7.46 -33.36 -34.42
C SER D 220 7.04 -33.22 -32.96
N TYR D 221 7.37 -34.24 -32.17
CA TYR D 221 6.93 -34.32 -30.78
C TYR D 221 7.67 -33.33 -29.92
N GLU D 222 8.99 -33.26 -30.05
CA GLU D 222 9.79 -32.27 -29.33
C GLU D 222 9.27 -30.87 -29.58
N ALA D 223 9.06 -30.55 -30.85
CA ALA D 223 8.60 -29.21 -31.19
C ALA D 223 7.11 -29.04 -30.91
N ASN D 224 6.37 -30.12 -30.81
CA ASN D 224 4.97 -30.00 -30.47
C ASN D 224 4.79 -29.79 -28.99
N VAL D 225 5.53 -30.54 -28.19
CA VAL D 225 5.48 -30.42 -26.76
C VAL D 225 5.95 -29.03 -26.38
N THR D 226 7.13 -28.65 -26.87
CA THR D 226 7.67 -27.34 -26.59
C THR D 226 6.63 -26.29 -26.90
N LEU D 227 6.07 -26.36 -28.10
CA LEU D 227 5.02 -25.45 -28.52
C LEU D 227 3.84 -25.43 -27.55
N VAL D 228 3.13 -26.55 -27.41
CA VAL D 228 1.94 -26.59 -26.55
C VAL D 228 2.16 -26.26 -25.07
N VAL D 229 3.29 -26.71 -24.51
CA VAL D 229 3.56 -26.44 -23.11
C VAL D 229 3.90 -24.97 -22.89
N SER D 230 4.67 -24.39 -23.81
CA SER D 230 5.05 -23.00 -23.66
C SER D 230 3.85 -22.07 -23.70
N THR D 231 2.88 -22.37 -24.57
CA THR D 231 1.68 -21.55 -24.66
C THR D 231 0.75 -21.78 -23.49
N LEU D 232 0.83 -22.94 -22.87
CA LEU D 232 0.02 -23.18 -21.68
C LEU D 232 0.46 -22.24 -20.57
N ILE D 233 1.76 -22.22 -20.33
CA ILE D 233 2.37 -21.35 -19.34
C ILE D 233 1.93 -19.89 -19.50
N ALA D 234 2.02 -19.37 -20.73
CA ALA D 234 1.60 -18.01 -21.00
C ALA D 234 0.13 -17.82 -20.63
N HIS D 235 -0.67 -18.85 -20.81
CA HIS D 235 -2.09 -18.73 -20.45
C HIS D 235 -2.28 -18.65 -18.92
N ILE D 236 -1.35 -19.22 -18.16
CA ILE D 236 -1.40 -19.10 -16.72
C ILE D 236 -1.09 -17.66 -16.28
N ALA D 237 -0.07 -17.08 -16.89
CA ALA D 237 0.29 -15.71 -16.59
C ALA D 237 -0.94 -14.83 -16.76
N PHE D 238 -1.71 -15.08 -17.80
CA PHE D 238 -2.93 -14.31 -17.98
C PHE D 238 -4.01 -14.71 -17.02
N ASN D 239 -4.08 -15.98 -16.70
CA ASN D 239 -5.04 -16.41 -15.71
C ASN D 239 -4.74 -15.70 -14.39
N ILE D 240 -3.47 -15.71 -13.99
CA ILE D 240 -3.07 -15.11 -12.72
C ILE D 240 -3.33 -13.62 -12.72
N LEU D 241 -2.86 -12.96 -13.76
CA LEU D 241 -3.08 -11.54 -13.95
C LEU D 241 -4.55 -11.16 -13.79
N VAL D 242 -5.45 -11.92 -14.39
CA VAL D 242 -6.87 -11.60 -14.28
C VAL D 242 -7.40 -11.82 -12.86
N GLU D 243 -7.00 -12.93 -12.25
CA GLU D 243 -7.60 -13.35 -11.01
C GLU D 243 -7.10 -12.57 -9.81
N THR D 244 -5.90 -12.01 -9.91
CA THR D 244 -5.40 -11.18 -8.82
C THR D 244 -6.15 -9.85 -8.76
N ASN D 245 -6.71 -9.42 -9.88
CA ASN D 245 -7.43 -8.13 -9.97
C ASN D 245 -8.92 -8.17 -9.68
N LEU D 246 -9.40 -9.34 -9.25
CA LEU D 246 -10.81 -9.56 -8.93
C LEU D 246 -10.93 -10.22 -7.58
N PRO D 247 -12.04 -9.94 -6.87
CA PRO D 247 -12.33 -10.58 -5.59
C PRO D 247 -12.74 -12.02 -5.80
N LYS D 248 -12.72 -12.84 -4.77
CA LYS D 248 -13.05 -14.22 -4.99
C LYS D 248 -14.53 -14.36 -4.80
N THR D 249 -15.21 -14.59 -5.91
CA THR D 249 -16.67 -14.70 -5.91
C THR D 249 -17.09 -16.14 -5.64
N PRO D 250 -18.23 -16.33 -4.96
CA PRO D 250 -18.79 -17.66 -4.70
C PRO D 250 -19.28 -18.30 -5.98
N TYR D 251 -19.41 -17.47 -7.02
CA TYR D 251 -19.94 -17.84 -8.32
C TYR D 251 -18.89 -17.72 -9.40
N MET D 252 -19.30 -17.94 -10.64
CA MET D 252 -18.36 -18.06 -11.74
C MET D 252 -18.42 -16.87 -12.68
N THR D 253 -17.28 -16.22 -12.91
CA THR D 253 -17.26 -15.10 -13.85
C THR D 253 -17.22 -15.58 -15.30
N TYR D 254 -17.75 -14.74 -16.20
CA TYR D 254 -17.73 -15.07 -17.61
C TYR D 254 -16.30 -15.33 -18.07
N THR D 255 -15.46 -14.34 -17.89
CA THR D 255 -14.02 -14.44 -18.13
C THR D 255 -13.41 -15.63 -17.39
N GLY D 256 -13.93 -15.96 -16.23
CA GLY D 256 -13.35 -17.03 -15.45
C GLY D 256 -13.66 -18.34 -16.11
N ALA D 257 -14.87 -18.43 -16.67
CA ALA D 257 -15.31 -19.60 -17.43
C ALA D 257 -14.45 -19.81 -18.67
N ILE D 258 -14.40 -18.77 -19.50
CA ILE D 258 -13.59 -18.76 -20.70
C ILE D 258 -12.18 -19.20 -20.36
N ILE D 259 -11.58 -18.54 -19.37
CA ILE D 259 -10.20 -18.82 -18.98
C ILE D 259 -10.07 -20.26 -18.57
N PHE D 260 -11.11 -20.77 -17.90
CA PHE D 260 -11.11 -22.14 -17.42
C PHE D 260 -11.37 -23.15 -18.52
N MET D 261 -12.29 -22.82 -19.43
CA MET D 261 -12.57 -23.69 -20.56
C MET D 261 -11.28 -23.93 -21.34
N ILE D 262 -10.60 -22.84 -21.65
CA ILE D 262 -9.33 -22.87 -22.37
C ILE D 262 -8.32 -23.79 -21.68
N TYR D 263 -8.49 -24.00 -20.39
CA TYR D 263 -7.57 -24.91 -19.72
C TYR D 263 -7.75 -26.32 -20.22
N LEU D 264 -8.98 -26.68 -20.59
CA LEU D 264 -9.26 -28.03 -21.09
C LEU D 264 -8.69 -28.25 -22.49
N PHE D 265 -8.92 -27.29 -23.37
CA PHE D 265 -8.37 -27.35 -24.72
C PHE D 265 -6.86 -27.57 -24.74
N TYR D 266 -6.15 -27.07 -23.73
CA TYR D 266 -4.71 -27.30 -23.65
C TYR D 266 -4.44 -28.72 -23.19
N PHE D 267 -5.32 -29.23 -22.32
CA PHE D 267 -5.10 -30.52 -21.73
C PHE D 267 -5.35 -31.57 -22.77
N VAL D 268 -6.44 -31.38 -23.51
CA VAL D 268 -6.82 -32.29 -24.57
C VAL D 268 -5.76 -32.32 -25.67
N ALA D 269 -5.35 -31.16 -26.16
CA ALA D 269 -4.26 -31.06 -27.13
C ALA D 269 -2.97 -31.74 -26.68
N VAL D 270 -2.74 -31.86 -25.39
CA VAL D 270 -1.56 -32.60 -24.96
C VAL D 270 -1.79 -34.09 -25.23
N ILE D 271 -3.00 -34.56 -24.93
CA ILE D 271 -3.33 -35.96 -25.14
C ILE D 271 -3.11 -36.31 -26.61
N GLU D 272 -3.74 -35.52 -27.48
CA GLU D 272 -3.60 -35.68 -28.91
C GLU D 272 -2.13 -35.72 -29.28
N VAL D 273 -1.37 -34.71 -28.86
CA VAL D 273 0.05 -34.68 -29.17
C VAL D 273 0.71 -35.98 -28.68
N THR D 274 0.24 -36.46 -27.54
CA THR D 274 0.81 -37.66 -26.94
C THR D 274 0.39 -38.90 -27.73
N VAL D 275 -0.91 -38.99 -28.03
CA VAL D 275 -1.44 -40.08 -28.86
C VAL D 275 -0.78 -40.18 -30.25
N GLN D 276 -0.81 -39.08 -31.01
CA GLN D 276 -0.20 -39.04 -32.32
C GLN D 276 1.26 -39.52 -32.27
N HIS D 277 1.99 -39.21 -31.21
CA HIS D 277 3.37 -39.69 -31.13
C HIS D 277 3.43 -41.13 -30.65
N TYR D 278 2.37 -41.60 -30.01
CA TYR D 278 2.36 -42.98 -29.56
C TYR D 278 2.07 -43.93 -30.72
N LEU D 279 1.12 -43.56 -31.57
CA LEU D 279 0.85 -44.31 -32.78
C LEU D 279 2.10 -44.32 -33.68
N LYS D 280 2.55 -43.13 -34.05
CA LYS D 280 3.70 -42.99 -34.91
C LYS D 280 4.96 -43.69 -34.37
N VAL D 281 5.07 -43.90 -33.07
CA VAL D 281 6.18 -44.73 -32.58
C VAL D 281 5.88 -46.22 -32.73
N GLU D 282 4.58 -46.56 -32.69
CA GLU D 282 4.13 -47.95 -32.81
C GLU D 282 3.78 -48.37 -34.24
N SER D 283 4.07 -47.48 -35.17
CA SER D 283 3.89 -47.75 -36.58
C SER D 283 2.44 -47.93 -37.02
N GLN D 284 1.55 -47.06 -36.59
CA GLN D 284 0.31 -46.87 -37.35
C GLN D 284 -0.02 -45.41 -37.66
N PRO D 285 0.87 -44.72 -38.41
CA PRO D 285 0.67 -43.31 -38.76
C PRO D 285 -0.61 -43.13 -39.56
N ALA D 286 -1.15 -44.22 -40.08
CA ALA D 286 -2.46 -44.22 -40.71
C ALA D 286 -3.48 -43.57 -39.78
N ARG D 287 -3.55 -44.05 -38.54
CA ARG D 287 -4.46 -43.47 -37.55
C ARG D 287 -3.92 -42.13 -37.05
N ALA D 288 -2.63 -42.11 -36.70
CA ALA D 288 -2.00 -40.92 -36.17
C ALA D 288 -2.33 -39.71 -37.05
N ALA D 289 -1.92 -39.71 -38.31
CA ALA D 289 -2.25 -38.57 -39.17
C ALA D 289 -3.75 -38.43 -39.48
N SER D 290 -4.54 -39.44 -39.18
CA SER D 290 -5.98 -39.34 -39.41
C SER D 290 -6.63 -38.51 -38.31
N ILE D 291 -6.24 -38.82 -37.08
CA ILE D 291 -6.66 -38.09 -35.88
C ILE D 291 -6.20 -36.64 -35.98
N THR D 292 -4.90 -36.46 -36.14
CA THR D 292 -4.26 -35.16 -36.33
C THR D 292 -4.90 -34.37 -37.46
N ARG D 293 -5.49 -35.06 -38.43
CA ARG D 293 -6.20 -34.41 -39.53
C ARG D 293 -7.56 -33.90 -39.07
N ALA D 294 -8.16 -34.63 -38.14
CA ALA D 294 -9.48 -34.30 -37.64
C ALA D 294 -9.36 -33.17 -36.62
N SER D 295 -8.24 -33.17 -35.90
CA SER D 295 -7.98 -32.15 -34.90
C SER D 295 -7.98 -30.76 -35.51
N ARG D 296 -7.30 -30.61 -36.64
CA ARG D 296 -7.16 -29.32 -37.31
C ARG D 296 -8.51 -28.68 -37.59
N ILE D 297 -9.57 -29.49 -37.58
CA ILE D 297 -10.93 -29.00 -37.78
C ILE D 297 -11.73 -28.94 -36.49
N ALA D 298 -11.91 -30.10 -35.84
CA ALA D 298 -12.75 -30.22 -34.63
C ALA D 298 -12.41 -29.20 -33.53
N PHE D 299 -11.12 -29.07 -33.22
CA PHE D 299 -10.69 -28.13 -32.19
C PHE D 299 -11.24 -26.69 -32.38
N PRO D 300 -10.95 -26.03 -33.53
CA PRO D 300 -11.56 -24.71 -33.71
C PRO D 300 -13.09 -24.70 -33.70
N VAL D 301 -13.73 -25.78 -34.11
CA VAL D 301 -15.18 -25.79 -34.19
C VAL D 301 -15.82 -25.88 -32.80
N VAL D 302 -15.31 -26.79 -31.99
CA VAL D 302 -15.78 -26.97 -30.61
C VAL D 302 -15.50 -25.75 -29.72
N PHE D 303 -14.53 -24.93 -30.13
CA PHE D 303 -14.22 -23.69 -29.43
C PHE D 303 -15.34 -22.73 -29.70
N LEU D 304 -15.47 -22.33 -30.97
CA LEU D 304 -16.56 -21.47 -31.41
C LEU D 304 -17.91 -22.00 -30.92
N LEU D 305 -18.02 -23.32 -30.82
CA LEU D 305 -19.23 -23.93 -30.32
C LEU D 305 -19.43 -23.60 -28.86
N ALA D 306 -18.42 -23.95 -28.08
CA ALA D 306 -18.47 -23.77 -26.63
C ALA D 306 -18.68 -22.29 -26.28
N ASN D 307 -17.86 -21.43 -26.88
CA ASN D 307 -17.96 -20.00 -26.66
C ASN D 307 -19.35 -19.44 -26.89
N ILE D 308 -20.03 -19.94 -27.91
CA ILE D 308 -21.43 -19.58 -28.13
C ILE D 308 -22.31 -20.02 -26.98
N ILE D 309 -22.15 -21.26 -26.57
CA ILE D 309 -22.93 -21.82 -25.45
C ILE D 309 -22.66 -21.07 -24.15
N LEU D 310 -21.38 -20.77 -23.90
CA LEU D 310 -20.98 -20.00 -22.73
C LEU D 310 -21.60 -18.63 -22.76
N ALA D 311 -21.31 -17.88 -23.83
CA ALA D 311 -21.87 -16.55 -23.98
C ALA D 311 -23.38 -16.60 -23.92
N PHE D 312 -23.95 -17.73 -24.33
CA PHE D 312 -25.39 -17.88 -24.24
C PHE D 312 -25.87 -17.98 -22.78
N LEU D 313 -25.24 -18.87 -22.01
CA LEU D 313 -25.59 -19.09 -20.61
C LEU D 313 -25.48 -17.80 -19.83
N PHE D 314 -24.42 -17.03 -20.09
CA PHE D 314 -24.17 -15.81 -19.34
C PHE D 314 -25.04 -14.63 -19.73
N PHE D 315 -25.10 -14.30 -21.00
CA PHE D 315 -25.80 -13.09 -21.43
C PHE D 315 -27.22 -13.30 -21.98
N GLY D 316 -27.64 -14.56 -22.09
CA GLY D 316 -28.97 -14.89 -22.60
C GLY D 316 -29.70 -15.93 -21.75
N VAL E 5 -18.79 37.76 11.79
CA VAL E 5 -19.14 36.44 11.28
C VAL E 5 -20.23 36.49 10.21
N SER E 6 -20.62 37.71 9.83
CA SER E 6 -21.58 37.88 8.75
C SER E 6 -20.85 38.61 7.64
N PRO E 7 -21.22 38.32 6.37
CA PRO E 7 -20.48 38.87 5.21
C PRO E 7 -20.71 40.36 4.98
N PRO E 8 -19.67 41.09 4.55
CA PRO E 8 -19.71 42.55 4.32
C PRO E 8 -20.82 43.02 3.38
N PRO E 9 -21.60 44.02 3.86
CA PRO E 9 -22.72 44.66 3.16
C PRO E 9 -22.26 45.58 2.03
N PRO E 10 -22.92 45.47 0.86
CA PRO E 10 -22.69 46.38 -0.27
C PRO E 10 -23.20 47.80 0.04
N ILE E 11 -22.33 48.80 -0.16
CA ILE E 11 -22.70 50.21 -0.10
C ILE E 11 -23.17 50.60 -1.48
N ALA E 12 -23.34 49.58 -2.31
CA ALA E 12 -23.75 49.72 -3.69
C ALA E 12 -24.66 48.56 -4.09
N ASP E 13 -24.85 48.42 -5.40
CA ASP E 13 -25.65 47.37 -6.02
C ASP E 13 -24.85 46.08 -6.35
N GLU E 14 -23.63 45.98 -5.82
CA GLU E 14 -22.59 45.11 -6.39
C GLU E 14 -22.19 43.86 -5.58
N PRO E 15 -21.70 42.80 -6.29
CA PRO E 15 -21.21 41.56 -5.66
C PRO E 15 -19.84 41.72 -5.03
N LEU E 16 -19.51 40.83 -4.10
CA LEU E 16 -18.20 40.80 -3.49
C LEU E 16 -17.14 40.04 -4.33
N THR E 17 -16.03 40.70 -4.63
CA THR E 17 -14.95 40.02 -5.35
C THR E 17 -13.83 39.56 -4.41
N VAL E 18 -13.62 38.24 -4.33
CA VAL E 18 -12.47 37.75 -3.59
C VAL E 18 -11.33 37.52 -4.56
N ASN E 19 -10.16 38.06 -4.20
CA ASN E 19 -9.01 37.98 -5.07
C ASN E 19 -8.09 36.86 -4.64
N THR E 20 -7.96 35.88 -5.53
CA THR E 20 -7.29 34.63 -5.23
C THR E 20 -5.99 34.55 -5.99
N GLY E 21 -5.01 33.85 -5.41
CA GLY E 21 -3.83 33.44 -6.14
C GLY E 21 -3.23 32.21 -5.49
N ILE E 22 -2.53 31.39 -6.29
CA ILE E 22 -1.92 30.16 -5.80
C ILE E 22 -0.44 30.13 -6.15
N TYR E 23 0.42 29.85 -5.17
CA TYR E 23 1.86 29.83 -5.42
C TYR E 23 2.40 28.49 -5.00
N LEU E 24 2.87 27.72 -6.00
CA LEU E 24 3.30 26.33 -5.77
C LEU E 24 4.62 26.29 -5.03
N ILE E 25 4.65 25.54 -3.93
CA ILE E 25 5.86 25.35 -3.15
C ILE E 25 6.46 24.01 -3.47
N GLU E 26 5.69 22.96 -3.17
CA GLU E 26 6.02 21.59 -3.55
C GLU E 26 4.98 20.99 -4.48
N CYS E 27 5.45 20.30 -5.51
CA CYS E 27 4.57 19.54 -6.40
C CYS E 27 5.07 18.11 -6.50
N TYR E 28 4.19 17.12 -6.43
CA TYR E 28 4.67 15.75 -6.25
C TYR E 28 3.63 14.61 -6.26
N SER E 29 4.14 13.38 -6.28
CA SER E 29 3.30 12.18 -6.35
C SER E 29 2.25 12.17 -7.46
N LEU E 30 2.69 12.37 -8.70
CA LEU E 30 1.81 12.16 -9.83
C LEU E 30 1.65 10.67 -10.03
N ASP E 31 0.41 10.24 -9.97
CA ASP E 31 0.04 8.84 -10.00
C ASP E 31 -0.82 8.61 -11.20
N ASP E 32 -0.30 7.87 -12.18
CA ASP E 32 -0.96 7.69 -13.46
C ASP E 32 -2.21 6.82 -13.36
N LYS E 33 -2.12 5.74 -12.58
CA LYS E 33 -3.25 4.81 -12.45
C LYS E 33 -4.43 5.48 -11.76
N ALA E 34 -4.12 6.30 -10.74
CA ALA E 34 -5.13 7.02 -9.96
C ALA E 34 -5.61 8.30 -10.62
N GLU E 35 -4.79 8.82 -11.52
CA GLU E 35 -5.02 10.13 -12.15
C GLU E 35 -5.11 11.26 -11.09
N THR E 36 -4.15 11.25 -10.15
CA THR E 36 -4.05 12.25 -9.12
C THR E 36 -2.63 12.78 -8.97
N PHE E 37 -2.50 13.94 -8.33
CA PHE E 37 -1.21 14.45 -7.86
C PHE E 37 -1.39 15.24 -6.58
N LYS E 38 -0.29 15.38 -5.85
CA LYS E 38 -0.29 16.08 -4.59
C LYS E 38 0.42 17.43 -4.77
N VAL E 39 -0.03 18.44 -4.05
CA VAL E 39 0.50 19.78 -4.23
C VAL E 39 0.59 20.49 -2.89
N ASN E 40 1.64 21.28 -2.72
CA ASN E 40 1.79 22.13 -1.54
CA ASN E 40 1.77 22.13 -1.53
C ASN E 40 1.96 23.58 -1.96
N ALA E 41 1.05 24.44 -1.52
CA ALA E 41 1.05 25.82 -2.01
C ALA E 41 0.56 26.83 -0.99
N PHE E 42 0.81 28.11 -1.29
CA PHE E 42 0.18 29.22 -0.58
C PHE E 42 -1.17 29.53 -1.24
N LEU E 43 -2.22 29.69 -0.43
CA LEU E 43 -3.45 30.28 -0.92
C LEU E 43 -3.51 31.73 -0.47
N SER E 44 -3.74 32.62 -1.43
CA SER E 44 -3.93 34.03 -1.13
C SER E 44 -5.36 34.44 -1.41
N LEU E 45 -5.99 35.06 -0.42
CA LEU E 45 -7.34 35.60 -0.55
C LEU E 45 -7.34 37.08 -0.20
N SER E 46 -8.03 37.89 -1.02
CA SER E 46 -8.15 39.31 -0.72
C SER E 46 -9.51 39.89 -1.09
N TRP E 47 -10.12 40.60 -0.15
CA TRP E 47 -11.45 41.20 -0.37
C TRP E 47 -11.64 42.41 0.53
N LYS E 48 -12.63 43.24 0.21
CA LYS E 48 -12.88 44.46 1.01
C LYS E 48 -14.06 44.33 1.96
N ASP E 49 -13.75 44.34 3.23
CA ASP E 49 -14.81 44.45 4.23
C ASP E 49 -14.69 45.82 4.92
N ARG E 50 -15.63 46.71 4.63
CA ARG E 50 -15.51 48.10 5.07
C ARG E 50 -15.75 48.23 6.57
N ARG E 51 -16.51 47.28 7.12
CA ARG E 51 -16.76 47.21 8.55
C ARG E 51 -15.47 47.18 9.38
N LEU E 52 -14.36 46.77 8.78
CA LEU E 52 -13.08 46.73 9.46
C LEU E 52 -12.19 47.96 9.23
N ALA E 53 -12.68 48.93 8.45
CA ALA E 53 -11.86 50.09 8.06
C ALA E 53 -11.48 50.97 9.27
N PHE E 54 -10.37 51.70 9.14
CA PHE E 54 -9.84 52.46 10.26
C PHE E 54 -8.92 53.61 9.78
N ASP E 55 -8.65 54.60 10.64
CA ASP E 55 -7.84 55.74 10.22
C ASP E 55 -6.33 55.53 10.40
N PRO E 56 -5.58 55.60 9.28
CA PRO E 56 -4.12 55.42 9.20
C PRO E 56 -3.32 56.37 10.09
N VAL E 57 -3.66 57.66 10.09
CA VAL E 57 -2.93 58.68 10.85
C VAL E 57 -3.30 58.67 12.35
N ARG E 58 -4.58 58.48 12.63
CA ARG E 58 -5.11 58.30 13.99
C ARG E 58 -4.64 57.01 14.69
N SER E 59 -4.70 55.89 13.97
CA SER E 59 -4.38 54.58 14.54
C SER E 59 -2.88 54.31 14.65
N GLY E 60 -2.10 54.88 13.72
CA GLY E 60 -0.65 54.92 13.86
C GLY E 60 0.05 53.66 13.40
N VAL E 61 -0.72 52.57 13.32
CA VAL E 61 -0.24 51.31 12.75
C VAL E 61 -0.64 51.28 11.30
N ARG E 62 0.31 50.99 10.43
CA ARG E 62 0.06 50.88 8.98
C ARG E 62 -0.98 49.80 8.68
N VAL E 63 -0.92 48.70 9.42
CA VAL E 63 -1.81 47.56 9.19
C VAL E 63 -2.18 46.81 10.47
N LYS E 64 -3.45 46.38 10.56
CA LYS E 64 -3.93 45.59 11.70
C LYS E 64 -4.06 44.06 11.41
N THR E 65 -3.68 43.27 12.42
CA THR E 65 -3.66 41.81 12.38
C THR E 65 -4.81 41.15 13.15
N TYR E 66 -5.57 40.30 12.47
CA TYR E 66 -6.68 39.62 13.13
C TYR E 66 -6.45 38.12 13.12
N GLU E 67 -7.08 37.42 14.06
CA GLU E 67 -7.18 35.97 13.96
C GLU E 67 -8.44 35.53 13.20
N PRO E 68 -8.41 34.34 12.57
CA PRO E 68 -9.51 33.92 11.67
C PRO E 68 -10.91 33.91 12.31
N GLU E 69 -11.00 33.62 13.60
CA GLU E 69 -12.28 33.56 14.27
C GLU E 69 -12.85 34.96 14.48
N ALA E 70 -11.95 35.93 14.60
CA ALA E 70 -12.31 37.33 14.79
C ALA E 70 -13.17 37.86 13.65
N ILE E 71 -12.77 37.60 12.41
CA ILE E 71 -13.43 38.21 11.25
C ILE E 71 -14.04 37.20 10.30
N TRP E 72 -14.99 37.68 9.50
CA TRP E 72 -15.62 36.87 8.48
C TRP E 72 -14.63 36.62 7.35
N ILE E 73 -14.53 35.35 6.93
CA ILE E 73 -13.66 34.94 5.83
C ILE E 73 -14.53 34.16 4.85
N PRO E 74 -14.31 34.33 3.54
CA PRO E 74 -15.21 33.62 2.61
C PRO E 74 -14.86 32.16 2.57
N GLU E 75 -15.82 31.30 2.25
CA GLU E 75 -15.52 29.87 2.19
C GLU E 75 -15.12 29.52 0.77
N ILE E 76 -13.85 29.21 0.59
CA ILE E 76 -13.28 28.84 -0.70
C ILE E 76 -12.93 27.39 -0.71
N ARG E 77 -13.46 26.67 -1.68
CA ARG E 77 -13.20 25.24 -1.76
C ARG E 77 -12.56 24.88 -3.07
N PHE E 78 -11.84 23.76 -3.08
CA PHE E 78 -11.32 23.19 -4.31
C PHE E 78 -12.39 22.26 -4.78
N VAL E 79 -12.64 22.25 -6.09
CA VAL E 79 -13.65 21.35 -6.60
C VAL E 79 -13.14 19.93 -6.68
N ASN E 80 -11.98 19.72 -7.29
CA ASN E 80 -11.47 18.37 -7.39
C ASN E 80 -10.32 18.12 -6.41
N VAL E 81 -10.67 17.43 -5.34
CA VAL E 81 -9.73 17.10 -4.30
C VAL E 81 -10.28 15.83 -3.71
N GLU E 82 -9.42 14.92 -3.25
CA GLU E 82 -9.91 13.74 -2.59
C GLU E 82 -10.70 14.12 -1.32
N ASN E 83 -10.09 14.93 -0.48
CA ASN E 83 -10.80 15.51 0.65
C ASN E 83 -10.66 17.03 0.67
N ALA E 84 -11.16 17.65 1.73
CA ALA E 84 -10.86 19.04 1.97
C ALA E 84 -9.37 19.20 2.23
N ARG E 85 -8.81 20.31 1.75
CA ARG E 85 -7.39 20.63 1.93
C ARG E 85 -6.96 20.77 3.39
N ASP E 86 -5.71 20.41 3.68
CA ASP E 86 -5.18 20.62 5.03
C ASP E 86 -4.38 21.91 5.06
N ALA E 87 -4.89 22.91 5.76
CA ALA E 87 -4.31 24.26 5.69
C ALA E 87 -4.01 24.91 7.04
N ASP E 88 -2.90 25.65 7.08
CA ASP E 88 -2.52 26.42 8.26
C ASP E 88 -2.44 27.86 7.82
N VAL E 89 -3.13 28.74 8.55
CA VAL E 89 -3.21 30.14 8.17
C VAL E 89 -1.92 30.82 8.55
N VAL E 90 -1.23 31.35 7.54
CA VAL E 90 0.05 31.99 7.71
C VAL E 90 -0.08 33.39 8.35
N ASN E 91 -0.93 34.22 7.75
CA ASN E 91 -1.14 35.57 8.21
C ASN E 91 -2.51 36.17 7.80
N ILE E 92 -3.08 37.03 8.62
CA ILE E 92 -4.19 37.86 8.15
C ILE E 92 -3.91 39.32 8.48
N SER E 93 -4.14 40.21 7.51
CA SER E 93 -3.81 41.62 7.66
C SER E 93 -4.87 42.54 7.06
N VAL E 94 -5.25 43.57 7.83
CA VAL E 94 -6.18 44.60 7.35
C VAL E 94 -5.52 45.96 7.17
N SER E 95 -5.80 46.57 6.02
CA SER E 95 -5.29 47.88 5.64
C SER E 95 -6.48 48.85 5.74
N PRO E 96 -6.18 50.16 5.95
CA PRO E 96 -7.16 51.15 6.40
C PRO E 96 -8.51 51.16 5.70
N ASP E 97 -8.58 50.93 4.39
CA ASP E 97 -9.88 51.04 3.74
C ASP E 97 -10.79 49.85 3.99
N GLY E 98 -10.26 48.80 4.64
CA GLY E 98 -11.03 47.57 4.84
C GLY E 98 -10.65 46.41 3.92
N THR E 99 -9.50 46.54 3.27
CA THR E 99 -8.96 45.47 2.44
C THR E 99 -8.20 44.41 3.25
N VAL E 100 -8.64 43.16 3.14
CA VAL E 100 -8.01 42.05 3.85
C VAL E 100 -6.99 41.28 2.99
N GLN E 101 -5.87 40.90 3.61
CA GLN E 101 -4.90 39.99 3.03
C GLN E 101 -4.87 38.69 3.83
N TYR E 102 -5.36 37.63 3.21
CA TYR E 102 -5.40 36.32 3.82
C TYR E 102 -4.29 35.50 3.15
N LEU E 103 -3.50 34.79 3.96
CA LEU E 103 -2.52 33.88 3.40
C LEU E 103 -2.48 32.57 4.19
N GLU E 104 -2.74 31.44 3.52
CA GLU E 104 -2.64 30.13 4.17
C GLU E 104 -1.67 29.24 3.43
N ARG E 105 -1.19 28.18 4.10
CA ARG E 105 -0.36 27.17 3.42
C ARG E 105 -1.06 25.81 3.44
N PHE E 106 -1.44 25.33 2.26
CA PHE E 106 -2.23 24.10 2.19
C PHE E 106 -1.52 22.99 1.47
N SER E 107 -1.93 21.76 1.79
CA SER E 107 -1.51 20.61 1.00
C SER E 107 -2.77 19.83 0.64
N ALA E 108 -3.04 19.68 -0.65
CA ALA E 108 -4.17 18.87 -1.08
C ALA E 108 -3.75 17.79 -2.09
N ARG E 109 -4.60 16.79 -2.27
CA ARG E 109 -4.40 15.82 -3.34
C ARG E 109 -5.45 15.97 -4.45
N VAL E 110 -5.00 16.44 -5.59
CA VAL E 110 -5.88 16.88 -6.66
C VAL E 110 -6.20 15.75 -7.63
N LEU E 111 -7.44 15.67 -8.08
CA LEU E 111 -7.79 14.66 -9.06
C LEU E 111 -8.05 15.35 -10.39
N SER E 112 -7.07 15.23 -11.27
CA SER E 112 -7.15 15.71 -12.65
C SER E 112 -6.97 14.56 -13.63
N PRO E 113 -7.98 14.30 -14.47
CA PRO E 113 -7.89 13.22 -15.46
C PRO E 113 -6.80 13.48 -16.50
N LEU E 114 -6.25 12.41 -17.07
CA LEU E 114 -5.09 12.50 -17.97
C LEU E 114 -5.36 11.93 -19.37
N ASP E 115 -4.54 12.32 -20.34
CA ASP E 115 -4.68 11.78 -21.69
C ASP E 115 -3.52 10.86 -22.05
N PHE E 116 -3.81 9.57 -22.21
CA PHE E 116 -2.74 8.57 -22.40
C PHE E 116 -2.44 8.16 -23.86
N ARG E 117 -3.15 8.74 -24.82
CA ARG E 117 -3.01 8.39 -26.23
C ARG E 117 -1.55 8.39 -26.76
N ARG E 118 -0.78 9.41 -26.42
CA ARG E 118 0.60 9.51 -26.92
C ARG E 118 1.66 8.93 -25.99
N TYR E 119 1.25 8.26 -24.92
CA TYR E 119 2.18 7.69 -23.94
C TYR E 119 3.25 6.79 -24.58
N PRO E 120 4.49 6.85 -24.06
CA PRO E 120 4.83 7.91 -23.10
C PRO E 120 5.41 9.16 -23.76
N PHE E 121 4.81 9.66 -24.83
CA PHE E 121 5.22 10.95 -25.39
C PHE E 121 4.29 12.12 -25.04
N ASP E 122 3.27 11.80 -24.25
CA ASP E 122 2.16 12.68 -23.92
C ASP E 122 2.54 13.92 -23.10
N SER E 123 1.69 14.94 -23.21
CA SER E 123 1.73 16.11 -22.33
C SER E 123 0.39 16.31 -21.65
N GLN E 124 0.44 16.79 -20.41
CA GLN E 124 -0.78 16.91 -19.63
C GLN E 124 -1.02 18.33 -19.10
N THR E 125 -2.30 18.71 -19.07
CA THR E 125 -2.70 19.93 -18.39
C THR E 125 -3.49 19.57 -17.14
N LEU E 126 -2.90 19.79 -15.98
CA LEU E 126 -3.56 19.51 -14.70
C LEU E 126 -4.43 20.70 -14.29
N HIS E 127 -5.59 20.43 -13.68
CA HIS E 127 -6.48 21.52 -13.30
C HIS E 127 -6.73 21.57 -11.80
N ILE E 128 -6.47 22.73 -11.20
CA ILE E 128 -6.94 23.00 -9.83
C ILE E 128 -8.09 24.00 -9.89
N TYR E 129 -9.26 23.60 -9.41
CA TYR E 129 -10.43 24.47 -9.44
C TYR E 129 -10.78 25.07 -8.09
N LEU E 130 -10.77 26.39 -8.02
CA LEU E 130 -11.24 27.08 -6.82
C LEU E 130 -12.70 27.45 -6.98
N ILE E 131 -13.46 27.37 -5.90
CA ILE E 131 -14.87 27.69 -5.98
C ILE E 131 -15.35 28.38 -4.72
N VAL E 132 -16.38 29.21 -4.88
CA VAL E 132 -17.04 29.83 -3.74
C VAL E 132 -18.54 29.91 -3.99
N ARG E 133 -19.32 29.60 -2.95
CA ARG E 133 -20.78 29.57 -3.03
C ARG E 133 -21.34 30.84 -2.43
N SER E 134 -22.28 31.46 -3.15
CA SER E 134 -22.86 32.74 -2.73
C SER E 134 -23.84 32.56 -1.58
N VAL E 135 -23.94 33.59 -0.75
CA VAL E 135 -24.85 33.60 0.40
C VAL E 135 -26.16 34.37 0.10
N ASP E 136 -27.03 34.46 1.08
CA ASP E 136 -28.33 35.10 0.91
C ASP E 136 -28.20 36.62 0.92
N THR E 137 -27.36 37.12 1.82
CA THR E 137 -27.15 38.57 1.94
C THR E 137 -26.29 39.14 0.81
N ARG E 138 -25.60 38.29 0.05
CA ARG E 138 -24.74 38.76 -1.04
C ARG E 138 -24.13 37.68 -1.96
N ASN E 139 -23.68 38.12 -3.12
CA ASN E 139 -23.06 37.24 -4.08
C ASN E 139 -21.56 37.44 -4.06
N ILE E 140 -20.84 36.33 -4.10
CA ILE E 140 -19.39 36.38 -4.09
C ILE E 140 -18.86 35.94 -5.43
N VAL E 141 -17.79 36.59 -5.88
CA VAL E 141 -17.23 36.34 -7.18
C VAL E 141 -15.70 36.27 -7.11
N LEU E 142 -15.14 35.21 -7.66
CA LEU E 142 -13.69 35.04 -7.63
C LEU E 142 -13.01 35.87 -8.73
N ALA E 143 -11.75 36.21 -8.50
CA ALA E 143 -10.97 36.90 -9.51
C ALA E 143 -9.51 36.62 -9.25
N VAL E 144 -8.69 36.76 -10.28
CA VAL E 144 -7.29 36.37 -10.16
C VAL E 144 -6.40 37.59 -9.93
N ASP E 145 -5.62 37.55 -8.87
CA ASP E 145 -4.59 38.54 -8.66
C ASP E 145 -3.25 37.90 -9.03
N LEU E 146 -2.69 38.32 -10.17
CA LEU E 146 -1.57 37.61 -10.79
C LEU E 146 -0.19 37.69 -10.11
N GLU E 147 0.01 38.60 -9.17
CA GLU E 147 1.31 38.63 -8.49
C GLU E 147 1.29 37.74 -7.27
N LYS E 148 0.11 37.22 -6.98
CA LYS E 148 -0.06 36.21 -5.95
C LYS E 148 -0.06 34.81 -6.58
N VAL E 149 0.13 34.74 -7.90
CA VAL E 149 0.15 33.48 -8.63
C VAL E 149 1.54 33.14 -9.18
N GLY E 150 2.05 31.97 -8.82
CA GLY E 150 3.31 31.54 -9.36
C GLY E 150 3.73 30.18 -8.87
N LYS E 151 5.01 29.86 -9.02
CA LYS E 151 5.55 28.62 -8.49
C LYS E 151 7.02 28.83 -8.16
N ASN E 152 7.48 28.09 -7.17
CA ASN E 152 8.87 28.14 -6.75
C ASN E 152 9.76 27.57 -7.84
N ASP E 153 11.05 27.87 -7.80
CA ASP E 153 11.96 27.31 -8.81
C ASP E 153 12.55 25.96 -8.42
N ASP E 154 12.28 25.52 -7.20
CA ASP E 154 12.72 24.19 -6.80
C ASP E 154 11.60 23.18 -7.07
N VAL E 155 10.52 23.65 -7.68
CA VAL E 155 9.36 22.78 -7.89
C VAL E 155 9.69 21.78 -8.97
N PHE E 156 9.58 20.50 -8.62
CA PHE E 156 9.88 19.41 -9.54
C PHE E 156 8.89 18.25 -9.44
N LEU E 157 8.35 17.85 -10.58
CA LEU E 157 7.46 16.71 -10.60
C LEU E 157 8.21 15.52 -11.22
N THR E 158 8.55 14.53 -10.40
CA THR E 158 9.47 13.48 -10.84
C THR E 158 9.01 12.72 -12.08
N GLY E 159 9.90 12.62 -13.05
CA GLY E 159 9.57 11.94 -14.29
C GLY E 159 8.77 12.86 -15.17
N TRP E 160 8.66 14.12 -14.75
CA TRP E 160 7.97 15.11 -15.57
C TRP E 160 8.71 16.42 -15.70
N ASP E 161 8.40 17.15 -16.77
CA ASP E 161 8.92 18.47 -16.98
C ASP E 161 7.75 19.41 -16.79
N ILE E 162 7.91 20.44 -15.97
CA ILE E 162 6.86 21.42 -15.73
C ILE E 162 7.05 22.59 -16.67
N GLU E 163 6.15 22.73 -17.64
CA GLU E 163 6.15 23.88 -18.56
C GLU E 163 5.67 25.20 -17.93
N SER E 164 4.47 25.19 -17.38
CA SER E 164 3.87 26.42 -16.86
C SER E 164 2.78 26.25 -15.79
N PHE E 165 2.65 27.24 -14.92
CA PHE E 165 1.51 27.31 -13.99
C PHE E 165 0.88 28.68 -14.13
N THR E 166 -0.36 28.72 -14.60
CA THR E 166 -1.00 29.99 -14.93
C THR E 166 -2.46 29.86 -14.50
N ALA E 167 -3.18 30.97 -14.46
CA ALA E 167 -4.60 30.90 -14.09
C ALA E 167 -5.47 31.45 -15.19
N VAL E 168 -6.66 30.86 -15.36
CA VAL E 168 -7.63 31.40 -16.30
C VAL E 168 -8.42 32.43 -15.54
N VAL E 169 -8.33 33.68 -16.00
CA VAL E 169 -8.72 34.82 -15.19
C VAL E 169 -10.22 35.00 -15.04
N LYS E 170 -11.00 34.73 -16.09
CA LYS E 170 -12.45 34.86 -15.96
C LYS E 170 -13.04 33.65 -15.25
N PRO E 171 -13.62 33.87 -14.06
CA PRO E 171 -14.25 32.73 -13.39
C PRO E 171 -15.52 32.34 -14.12
N ALA E 172 -15.84 31.05 -14.14
CA ALA E 172 -17.10 30.65 -14.74
C ALA E 172 -18.13 30.61 -13.65
N ASN E 173 -19.05 31.58 -13.69
CA ASN E 173 -20.07 31.73 -12.67
C ASN E 173 -21.37 31.10 -13.19
N PHE E 174 -22.08 30.40 -12.32
CA PHE E 174 -23.21 29.58 -12.75
C PHE E 174 -24.14 29.31 -11.58
N ALA E 175 -25.22 28.59 -11.84
CA ALA E 175 -26.28 28.42 -10.84
C ALA E 175 -26.41 26.98 -10.41
N LEU E 176 -26.24 26.74 -9.12
CA LEU E 176 -26.46 25.41 -8.58
C LEU E 176 -27.33 25.54 -7.33
N GLN E 177 -28.53 24.96 -7.42
CA GLN E 177 -29.48 24.97 -6.32
C GLN E 177 -29.84 26.37 -5.79
N ASN E 178 -30.31 27.24 -6.69
CA ASN E 178 -30.82 28.57 -6.33
C ASN E 178 -29.77 29.56 -5.85
N ARG E 179 -28.56 29.07 -5.63
CA ARG E 179 -27.43 29.95 -5.34
C ARG E 179 -26.50 30.11 -6.53
N LEU E 180 -25.49 30.93 -6.32
CA LEU E 180 -24.52 31.24 -7.36
C LEU E 180 -23.15 30.76 -6.95
N GLU E 181 -22.48 30.11 -7.89
CA GLU E 181 -21.12 29.65 -7.65
C GLU E 181 -20.13 30.24 -8.63
N SER E 182 -19.01 30.72 -8.07
CA SER E 182 -17.92 31.28 -8.86
C SER E 182 -16.75 30.30 -8.84
N LYS E 183 -16.43 29.76 -10.02
CA LYS E 183 -15.41 28.72 -10.15
C LYS E 183 -14.19 29.20 -10.95
N LEU E 184 -12.99 29.02 -10.41
CA LEU E 184 -11.76 29.42 -11.08
C LEU E 184 -10.91 28.24 -11.48
N ASP E 185 -10.22 28.34 -12.63
CA ASP E 185 -9.42 27.23 -13.17
C ASP E 185 -7.93 27.59 -13.23
N TYR E 186 -7.14 26.95 -12.36
CA TYR E 186 -5.68 27.11 -12.36
C TYR E 186 -5.08 25.92 -13.08
N GLN E 187 -4.12 26.15 -13.97
CA GLN E 187 -3.64 25.10 -14.86
C GLN E 187 -2.15 24.78 -14.72
N LEU E 188 -1.84 23.54 -14.38
CA LEU E 188 -0.45 23.09 -14.40
C LEU E 188 -0.17 22.40 -15.73
N ARG E 189 0.89 22.80 -16.42
CA ARG E 189 1.22 22.20 -17.70
C ARG E 189 2.54 21.44 -17.68
N ILE E 190 2.46 20.15 -17.98
CA ILE E 190 3.61 19.27 -17.87
C ILE E 190 3.72 18.36 -19.08
N SER E 191 4.95 17.94 -19.38
CA SER E 191 5.21 16.97 -20.43
C SER E 191 5.99 15.80 -19.83
N ARG E 192 5.62 14.58 -20.21
CA ARG E 192 6.27 13.40 -19.67
C ARG E 192 7.69 13.23 -20.20
N GLN E 193 8.63 12.90 -19.31
CA GLN E 193 10.01 12.68 -19.71
C GLN E 193 10.11 11.25 -20.10
N TYR E 194 10.28 11.04 -21.40
CA TYR E 194 10.13 9.76 -22.05
C TYR E 194 11.40 8.95 -22.17
N PHE E 195 12.54 9.58 -21.89
CA PHE E 195 13.83 8.98 -22.13
C PHE E 195 13.97 7.57 -21.60
N SER E 196 13.68 7.37 -20.32
CA SER E 196 13.90 6.08 -19.70
C SER E 196 13.15 4.91 -20.40
N TYR E 197 11.99 5.19 -21.00
CA TYR E 197 11.20 4.13 -21.64
C TYR E 197 11.96 3.47 -22.77
N ILE E 198 12.85 4.23 -23.40
CA ILE E 198 13.64 3.70 -24.50
C ILE E 198 14.58 2.56 -24.09
N PRO E 199 15.53 2.80 -23.15
CA PRO E 199 16.32 1.63 -22.76
C PRO E 199 15.56 0.58 -21.93
N ASN E 200 14.53 1.03 -21.21
CA ASN E 200 13.80 0.13 -20.32
C ASN E 200 12.72 -0.74 -20.96
N ILE E 201 12.05 -0.20 -21.98
CA ILE E 201 10.94 -0.89 -22.59
C ILE E 201 11.07 -1.01 -24.11
N ILE E 202 11.06 0.14 -24.80
CA ILE E 202 11.03 0.17 -26.26
C ILE E 202 12.18 -0.58 -26.92
N LEU E 203 13.40 -0.32 -26.52
CA LEU E 203 14.51 -1.06 -27.11
C LEU E 203 14.50 -2.57 -26.83
N PRO E 204 14.45 -2.97 -25.55
CA PRO E 204 14.48 -4.44 -25.33
C PRO E 204 13.35 -5.17 -26.08
N MET E 205 12.22 -4.47 -26.20
CA MET E 205 11.04 -5.02 -26.82
C MET E 205 11.26 -5.20 -28.31
N LEU E 206 12.17 -4.42 -28.89
CA LEU E 206 12.58 -4.64 -30.29
C LEU E 206 13.56 -5.80 -30.47
N PHE E 207 14.60 -5.87 -29.65
CA PHE E 207 15.60 -6.94 -29.72
C PHE E 207 14.95 -8.32 -29.75
N ILE E 208 14.05 -8.57 -28.80
CA ILE E 208 13.33 -9.84 -28.77
C ILE E 208 12.50 -10.03 -30.03
N LEU E 209 12.10 -8.94 -30.67
CA LEU E 209 11.36 -9.06 -31.90
C LEU E 209 12.35 -9.49 -32.99
N PHE E 210 13.48 -8.79 -33.04
CA PHE E 210 14.51 -9.06 -34.05
C PHE E 210 15.09 -10.44 -33.87
N ILE E 211 15.46 -10.78 -32.65
CA ILE E 211 15.87 -12.14 -32.35
C ILE E 211 14.83 -13.13 -32.86
N SER E 212 13.55 -12.81 -32.75
CA SER E 212 12.50 -13.72 -33.23
C SER E 212 12.59 -13.87 -34.73
N TRP E 213 13.16 -12.87 -35.38
CA TRP E 213 13.26 -12.86 -36.84
C TRP E 213 14.40 -13.71 -37.45
N THR E 214 15.39 -14.08 -36.64
CA THR E 214 16.46 -14.96 -37.12
C THR E 214 15.96 -16.35 -37.46
N ALA E 215 14.72 -16.65 -37.11
CA ALA E 215 14.14 -17.95 -37.45
C ALA E 215 13.94 -18.06 -38.95
N PHE E 216 14.04 -16.93 -39.64
CA PHE E 216 13.91 -16.88 -41.10
C PHE E 216 15.22 -17.31 -41.82
N TRP E 217 16.32 -17.29 -41.08
CA TRP E 217 17.59 -17.86 -41.52
C TRP E 217 17.80 -19.30 -41.01
N SER E 218 16.76 -19.88 -40.41
CA SER E 218 16.84 -21.28 -39.95
C SER E 218 15.77 -22.16 -40.56
N THR E 219 16.16 -23.37 -40.93
CA THR E 219 15.24 -24.40 -41.41
C THR E 219 14.85 -25.39 -40.32
N SER E 220 15.37 -25.21 -39.10
CA SER E 220 15.15 -26.19 -38.02
C SER E 220 13.90 -25.85 -37.25
N TYR E 221 12.93 -26.76 -37.26
CA TYR E 221 11.63 -26.49 -36.65
C TYR E 221 11.67 -26.48 -35.13
N GLU E 222 12.24 -27.50 -34.51
CA GLU E 222 12.39 -27.48 -33.06
C GLU E 222 13.06 -26.20 -32.60
N ALA E 223 14.16 -25.82 -33.23
CA ALA E 223 14.86 -24.63 -32.81
C ALA E 223 14.16 -23.36 -33.26
N ASN E 224 13.31 -23.44 -34.28
CA ASN E 224 12.55 -22.25 -34.66
C ASN E 224 11.37 -22.04 -33.73
N VAL E 225 10.67 -23.11 -33.40
CA VAL E 225 9.56 -23.01 -32.48
C VAL E 225 10.09 -22.44 -31.14
N THR E 226 11.13 -23.07 -30.59
CA THR E 226 11.72 -22.60 -29.35
C THR E 226 12.05 -21.12 -29.42
N LEU E 227 12.72 -20.73 -30.49
CA LEU E 227 13.08 -19.34 -30.72
C LEU E 227 11.87 -18.45 -30.69
N VAL E 228 10.95 -18.64 -31.63
CA VAL E 228 9.78 -17.78 -31.76
C VAL E 228 8.86 -17.77 -30.52
N VAL E 229 8.68 -18.93 -29.89
CA VAL E 229 7.82 -19.02 -28.71
C VAL E 229 8.42 -18.36 -27.45
N SER E 230 9.73 -18.52 -27.26
CA SER E 230 10.39 -17.91 -26.12
C SER E 230 10.41 -16.38 -26.20
N THR E 231 10.63 -15.84 -27.38
CA THR E 231 10.63 -14.40 -27.52
C THR E 231 9.22 -13.87 -27.38
N LEU E 232 8.23 -14.71 -27.67
CA LEU E 232 6.85 -14.29 -27.48
C LEU E 232 6.55 -14.05 -26.00
N ILE E 233 6.93 -15.03 -25.18
CA ILE E 233 6.76 -14.97 -23.73
C ILE E 233 7.36 -13.70 -23.10
N ALA E 234 8.62 -13.41 -23.41
CA ALA E 234 9.27 -12.20 -22.92
C ALA E 234 8.51 -10.99 -23.37
N HIS E 235 7.90 -11.05 -24.55
CA HIS E 235 7.10 -9.93 -25.01
C HIS E 235 5.83 -9.78 -24.17
N ILE E 236 5.34 -10.87 -23.59
CA ILE E 236 4.20 -10.77 -22.67
C ILE E 236 4.62 -10.10 -21.38
N ALA E 237 5.77 -10.49 -20.84
CA ALA E 237 6.29 -9.86 -19.62
C ALA E 237 6.33 -8.37 -19.83
N PHE E 238 6.75 -7.95 -21.01
CA PHE E 238 6.77 -6.53 -21.28
C PHE E 238 5.40 -5.93 -21.49
N ASN E 239 4.50 -6.67 -22.14
CA ASN E 239 3.13 -6.20 -22.31
C ASN E 239 2.47 -5.96 -20.96
N ILE E 240 2.66 -6.91 -20.04
CA ILE E 240 2.09 -6.87 -18.72
C ILE E 240 2.68 -5.74 -17.88
N LEU E 241 4.01 -5.69 -17.83
CA LEU E 241 4.72 -4.64 -17.12
C LEU E 241 4.23 -3.25 -17.51
N VAL E 242 4.01 -3.02 -18.80
CA VAL E 242 3.57 -1.71 -19.24
C VAL E 242 2.15 -1.40 -18.78
N GLU E 243 1.25 -2.36 -18.91
CA GLU E 243 -0.16 -2.08 -18.69
C GLU E 243 -0.51 -1.99 -17.24
N THR E 244 0.26 -2.63 -16.37
CA THR E 244 -0.03 -2.52 -14.95
C THR E 244 0.28 -1.12 -14.41
N ASN E 245 1.16 -0.40 -15.09
CA ASN E 245 1.55 0.94 -14.67
C ASN E 245 0.68 2.03 -15.26
N LEU E 246 -0.38 1.62 -15.93
CA LEU E 246 -1.31 2.54 -16.55
C LEU E 246 -2.73 2.20 -16.16
N PRO E 247 -3.62 3.20 -16.15
CA PRO E 247 -5.05 2.99 -15.95
C PRO E 247 -5.72 2.39 -17.20
N LYS E 248 -6.94 1.90 -17.05
CA LYS E 248 -7.62 1.29 -18.19
C LYS E 248 -8.44 2.35 -18.91
N THR E 249 -7.98 2.69 -20.10
CA THR E 249 -8.59 3.73 -20.92
C THR E 249 -9.68 3.17 -21.86
N PRO E 250 -10.73 3.96 -22.13
CA PRO E 250 -11.77 3.57 -23.09
C PRO E 250 -11.21 3.62 -24.49
N TYR E 251 -10.05 4.26 -24.63
CA TYR E 251 -9.40 4.48 -25.92
C TYR E 251 -8.07 3.73 -26.03
N MET E 252 -7.35 3.97 -27.13
CA MET E 252 -6.15 3.20 -27.45
C MET E 252 -4.86 4.03 -27.30
N THR E 253 -3.95 3.59 -26.44
CA THR E 253 -2.68 4.30 -26.26
C THR E 253 -1.70 3.99 -27.37
N TYR E 254 -0.76 4.90 -27.61
CA TYR E 254 0.24 4.67 -28.65
C TYR E 254 1.06 3.41 -28.37
N THR E 255 1.72 3.37 -27.21
CA THR E 255 2.48 2.19 -26.79
C THR E 255 1.61 0.93 -26.82
N GLY E 256 0.32 1.10 -26.57
CA GLY E 256 -0.54 -0.05 -26.52
C GLY E 256 -0.77 -0.61 -27.90
N ALA E 257 -0.86 0.29 -28.87
CA ALA E 257 -1.02 -0.09 -30.26
C ALA E 257 0.20 -0.89 -30.72
N ILE E 258 1.37 -0.28 -30.60
CA ILE E 258 2.64 -0.89 -30.91
C ILE E 258 2.79 -2.27 -30.29
N ILE E 259 2.54 -2.39 -28.99
CA ILE E 259 2.68 -3.68 -28.30
C ILE E 259 1.74 -4.71 -28.89
N PHE E 260 0.55 -4.25 -29.27
CA PHE E 260 -0.47 -5.11 -29.86
C PHE E 260 -0.16 -5.50 -31.29
N MET E 261 0.32 -4.53 -32.06
CA MET E 261 0.73 -4.79 -33.43
C MET E 261 1.79 -5.89 -33.42
N ILE E 262 2.79 -5.70 -32.57
CA ILE E 262 3.88 -6.65 -32.44
C ILE E 262 3.39 -8.06 -32.11
N TYR E 263 2.21 -8.17 -31.51
CA TYR E 263 1.67 -9.51 -31.26
C TYR E 263 1.39 -10.23 -32.57
N LEU E 264 1.04 -9.48 -33.60
CA LEU E 264 0.73 -10.08 -34.90
C LEU E 264 1.99 -10.65 -35.59
N PHE E 265 3.05 -9.85 -35.61
CA PHE E 265 4.32 -10.26 -36.18
C PHE E 265 4.81 -11.56 -35.54
N TYR E 266 4.40 -11.82 -34.30
CA TYR E 266 4.73 -13.07 -33.67
C TYR E 266 3.82 -14.17 -34.19
N PHE E 267 2.58 -13.81 -34.48
CA PHE E 267 1.59 -14.81 -34.87
C PHE E 267 1.89 -15.29 -36.28
N VAL E 268 2.13 -14.33 -37.16
CA VAL E 268 2.47 -14.63 -38.54
C VAL E 268 3.81 -15.36 -38.62
N ALA E 269 4.84 -14.84 -37.95
CA ALA E 269 6.13 -15.54 -37.88
C ALA E 269 5.93 -16.96 -37.39
N VAL E 270 4.91 -17.20 -36.59
CA VAL E 270 4.62 -18.58 -36.21
C VAL E 270 4.05 -19.34 -37.42
N ILE E 271 3.14 -18.70 -38.16
CA ILE E 271 2.54 -19.33 -39.33
C ILE E 271 3.62 -19.72 -40.35
N GLU E 272 4.47 -18.76 -40.69
CA GLU E 272 5.59 -19.04 -41.57
C GLU E 272 6.41 -20.21 -41.05
N VAL E 273 6.84 -20.16 -39.79
CA VAL E 273 7.67 -21.23 -39.25
C VAL E 273 6.99 -22.58 -39.46
N THR E 274 5.68 -22.60 -39.29
CA THR E 274 4.90 -23.82 -39.44
C THR E 274 4.73 -24.21 -40.91
N VAL E 275 4.38 -23.23 -41.74
CA VAL E 275 4.26 -23.43 -43.19
C VAL E 275 5.55 -23.99 -43.81
N GLN E 276 6.66 -23.29 -43.57
CA GLN E 276 7.98 -23.70 -44.02
C GLN E 276 8.32 -25.15 -43.66
N HIS E 277 7.92 -25.59 -42.46
CA HIS E 277 8.19 -26.97 -42.09
C HIS E 277 7.16 -27.94 -42.67
N TYR E 278 6.00 -27.43 -43.08
CA TYR E 278 5.00 -28.30 -43.69
C TYR E 278 5.30 -28.59 -45.15
N LEU E 279 5.70 -27.57 -45.88
CA LEU E 279 6.12 -27.77 -47.26
C LEU E 279 7.31 -28.72 -47.23
N LYS E 280 8.36 -28.31 -46.52
CA LYS E 280 9.57 -29.11 -46.42
C LYS E 280 9.35 -30.53 -45.84
N VAL E 281 8.28 -30.76 -45.10
CA VAL E 281 8.01 -32.15 -44.69
C VAL E 281 7.35 -32.93 -45.84
N GLU E 282 6.65 -32.21 -46.71
CA GLU E 282 5.92 -32.78 -47.84
C GLU E 282 6.73 -32.82 -49.15
N SER E 283 8.01 -32.48 -49.02
CA SER E 283 8.95 -32.50 -50.13
C SER E 283 8.58 -31.49 -51.23
N GLN E 284 8.28 -30.26 -50.84
CA GLN E 284 8.37 -29.16 -51.80
C GLN E 284 9.18 -27.96 -51.28
N PRO E 285 10.47 -28.19 -50.98
CA PRO E 285 11.37 -27.14 -50.45
C PRO E 285 11.52 -25.97 -51.41
N ALA E 286 11.15 -26.19 -52.67
CA ALA E 286 11.12 -25.12 -53.67
C ALA E 286 10.35 -23.90 -53.18
N ARG E 287 9.11 -24.11 -52.72
CA ARG E 287 8.30 -23.01 -52.17
C ARG E 287 8.79 -22.66 -50.78
N ALA E 288 8.99 -23.68 -49.95
CA ALA E 288 9.38 -23.50 -48.55
C ALA E 288 10.53 -22.51 -48.38
N ALA E 289 11.71 -22.83 -48.89
CA ALA E 289 12.83 -21.88 -48.79
C ALA E 289 12.62 -20.58 -49.60
N SER E 290 11.63 -20.56 -50.47
CA SER E 290 11.33 -19.35 -51.23
C SER E 290 10.60 -18.35 -50.33
N ILE E 291 9.61 -18.85 -49.60
CA ILE E 291 8.83 -18.08 -48.61
C ILE E 291 9.76 -17.52 -47.54
N THR E 292 10.47 -18.43 -46.90
CA THR E 292 11.49 -18.14 -45.90
C THR E 292 12.52 -17.13 -46.41
N ARG E 293 12.75 -17.10 -47.71
CA ARG E 293 13.66 -16.12 -48.32
C ARG E 293 12.97 -14.75 -48.43
N ALA E 294 11.66 -14.77 -48.66
CA ALA E 294 10.89 -13.56 -48.87
C ALA E 294 10.56 -12.86 -47.56
N SER E 295 10.30 -13.65 -46.52
CA SER E 295 9.97 -13.12 -45.21
C SER E 295 11.07 -12.21 -44.71
N ARG E 296 12.33 -12.64 -44.86
CA ARG E 296 13.50 -11.92 -44.35
C ARG E 296 13.55 -10.47 -44.82
N ILE E 297 12.78 -10.19 -45.85
CA ILE E 297 12.67 -8.85 -46.39
C ILE E 297 11.36 -8.28 -45.90
N ALA E 298 10.26 -8.94 -46.25
CA ALA E 298 8.92 -8.45 -45.94
C ALA E 298 8.70 -8.04 -44.48
N PHE E 299 9.05 -8.93 -43.55
CA PHE E 299 8.84 -8.64 -42.13
C PHE E 299 9.44 -7.31 -41.70
N PRO E 300 10.79 -7.14 -41.85
CA PRO E 300 11.31 -5.82 -41.49
C PRO E 300 10.69 -4.68 -42.28
N VAL E 301 10.29 -4.89 -43.51
CA VAL E 301 9.70 -3.79 -44.25
C VAL E 301 8.27 -3.54 -43.79
N VAL E 302 7.47 -4.60 -43.67
CA VAL E 302 6.09 -4.45 -43.20
C VAL E 302 6.04 -3.95 -41.76
N PHE E 303 7.14 -4.13 -41.02
CA PHE E 303 7.21 -3.60 -39.67
C PHE E 303 7.38 -2.11 -39.75
N LEU E 304 8.53 -1.69 -40.27
CA LEU E 304 8.87 -0.29 -40.48
C LEU E 304 7.73 0.43 -41.21
N LEU E 305 7.03 -0.27 -42.09
CA LEU E 305 5.92 0.37 -42.78
C LEU E 305 4.85 0.72 -41.79
N ALA E 306 4.38 -0.27 -41.03
CA ALA E 306 3.29 -0.04 -40.07
C ALA E 306 3.64 1.02 -39.01
N ASN E 307 4.82 0.90 -38.42
CA ASN E 307 5.28 1.85 -37.43
C ASN E 307 5.21 3.29 -37.93
N ILE E 308 5.61 3.49 -39.17
CA ILE E 308 5.45 4.80 -39.77
C ILE E 308 3.97 5.15 -39.87
N ILE E 309 3.16 4.21 -40.34
CA ILE E 309 1.73 4.49 -40.45
C ILE E 309 1.11 4.78 -39.08
N LEU E 310 1.48 4.00 -38.08
CA LEU E 310 0.97 4.25 -36.72
C LEU E 310 1.36 5.62 -36.20
N ALA E 311 2.66 5.89 -36.17
CA ALA E 311 3.18 7.14 -35.66
C ALA E 311 2.50 8.31 -36.33
N PHE E 312 2.08 8.12 -37.57
CA PHE E 312 1.39 9.18 -38.26
C PHE E 312 0.03 9.42 -37.61
N LEU E 313 -0.73 8.34 -37.44
CA LEU E 313 -2.08 8.43 -36.87
C LEU E 313 -2.10 9.03 -35.48
N PHE E 314 -1.14 8.65 -34.65
CA PHE E 314 -1.07 9.15 -33.30
C PHE E 314 -0.50 10.57 -33.16
N PHE E 315 0.64 10.84 -33.78
CA PHE E 315 1.28 12.14 -33.61
C PHE E 315 1.08 13.16 -34.72
N GLY E 316 0.31 12.82 -35.74
CA GLY E 316 0.16 13.69 -36.89
C GLY E 316 -1.29 13.90 -37.29
CBK LMD F . 11.21 -12.55 -19.01
CBJ LMD F . 10.13 -13.43 -18.37
CBI LMD F . 10.08 -13.13 -16.87
CBH LMD F . 10.01 -11.61 -16.64
CBG LMD F . 10.34 -11.25 -15.16
CBF LMD F . 9.04 -11.11 -14.33
CBE LMD F . 9.35 -10.87 -12.84
CBD LMD F . 10.15 -9.56 -12.62
CBC LMD F . 10.47 -9.36 -11.12
CBB LMD F . 9.30 -8.79 -10.29
CBA LMD F . 9.80 -8.24 -8.94
CAZ LMD F . 8.66 -7.96 -7.93
CAY LMD F . 9.18 -7.46 -6.55
CAX LMD F . 10.21 -6.31 -6.72
OAS LMD F . 10.77 -5.87 -5.46
CAM LMD F . 9.89 -5.12 -4.59
CAN LMD F . 8.88 -4.12 -5.16
OAT LMD F . 9.28 -3.39 -6.31
CAO LMD F . 8.62 -3.06 -4.07
OAU LMD F . 7.62 -2.18 -4.59
OAV LMD F . 9.16 -5.84 -3.58
CAQ LMD F . 8.76 -5.10 -2.39
CAR LMD F . 7.78 -6.00 -1.58
OAW LMD F . 7.86 -5.69 -0.20
CAP LMD F . 8.18 -3.67 -2.70
O1 LMD F . 8.53 -2.80 -1.59
C1 LMD F . 8.62 -1.38 -1.85
O5 LMD F . 7.33 -0.74 -1.69
C5 LMD F . 7.25 0.65 -2.15
C6 LMD F . 6.32 0.73 -3.40
O6 LMD F . 5.14 -0.02 -3.21
C4 LMD F . 8.68 1.24 -2.40
O4 LMD F . 8.69 2.65 -2.59
C3 LMD F . 9.56 0.88 -1.17
O3 LMD F . 10.82 1.54 -1.20
C2 LMD F . 9.76 -0.66 -1.08
O2 LMD F . 9.88 -1.04 0.29
O12 PC1 G . 35.03 6.19 -4.71
P PC1 G . 33.66 6.62 -5.19
O14 PC1 G . 33.77 7.56 -6.37
O13 PC1 G . 32.84 7.33 -4.06
C11 PC1 G . 33.62 8.23 -3.36
C12 PC1 G . 32.95 9.56 -3.36
N PC1 G . 33.82 10.53 -3.98
C13 PC1 G . 33.46 11.83 -3.49
C14 PC1 G . 33.67 10.49 -5.40
C15 PC1 G . 35.17 10.25 -3.63
O11 PC1 G . 32.81 5.38 -5.64
C1 PC1 G . 33.57 4.42 -6.27
C2 PC1 G . 32.76 3.18 -6.45
O21 PC1 G . 32.70 2.46 -5.26
C21 PC1 G . 33.93 2.10 -4.72
O22 PC1 G . 34.35 2.72 -3.75
C22 PC1 G . 34.54 0.78 -5.09
C23 PC1 G . 33.89 -0.36 -4.40
C24 PC1 G . 33.52 -1.39 -5.41
C25 PC1 G . 33.64 -2.78 -4.84
C26 PC1 G . 32.74 -3.69 -5.63
C27 PC1 G . 33.54 -4.71 -6.37
C28 PC1 G . 32.78 -5.17 -7.58
C29 PC1 G . 32.09 -6.45 -7.30
C2A PC1 G . 31.51 -7.00 -8.57
C2B PC1 G . 32.16 -8.33 -8.87
C3 PC1 G . 33.27 2.35 -7.58
O31 PC1 G . 32.73 1.07 -7.57
C31 PC1 G . 32.66 0.54 -8.85
O32 PC1 G . 32.84 1.24 -9.83
C32 PC1 G . 32.25 -0.90 -9.03
C33 PC1 G . 31.93 -1.17 -10.46
C34 PC1 G . 32.17 -2.61 -10.73
C35 PC1 G . 30.88 -3.30 -11.05
C36 PC1 G . 31.17 -4.56 -11.79
C37 PC1 G . 30.52 -4.51 -13.15
C38 PC1 G . 30.36 -5.91 -13.68
O12 PC1 H . 27.61 10.37 -15.26
P PC1 H . 27.54 11.29 -16.47
O14 PC1 H . 28.19 10.63 -17.67
O13 PC1 H . 28.34 12.60 -16.21
C11 PC1 H . 27.89 13.26 -15.07
C12 PC1 H . 28.83 14.35 -14.68
N PC1 H . 29.81 13.88 -13.76
C13 PC1 H . 30.78 13.07 -14.46
C14 PC1 H . 29.19 13.11 -12.73
C15 PC1 H . 30.49 14.98 -13.17
O11 PC1 H . 26.04 11.65 -16.83
C1 PC1 H . 25.70 11.31 -18.14
C2 PC1 H . 24.93 12.39 -18.85
O21 PC1 H . 23.63 12.43 -18.39
C21 PC1 H . 22.75 11.90 -19.34
O22 PC1 H . 22.04 12.65 -19.99
C22 PC1 H . 22.60 10.41 -19.50
C23 PC1 H . 21.93 10.09 -20.81
C24 PC1 H . 22.77 10.54 -21.97
C25 PC1 H . 22.48 9.76 -23.21
C26 PC1 H . 23.50 8.68 -23.42
C27 PC1 H . 23.08 7.82 -24.56
C28 PC1 H . 22.70 6.45 -24.10
C29 PC1 H . 21.35 6.06 -24.61
C2A PC1 H . 21.22 4.60 -24.85
C2B PC1 H . 19.87 4.31 -25.41
C3 PC1 H . 24.90 12.19 -20.34
O31 PC1 H . 26.11 12.27 -20.97
C31 PC1 H . 26.67 11.03 -21.02
O32 PC1 H . 27.62 10.79 -20.29
C32 PC1 H . 25.88 9.88 -21.54
C33 PC1 H . 26.34 8.62 -20.90
C34 PC1 H . 25.37 7.52 -21.19
C35 PC1 H . 26.11 6.28 -21.57
C36 PC1 H . 25.40 5.65 -22.73
C37 PC1 H . 24.63 4.48 -22.24
C38 PC1 H . 24.31 3.57 -23.39
C39 PC1 H . 24.95 2.25 -23.15
C3A PC1 H . 26.14 2.43 -22.26
C1 OXL I . 37.77 -25.83 -32.00
C2 OXL I . 36.74 -25.64 -33.08
O1 OXL I . 37.73 -26.83 -31.23
O2 OXL I . 36.98 -24.85 -34.05
O3 OXL I . 38.70 -24.99 -31.86
O4 OXL I . 35.63 -26.25 -33.05
C1 OXL J . 6.16 22.61 8.90
C2 OXL J . 5.67 23.08 7.58
O1 OXL J . 5.95 23.28 9.96
O2 OXL J . 4.48 23.49 7.40
O3 OXL J . 6.80 21.54 8.95
O4 OXL J . 6.48 23.06 6.62
C1 OXL K . 5.53 27.43 14.70
C2 OXL K . 5.03 26.55 13.59
O1 OXL K . 4.79 28.32 15.21
O2 OXL K . 5.13 26.91 12.38
O3 OXL K . 6.73 27.28 15.11
O4 OXL K . 4.50 25.43 13.87
C ACT L . 6.99 29.23 3.40
O ACT L . 7.29 30.37 3.86
OXT ACT L . 6.10 28.59 4.01
CH3 ACT L . 7.65 28.66 2.16
C ACT M . 1.31 38.37 3.50
O ACT M . 1.81 37.85 4.54
OXT ACT M . 2.01 38.24 2.47
CH3 ACT M . -0.03 39.07 3.49
O12 PC1 N . 20.38 -21.16 19.26
P PC1 N . 21.03 -21.61 17.96
O14 PC1 N . 21.61 -20.42 17.23
O13 PC1 N . 22.22 -22.60 18.24
C11 PC1 N . 23.39 -21.90 18.51
C12 PC1 N . 24.12 -22.51 19.67
N PC1 N . 25.53 -22.23 19.57
C13 PC1 N . 25.74 -20.82 19.53
C14 PC1 N . 26.21 -22.79 20.70
C15 PC1 N . 26.03 -22.83 18.37
O11 PC1 N . 19.99 -22.29 17.00
C1 PC1 N . 20.53 -23.22 16.13
C2 PC1 N . 19.73 -23.31 14.86
O21 PC1 N . 18.37 -23.47 15.12
C21 PC1 N . 17.91 -24.78 15.22
O22 PC1 N . 17.46 -25.13 16.31
C22 PC1 N . 17.43 -25.49 13.98
C23 PC1 N . 16.63 -26.72 14.32
C24 PC1 N . 15.79 -27.19 13.16
C25 PC1 N . 16.52 -26.96 11.89
C26 PC1 N . 16.19 -28.04 10.89
C27 PC1 N . 15.79 -27.45 9.59
C28 PC1 N . 16.38 -28.27 8.49
C29 PC1 N . 15.32 -28.76 7.55
C2A PC1 N . 15.53 -28.20 6.18
C2B PC1 N . 16.35 -29.14 5.35
C3 PC1 N . 20.27 -24.37 13.94
O31 PC1 N . 20.63 -23.83 12.72
C31 PC1 N . 20.55 -24.76 11.68
O32 PC1 N . 21.53 -25.00 10.99
C32 PC1 N . 19.20 -25.15 11.17
C33 PC1 N . 19.31 -25.79 9.82
C34 PC1 N . 19.75 -24.79 8.80
C35 PC1 N . 20.38 -25.50 7.64
C36 PC1 N . 19.61 -26.73 7.29
C37 PC1 N . 19.23 -26.65 5.84
C38 PC1 N . 20.37 -26.07 5.09
C39 PC1 N . 20.58 -26.85 3.83
C3A PC1 N . 19.50 -26.50 2.86
O12 PC1 O . 28.33 -12.91 15.28
P PC1 O . 29.13 -14.16 15.55
O14 PC1 O . 28.80 -15.26 14.57
O13 PC1 O . 28.81 -14.76 16.97
C11 PC1 O . 27.45 -14.86 17.14
C12 PC1 O . 26.98 -13.87 18.15
N PC1 O . 26.32 -14.47 19.27
C13 PC1 O . 26.47 -13.61 20.40
C14 PC1 O . 26.91 -15.73 19.58
C15 PC1 O . 24.93 -14.66 18.99
O11 PC1 O . 30.66 -13.85 15.43
C1 PC1 O . 30.87 -13.08 14.31
C2 PC1 O . 31.55 -13.88 13.23
O21 PC1 O . 32.65 -13.20 12.71
C21 PC1 O . 32.40 -12.06 11.97
O22 PC1 O . 31.30 -11.52 11.93
C22 PC1 O . 33.53 -11.41 11.24
C23 PC1 O . 33.10 -10.06 10.75
C24 PC1 O . 32.47 -10.12 9.39
C25 PC1 O . 32.63 -11.45 8.71
C26 PC1 O . 32.96 -11.27 7.27
C27 PC1 O . 31.82 -11.71 6.40
C28 PC1 O . 32.10 -11.38 4.97
C29 PC1 O . 31.29 -12.25 4.05
C2A PC1 O . 32.06 -12.71 2.86
C2B PC1 O . 32.27 -11.58 1.90
C3 PC1 O . 30.57 -14.26 12.16
O31 PC1 O . 31.21 -14.79 11.04
C31 PC1 O . 30.46 -14.51 9.92
O32 PC1 O . 29.29 -14.12 10.05
C32 PC1 O . 31.15 -14.37 8.59
C33 PC1 O . 30.67 -15.40 7.61
C34 PC1 O . 30.89 -14.97 6.20
C35 PC1 O . 30.58 -16.10 5.26
C36 PC1 O . 30.51 -15.64 3.84
C37 PC1 O . 29.67 -16.58 3.05
C38 PC1 O . 29.79 -16.32 1.58
C39 PC1 O . 29.43 -17.54 0.79
C1 OXL P . 29.29 -44.70 -17.01
C2 OXL P . 28.04 -45.35 -16.51
O1 OXL P . 30.38 -44.88 -16.40
O2 OXL P . 27.01 -45.39 -17.25
O3 OXL P . 29.28 -43.97 -18.06
O4 OXL P . 27.99 -45.84 -15.35
C1 OXL Q . 24.36 -33.54 -29.20
C2 OXL Q . 22.95 -33.34 -28.70
O1 OXL Q . 25.11 -34.33 -28.57
O2 OXL Q . 22.43 -34.22 -27.95
O3 OXL Q . 24.76 -32.92 -30.24
O4 OXL Q . 22.30 -32.30 -29.02
C ACT R . 13.37 13.12 24.06
O ACT R . 12.19 13.16 23.63
OXT ACT R . 13.62 13.80 25.08
CH3 ACT R . 14.44 12.32 23.37
C ACT S . 15.68 22.81 26.91
O ACT S . 16.89 22.57 27.11
OXT ACT S . 14.92 21.83 27.02
CH3 ACT S . 15.18 24.20 26.57
CBK LMD T . 13.04 -15.37 -15.34
CBJ LMD T . 12.21 -15.89 -14.16
CBI LMD T . 13.12 -15.96 -12.92
CBH LMD T . 12.45 -15.17 -11.77
CBG LMD T . 10.91 -15.21 -11.88
CBF LMD T . 10.25 -14.10 -11.02
CBE LMD T . 10.07 -14.56 -9.55
CBD LMD T . 9.40 -13.46 -8.69
CBC LMD T . 8.45 -14.09 -7.66
CBB LMD T . 8.17 -13.17 -6.46
CBA LMD T . 6.98 -12.21 -6.74
CAZ LMD T . 6.52 -11.52 -5.43
CAY LMD T . 5.88 -12.52 -4.44
CAX LMD T . 6.03 -12.10 -2.96
OAS LMD T . 4.98 -11.16 -2.59
CAM LMD T . 4.96 -10.74 -1.21
CAN LMD T . 6.11 -9.83 -0.68
OAT LMD T . 7.43 -10.26 -1.00
CAO LMD T . 6.10 -9.76 0.86
OAU LMD T . 6.83 -8.59 1.22
OAV LMD T . 3.72 -10.17 -0.73
CAQ LMD T . 3.48 -10.13 0.70
CAR LMD T . 2.30 -9.15 0.95
OAW LMD T . 1.03 -9.78 0.78
CAP LMD T . 4.72 -9.70 1.57
O1 LMD T . 4.77 -10.51 2.79
C1 LMD T . 6.01 -10.53 3.54
O5 LMD T . 6.35 -9.21 4.05
C5 LMD T . 6.03 -8.89 5.44
C6 LMD T . 6.53 -7.44 5.74
O6 LMD T . 7.84 -7.27 5.20
C4 LMD T . 6.64 -9.96 6.38
O4 LMD T . 6.44 -9.66 7.76
C3 LMD T . 5.96 -11.33 6.04
O3 LMD T . 6.45 -12.37 6.86
C2 LMD T . 6.18 -11.72 4.56
O2 LMD T . 5.40 -12.87 4.27
CBK LMD U . 9.34 -19.32 -12.36
CBJ LMD U . 8.25 -19.19 -11.27
CBI LMD U . 7.01 -18.50 -11.87
CBH LMD U . 6.98 -17.03 -11.44
CBG LMD U . 6.94 -16.87 -9.90
CBF LMD U . 5.50 -16.85 -9.35
CBE LMD U . 4.57 -16.17 -10.37
CBD LMD U . 4.04 -14.83 -9.84
CBC LMD U . 3.11 -15.08 -8.63
CBB LMD U . 2.84 -13.78 -7.84
CBA LMD U . 1.58 -13.05 -8.36
CAZ LMD U . 0.99 -12.18 -7.24
CAY LMD U . 0.00 -11.10 -7.77
CAX LMD U . -0.54 -10.20 -6.63
OAS LMD U . -1.34 -10.96 -5.68
CAM LMD U . -1.62 -10.26 -4.45
CAN LMD U . -2.81 -10.75 -3.57
OAT LMD U . -4.04 -10.83 -4.29
CAO LMD U . -3.05 -9.87 -2.31
OAU LMD U . -3.75 -10.64 -1.34
OAV LMD U . -0.49 -10.00 -3.59
CAQ LMD U . -0.70 -8.90 -2.67
CAR LMD U . 0.67 -8.49 -2.05
OAW LMD U . 1.73 -8.63 -3.00
CAP LMD U . -1.77 -9.33 -1.61
O12 PC1 V . -15.60 -27.44 8.25
P PC1 V . -16.59 -28.57 8.41
O14 PC1 V . -17.93 -28.17 7.81
O13 PC1 V . -16.84 -28.92 9.91
C11 PC1 V . -17.36 -27.82 10.58
C12 PC1 V . -17.30 -27.99 12.07
N PC1 V . -17.77 -26.81 12.74
C13 PC1 V . -19.20 -26.79 12.76
C14 PC1 V . -17.29 -25.65 12.04
C15 PC1 V . -17.28 -26.78 14.08
O11 PC1 V . -16.09 -29.86 7.64
C1 PC1 V . -15.09 -29.56 6.73
C2 PC1 V . -15.53 -29.68 5.30
O21 PC1 V . -16.87 -30.04 5.24
C21 PC1 V . -17.53 -29.33 4.26
O22 PC1 V . -18.17 -28.33 4.57
C22 PC1 V . -17.86 -30.01 2.96
C23 PC1 V . -17.31 -29.25 1.79
C24 PC1 V . -16.35 -30.09 1.01
C25 PC1 V . -16.48 -29.81 -0.45
C26 PC1 V . -15.32 -30.46 -1.15
C27 PC1 V . -15.20 -29.93 -2.55
C28 PC1 V . -13.79 -30.08 -2.99
C29 PC1 V . -13.73 -30.41 -4.45
C2A PC1 V . -12.37 -30.93 -4.84
C2B PC1 V . -11.97 -30.39 -6.18
C3 PC1 V . -14.65 -30.67 4.56
O31 PC1 V . -14.50 -30.38 3.21
C31 PC1 V . -13.50 -31.13 2.59
O32 PC1 V . -12.65 -31.68 3.26
C32 PC1 V . -13.34 -31.08 1.09
C33 PC1 V . -12.06 -31.73 0.63
C34 PC1 V . -11.79 -31.33 -0.79
C35 PC1 V . -10.37 -31.64 -1.20
C36 PC1 V . -10.30 -32.06 -2.63
C37 PC1 V . -9.05 -31.57 -3.30
C38 PC1 V . -7.96 -32.60 -3.28
C39 PC1 V . -7.17 -32.58 -4.55
O12 PC1 W . -3.90 -31.51 11.59
P PC1 W . -3.11 -32.59 12.32
O14 PC1 W . -3.09 -33.92 11.58
O13 PC1 W . -3.70 -32.87 13.75
C11 PC1 W . -5.04 -33.19 13.69
C12 PC1 W . -5.89 -31.99 13.97
N PC1 W . -6.87 -32.27 14.99
C13 PC1 W . -7.88 -31.25 14.97
C14 PC1 W . -6.22 -32.27 16.27
C15 PC1 W . -7.47 -33.54 14.75
O11 PC1 W . -1.60 -32.14 12.47
C1 PC1 W . -0.74 -32.92 11.69
C2 PC1 W . 0.61 -32.27 11.46
O21 PC1 W . 0.76 -31.06 12.16
C21 PC1 W . 1.06 -29.95 11.36
O22 PC1 W . 0.21 -29.09 11.19
C22 PC1 W . 2.47 -29.63 10.96
C23 PC1 W . 3.41 -29.68 12.12
C24 PC1 W . 4.45 -30.73 11.83
C25 PC1 W . 3.88 -31.89 11.07
C26 PC1 W . 4.87 -32.40 10.09
C3 PC1 W . 0.86 -32.10 9.99
O31 PC1 W . 0.69 -33.29 9.31
C31 PC1 W . 1.11 -33.17 8.00
O32 PC1 W . 0.26 -33.12 7.11
C32 PC1 W . 2.56 -33.21 7.63
C33 PC1 W . 2.74 -34.00 6.38
C34 PC1 W . 3.63 -33.29 5.42
C35 PC1 W . 3.20 -33.54 4.02
C36 PC1 W . 4.06 -34.61 3.42
C37 PC1 W . 3.34 -35.30 2.30
C38 PC1 W . 4.19 -36.36 1.66
C1 OXL X . -10.32 0.64 22.49
C2 OXL X . -11.51 0.93 21.63
O1 OXL X . -10.04 -0.55 22.79
O2 OXL X . -12.67 1.00 22.11
O3 OXL X . -9.57 1.57 22.93
O4 OXL X . -11.35 1.12 20.40
C1 OXL Y . -16.51 6.44 27.61
C2 OXL Y . -16.21 5.23 26.76
O1 OXL Y . -16.06 6.52 28.79
O2 OXL Y . -16.91 4.19 26.87
O3 OXL Y . -17.23 7.39 27.17
O4 OXL Y . -15.26 5.24 25.93
C ACT Z . -7.98 -2.86 29.25
O ACT Z . -8.57 -2.61 30.33
OXT ACT Z . -8.11 -1.99 28.35
CH3 ACT Z . -7.16 -4.11 29.03
C ACT AA . -4.64 2.08 38.71
O ACT AA . -4.14 1.13 39.34
OXT ACT AA . -5.42 1.77 37.78
CH3 ACT AA . -4.31 3.52 39.04
C1 OXL BA . 3.81 -50.19 -24.54
C2 OXL BA . 4.75 -50.91 -23.61
O1 OXL BA . 4.28 -49.44 -25.43
O2 OXL BA . 4.35 -51.92 -22.99
O3 OXL BA . 2.56 -50.35 -24.43
O4 OXL BA . 5.92 -50.47 -23.46
O12 PC1 CA . -26.13 -5.94 -21.72
P PC1 CA . -25.76 -6.99 -22.75
O14 PC1 CA . -26.11 -6.52 -24.14
O13 PC1 CA . -26.54 -8.34 -22.49
C11 PC1 CA . -27.90 -8.12 -22.40
C12 PC1 CA . -28.67 -9.41 -22.35
N PC1 CA . -29.44 -9.62 -23.56
C13 PC1 CA . -28.55 -9.81 -24.67
C14 PC1 CA . -30.27 -10.77 -23.42
C15 PC1 CA . -30.28 -8.49 -23.80
O11 PC1 CA . -24.20 -7.26 -22.73
C1 PC1 CA . -23.73 -7.79 -23.93
C2 PC1 CA . -22.23 -7.86 -23.97
O21 PC1 CA . -21.64 -6.67 -24.41
C21 PC1 CA . -22.34 -5.96 -25.37
O22 PC1 CA . -23.17 -5.11 -25.01
C22 PC1 CA . -21.81 -5.84 -26.77
C23 PC1 CA . -20.38 -5.40 -26.80
C24 PC1 CA . -19.51 -6.58 -27.04
C25 PC1 CA . -18.36 -6.26 -27.94
C26 PC1 CA . -17.70 -7.55 -28.27
C27 PC1 CA . -16.22 -7.48 -28.13
C28 PC1 CA . -15.66 -8.87 -28.25
C29 PC1 CA . -14.36 -8.87 -28.98
C2A PC1 CA . -13.53 -10.02 -28.51
C2B PC1 CA . -13.16 -10.92 -29.64
C3 PC1 CA . -21.77 -9.05 -24.79
O31 PC1 CA . -20.48 -8.91 -25.30
C31 PC1 CA . -19.80 -10.13 -25.32
O32 PC1 CA . -20.23 -11.09 -24.71
C32 PC1 CA . -18.46 -10.24 -25.98
C33 PC1 CA . -18.27 -11.66 -26.41
C34 PC1 CA . -17.03 -12.26 -25.85
C35 PC1 CA . -15.98 -12.36 -26.92
C36 PC1 CA . -14.85 -13.22 -26.44
C37 PC1 CA . -14.89 -14.56 -27.09
C38 PC1 CA . -13.52 -15.17 -27.06
O12 PC1 DA . -24.74 -16.82 -14.81
P PC1 DA . -26.01 -17.67 -14.87
O14 PC1 DA . -26.62 -17.70 -16.25
O13 PC1 DA . -27.11 -17.09 -13.90
C11 PC1 DA . -27.59 -15.89 -14.34
C12 PC1 DA . -29.00 -16.07 -14.81
N PC1 DA . -29.37 -14.98 -15.66
C13 PC1 DA . -28.64 -15.04 -16.89
C14 PC1 DA . -29.09 -13.73 -15.00
C15 PC1 DA . -30.77 -15.06 -15.93
O11 PC1 DA . -25.77 -19.16 -14.46
C1 PC1 DA . -25.07 -19.89 -15.41
C2 PC1 DA . -24.23 -20.90 -14.69
O21 PC1 DA . -23.77 -20.37 -13.51
C21 PC1 DA . -24.06 -21.13 -12.38
O22 PC1 DA . -24.68 -22.18 -12.48
C22 PC1 DA . -23.60 -20.68 -11.03
C23 PC1 DA . -22.23 -20.07 -11.08
C24 PC1 DA . -21.16 -21.10 -10.89
C25 PC1 DA . -21.71 -22.49 -10.79
C26 PC1 DA . -21.31 -23.34 -11.97
C27 PC1 DA . -20.62 -24.58 -11.50
C28 PC1 DA . -19.74 -25.13 -12.58
C29 PC1 DA . -18.39 -25.51 -12.04
C2A PC1 DA . -17.35 -25.38 -13.11
C2B PC1 DA . -15.99 -25.67 -12.56
C3 PC1 DA . -23.04 -21.24 -15.55
O31 PC1 DA . -22.19 -22.09 -14.86
C31 PC1 DA . -21.05 -22.37 -15.59
O32 PC1 DA . -20.77 -21.69 -16.58
C32 PC1 DA . -20.00 -23.24 -14.98
C33 PC1 DA . -19.20 -23.96 -16.01
C34 PC1 DA . -18.03 -23.13 -16.44
C35 PC1 DA . -17.76 -23.33 -17.89
C36 PC1 DA . -16.80 -24.45 -18.09
C37 PC1 DA . -16.70 -24.81 -19.54
C38 PC1 DA . -16.37 -26.26 -19.71
C1 OXL EA . -21.73 9.03 7.93
C2 OXL EA . -22.01 8.01 8.98
O1 OXL EA . -22.62 9.81 7.50
O2 OXL EA . -22.05 6.77 8.71
O3 OXL EA . -20.56 9.13 7.45
O4 OXL EA . -22.20 8.38 10.17
C1 OXL FA . 9.67 -37.20 -32.60
C2 OXL FA . 8.53 -37.26 -33.56
O1 OXL FA . 10.09 -38.28 -32.05
O2 OXL FA . 7.42 -37.72 -33.16
O3 OXL FA . 10.22 -36.08 -32.33
O4 OXL FA . 8.66 -36.84 -34.75
C1 OXL GA . -14.56 17.80 1.91
C2 OXL GA . -14.43 17.15 3.27
O1 OXL GA . -15.46 18.66 1.72
O2 OXL GA . -14.65 17.83 4.31
O3 OXL GA . -13.77 17.50 0.96
O4 OXL GA . -14.10 15.93 3.39
C1 OXL HA . -21.61 28.91 7.61
C2 OXL HA . -23.03 28.99 8.06
O1 OXL HA . -20.91 27.90 7.89
O2 OXL HA . -23.35 28.66 9.25
O3 OXL HA . -21.11 29.86 6.94
O4 OXL HA . -23.93 29.38 7.26
C ACT IA . -27.85 3.88 11.80
O ACT IA . -26.75 4.49 11.82
OXT ACT IA . -28.87 4.53 12.13
CH3 ACT IA . -27.92 2.41 11.40
C ACT JA . -31.47 4.20 22.14
O ACT JA . -31.62 3.00 21.83
OXT ACT JA . -31.74 5.03 21.24
CH3 ACT JA . -31.00 4.61 23.50
CBK LMD KA . 1.54 -5.85 -6.27
CBJ LMD KA . 2.67 -6.49 -5.44
CBI LMD KA . 3.89 -6.79 -6.32
CBH LMD KA . 3.47 -7.67 -7.52
CBG LMD KA . 4.68 -8.13 -8.37
CBF LMD KA . 4.70 -9.64 -8.71
CBE LMD KA . 4.95 -9.87 -10.21
CBD LMD KA . 5.15 -11.36 -10.59
CBC LMD KA . 6.63 -11.76 -10.37
CBB LMD KA . 6.98 -12.99 -11.24
CBA LMD KA . 6.33 -12.89 -12.64
CAZ LMD KA . 6.45 -14.21 -13.43
CAY LMD KA . 7.92 -14.50 -13.82
CAX LMD KA . 8.01 -15.23 -15.17
OAS LMD KA . 8.08 -16.66 -14.95
CAM LMD KA . 8.45 -17.43 -16.11
CAN LMD KA . 8.39 -16.75 -17.50
CAO LMD KA . 8.64 -17.78 -18.63
OAV LMD KA . 9.68 -18.18 -16.01
CAQ LMD KA . 9.97 -19.19 -17.02
CAP LMD KA . 9.97 -18.55 -18.44
CBK LMD LA . 5.03 -19.96 -14.77
CBJ LMD LA . 4.88 -18.57 -15.44
CBI LMD LA . 3.43 -18.06 -15.23
CBH LMD LA . 3.37 -17.21 -13.95
CBG LMD LA . 3.21 -15.69 -14.27
CBF LMD LA . 2.49 -15.00 -13.09
CBE LMD LA . 2.67 -13.46 -13.12
CBD LMD LA . 1.83 -12.85 -14.27
CBC LMD LA . 1.70 -11.30 -14.14
CBB LMD LA . 0.77 -10.84 -12.99
CBA LMD LA . 1.58 -10.58 -11.71
CAZ LMD LA . 1.18 -9.23 -11.06
CAY LMD LA . 1.05 -8.11 -12.11
CAX LMD LA . 0.08 -7.01 -11.64
OAS LMD LA . -0.93 -7.55 -10.75
CAM LMD LA . -1.78 -6.53 -10.19
CAN LMD LA . -1.64 -6.18 -8.68
OAT LMD LA . -1.49 -7.29 -7.79
CAO LMD LA . -2.93 -5.45 -8.25
OAU LMD LA . -2.82 -5.17 -6.86
OAV LMD LA . -1.78 -5.28 -10.92
CAQ LMD LA . -2.61 -4.16 -10.50
CAR LMD LA . -1.78 -2.89 -10.85
OAW LMD LA . -2.08 -2.46 -12.18
CAP LMD LA . -3.07 -4.10 -9.00
O1 LMD LA . -4.43 -3.61 -8.98
C1 OXL MA . -1.58 -33.98 -44.40
C2 OXL MA . -1.91 -35.20 -43.59
O1 OXL MA . -0.38 -33.61 -44.45
O2 OXL MA . -3.09 -35.66 -43.59
O3 OXL MA . -2.47 -33.34 -45.03
O4 OXL MA . -1.01 -35.76 -42.90
CBK LMD NA . 4.87 -16.03 -18.04
CBJ LMD NA . 4.63 -15.20 -19.32
CBI LMD NA . 5.18 -13.79 -19.09
CBH LMD NA . 4.76 -13.30 -17.69
CBG LMD NA . 5.93 -12.59 -16.96
CBF LMD NA . 5.44 -11.68 -15.81
CBE LMD NA . 4.79 -10.38 -16.32
CBD LMD NA . 5.26 -9.17 -15.48
CBC LMD NA . 5.55 -9.59 -14.01
CBB LMD NA . 6.31 -8.47 -13.26
CBA LMD NA . 5.71 -7.06 -13.54
CAZ LMD NA . 5.29 -6.33 -12.25
CAY LMD NA . 6.46 -5.96 -11.30
CAX LMD NA . 6.14 -4.80 -10.33
OAS LMD NA . 6.35 -3.52 -10.97
CAM LMD NA . 5.82 -2.31 -10.36
CAN LMD NA . 4.38 -1.88 -10.74
OAT LMD NA . 4.13 -2.04 -12.14
CAO LMD NA . 4.09 -0.40 -10.35
OAU LMD NA . 2.68 -0.27 -10.17
OAV LMD NA . 5.99 -2.06 -8.94
CAQ LMD NA . 6.06 -0.63 -8.65
CAR LMD NA . 6.46 -0.46 -7.14
OAW LMD NA . 5.43 0.17 -6.38
CAP LMD NA . 4.74 0.11 -9.04
O1 LMD NA . 4.94 1.57 -9.08
C1 LMD NA . 3.84 2.51 -8.94
O5 LMD NA . 2.67 1.91 -8.30
C5 LMD NA . 2.65 1.73 -6.85
C6 LMD NA . 1.26 1.24 -6.41
O6 LMD NA . 1.38 0.40 -5.27
C4 LMD NA . 3.18 2.97 -6.07
O4 LMD NA . 3.41 2.75 -4.68
C3 LMD NA . 4.53 3.39 -6.72
O3 LMD NA . 5.21 4.41 -6.00
C2 LMD NA . 4.21 3.83 -8.16
O2 LMD NA . 5.28 4.63 -8.67
O12 PC1 OA . 6.85 16.71 -25.75
P PC1 OA . 7.97 17.41 -26.51
O14 PC1 OA . 9.32 16.85 -26.15
O13 PC1 OA . 8.00 18.95 -26.24
C11 PC1 OA . 8.28 19.26 -24.93
C12 PC1 OA . 9.70 19.70 -24.80
N PC1 OA . 9.95 20.41 -23.57
C13 PC1 OA . 9.56 19.60 -22.45
C14 PC1 OA . 9.21 21.64 -23.55
C15 PC1 OA . 11.34 20.70 -23.46
O11 PC1 OA . 7.80 17.21 -28.06
C1 PC1 OA . 6.84 16.27 -28.43
C2 PC1 OA . 7.40 14.88 -28.55
O21 PC1 OA . 8.77 14.91 -28.43
C21 PC1 OA . 9.41 15.11 -29.64
O22 PC1 OA . 9.55 16.26 -30.04
C22 PC1 OA . 10.32 14.04 -30.16
C23 PC1 OA . 10.64 13.09 -29.06
C24 PC1 OA . 11.79 12.20 -29.47
C25 PC1 OA . 11.27 11.03 -30.24
C26 PC1 OA . 12.35 10.01 -30.38
C27 PC1 OA . 11.81 8.66 -30.04
C28 PC1 OA . 12.86 7.85 -29.36
C29 PC1 OA . 13.36 6.75 -30.25
C2A PC1 OA . 12.61 5.48 -30.02
C2B PC1 OA . 13.50 4.30 -30.20
C3 PC1 OA . 7.00 14.19 -29.82
O31 PC1 OA . 7.26 12.83 -29.67
C31 PC1 OA . 7.47 12.15 -30.88
O32 PC1 OA . 6.95 12.55 -31.91
C32 PC1 OA . 8.08 10.78 -30.88
C33 PC1 OA . 7.29 9.89 -31.79
C34 PC1 OA . 8.08 8.68 -32.20
C35 PC1 OA . 8.53 7.91 -31.01
C36 PC1 OA . 9.47 6.82 -31.40
C37 PC1 OA . 8.73 5.56 -31.73
C38 PC1 OA . 9.70 4.42 -31.87
C39 PC1 OA . 9.02 3.22 -32.43
O12 PC1 PA . -9.65 9.41 -33.53
P PC1 PA . -10.72 9.96 -32.62
O14 PC1 PA . -12.08 9.86 -33.30
O13 PC1 PA . -10.43 11.48 -32.32
C11 PC1 PA . -9.52 11.99 -33.23
C12 PC1 PA . -8.59 12.95 -32.56
N PC1 PA . -7.38 13.09 -33.32
C13 PC1 PA . -7.68 13.65 -34.61
C14 PC1 PA . -6.75 11.81 -33.52
C15 PC1 PA . -6.48 13.95 -32.62
O11 PC1 PA . -10.78 9.21 -31.25
C1 PC1 PA . -9.75 8.31 -31.11
C2 PC1 PA . -10.18 6.90 -31.39
O21 PC1 PA . -9.49 6.04 -30.55
C21 PC1 PA . -10.30 5.00 -30.13
O22 PC1 PA . -11.44 5.23 -29.71
C22 PC1 PA . -9.71 3.64 -29.93
C23 PC1 PA . -8.84 3.28 -31.08
C24 PC1 PA . -9.62 2.61 -32.16
C25 PC1 PA . -8.98 1.32 -32.59
C26 PC1 PA . -10.01 0.37 -33.10
C27 PC1 PA . -10.32 -0.68 -32.08
C28 PC1 PA . -9.25 -1.73 -32.10
C29 PC1 PA . -9.60 -2.90 -31.23
C2A PC1 PA . -8.49 -3.90 -31.26
C2B PC1 PA . -7.17 -3.22 -31.51
C3 PC1 PA . -9.98 6.56 -32.84
O31 PC1 PA . -9.02 5.59 -33.08
C31 PC1 PA . -7.93 6.10 -33.77
O32 PC1 PA . -7.86 7.31 -33.99
C32 PC1 PA . -6.76 5.24 -34.11
C33 PC1 PA . -6.86 3.89 -33.48
C34 PC1 PA . -5.65 3.04 -33.76
C35 PC1 PA . -6.05 1.74 -34.40
C36 PC1 PA . -5.49 0.56 -33.68
C37 PC1 PA . -4.17 0.17 -34.28
C38 PC1 PA . -3.67 -1.11 -33.69
C39 PC1 PA . -2.89 -1.89 -34.70
C1 OXL QA . 18.91 -18.82 -49.19
C2 OXL QA . 17.65 -19.26 -49.87
O1 OXL QA . 19.59 -19.68 -48.55
O2 OXL QA . 16.67 -19.65 -49.18
O3 OXL QA . 19.30 -17.61 -49.26
O4 OXL QA . 17.56 -19.23 -51.12
C1 OXL RA . -11.19 22.07 -0.35
C2 OXL RA . -12.52 21.37 -0.23
O1 OXL RA . -10.16 21.63 0.23
O2 OXL RA . -13.37 21.81 0.61
O3 OXL RA . -11.08 23.14 -1.00
O4 OXL RA . -12.82 20.35 -0.93
C1 OXL SA . -11.04 29.04 4.20
C2 OXL SA . -11.90 28.66 3.05
O1 OXL SA . -11.52 29.66 5.19
O2 OXL SA . -12.12 29.52 2.15
O3 OXL SA . -9.81 28.74 4.15
O4 OXL SA . -12.39 27.49 2.95
C1 OXL TA . 12.55 -30.35 -38.35
C2 OXL TA . 11.59 -31.45 -37.95
O1 OXL TA . 13.57 -30.13 -37.62
O2 OXL TA . 11.08 -31.42 -36.79
O3 OXL TA . 12.35 -29.65 -39.40
O4 OXL TA . 11.28 -32.39 -38.75
C ACT UA . -18.43 24.10 -3.86
O ACT UA . -19.15 25.05 -3.45
OXT ACT UA . -17.72 23.51 -2.99
CH3 ACT UA . -18.38 23.68 -5.31
C ACT VA . -28.06 27.06 -0.15
O ACT VA . -28.35 26.44 -1.20
OXT ACT VA . -27.04 27.77 -0.21
CH3 ACT VA . -28.88 26.92 1.10
#